data_1BSK
# 
_entry.id   1BSK 
# 
_audit_conform.dict_name       mmcif_pdbx.dic 
_audit_conform.dict_version    5.375 
_audit_conform.dict_location   http://mmcif.pdb.org/dictionaries/ascii/mmcif_pdbx.dic 
# 
loop_
_database_2.database_id 
_database_2.database_code 
_database_2.pdbx_database_accession 
_database_2.pdbx_DOI 
PDB   1BSK         pdb_00001bsk 10.2210/pdb1bsk/pdb 
RCSB  RCSB007103   ?            ?                   
WWPDB D_1000007103 ?            ?                   
# 
_pdbx_database_status.status_code                     REL 
_pdbx_database_status.entry_id                        1BSK 
_pdbx_database_status.recvd_initial_deposition_date   1998-08-28 
_pdbx_database_status.deposit_site                    BNL 
_pdbx_database_status.process_site                    RCSB 
_pdbx_database_status.SG_entry                        . 
_pdbx_database_status.pdb_format_compatible           Y 
_pdbx_database_status.status_code_mr                  ? 
_pdbx_database_status.status_code_sf                  ? 
_pdbx_database_status.status_code_cs                  ? 
_pdbx_database_status.methods_development_category    ? 
_pdbx_database_status.status_code_nmr_data            ? 
# 
loop_
_audit_author.name 
_audit_author.pdbx_ordinal 
'Hao, B.'           1 
'Gong, W.'          2 
'Rajagopalan, P.T.' 3 
'Hu, Y.'            4 
'Pei, D.'           5 
'Chan, M.K.'        6 
# 
loop_
_citation.id 
_citation.title 
_citation.journal_abbrev 
_citation.journal_volume 
_citation.page_first 
_citation.page_last 
_citation.year 
_citation.journal_id_ASTM 
_citation.country 
_citation.journal_id_ISSN 
_citation.journal_id_CSD 
_citation.book_publisher 
_citation.pdbx_database_id_PubMed 
_citation.pdbx_database_id_DOI 
primary 'Structural basis for the design of antibiotics targeting peptide deformylase.' Biochemistry 38 4712  4719  1999 BICHAW US 
0006-2960 0033 ? 10200158 10.1021/bi982594c 
1       'Crystal Structure of the Escherichia Coli Peptide Deformylase'                 Biochemistry 36 13904 13909 1997 BICHAW US 
0006-2960 0033 ? ?        ?                 
# 
loop_
_citation_author.citation_id 
_citation_author.name 
_citation_author.ordinal 
_citation_author.identifier_ORCID 
primary 'Hao, B.'           1  ? 
primary 'Gong, W.'          2  ? 
primary 'Rajagopalan, P.T.' 3  ? 
primary 'Zhou, Y.'          4  ? 
primary 'Pei, D.'           5  ? 
primary 'Chan, M.K.'        6  ? 
1       'Chan, M.K.'        7  ? 
1       'Gong, W.'          8  ? 
1       'Rajagopalan, P.T.' 9  ? 
1       'Hao, B.'           10 ? 
1       'Tsai, C.'          11 ? 
1       'Pei, D.'           12 ? 
# 
_cell.entry_id           1BSK 
_cell.length_a           99.170 
_cell.length_b           99.170 
_cell.length_c           110.755 
_cell.angle_alpha        90.00 
_cell.angle_beta         90.00 
_cell.angle_gamma        120.00 
_cell.Z_PDB              12 
_cell.pdbx_unique_axis   ? 
# 
_symmetry.entry_id                         1BSK 
_symmetry.space_group_name_H-M             'P 65 2 2' 
_symmetry.pdbx_full_space_group_name_H-M   ? 
_symmetry.cell_setting                     ? 
_symmetry.Int_Tables_number                179 
# 
loop_
_entity.id 
_entity.type 
_entity.src_method 
_entity.pdbx_description 
_entity.formula_weight 
_entity.pdbx_number_of_molecules 
_entity.pdbx_ec 
_entity.pdbx_mutation 
_entity.pdbx_fragment 
_entity.details 
1 polymer     nat 'PROTEIN (PEPTIDE DEFORMYLASE)'                      19226.248 1  3.5.1.27 ? ? ? 
2 non-polymer syn 'ZINC ION'                                           65.409    1  ?        ? ? ? 
3 non-polymer syn 'PHOSPHATE ION'                                      94.971    1  ?        ? ? ? 
4 non-polymer syn '(S)-2-(PHOSPHONOXY)CAPROYL-L-LEUCYL-P-NITROANILIDE' 445.404   1  ?        ? ? ? 
5 water       nat water                                                18.015    13 ?        ? ? ? 
# 
_entity_name_sys.entity_id   1 
_entity_name_sys.name        'EC 3.5.1.27' 
# 
_entity_poly.entity_id                      1 
_entity_poly.type                           'polypeptide(L)' 
_entity_poly.nstd_linkage                   no 
_entity_poly.nstd_monomer                   no 
_entity_poly.pdbx_seq_one_letter_code       
;SVLQVLHIPDERLRKVAKPVEEVNAEIQRIVDDMFETMYAEEGIGLAATQVDIHQRIIVIDVSENRDERLVLINPELLEK
SGETGIEEGCLSIPEQRALVPRAEKVKIRALDRDGKPFELEADGLLAICIQHEMDHLVGKLFMDYLSPLKQQRIRQKVEK
LDRLKARA
;
_entity_poly.pdbx_seq_one_letter_code_can   
;SVLQVLHIPDERLRKVAKPVEEVNAEIQRIVDDMFETMYAEEGIGLAATQVDIHQRIIVIDVSENRDERLVLINPELLEK
SGETGIEEGCLSIPEQRALVPRAEKVKIRALDRDGKPFELEADGLLAICIQHEMDHLVGKLFMDYLSPLKQQRIRQKVEK
LDRLKARA
;
_entity_poly.pdbx_strand_id                 A 
_entity_poly.pdbx_target_identifier         ? 
# 
loop_
_entity_poly_seq.entity_id 
_entity_poly_seq.num 
_entity_poly_seq.mon_id 
_entity_poly_seq.hetero 
1 1   SER n 
1 2   VAL n 
1 3   LEU n 
1 4   GLN n 
1 5   VAL n 
1 6   LEU n 
1 7   HIS n 
1 8   ILE n 
1 9   PRO n 
1 10  ASP n 
1 11  GLU n 
1 12  ARG n 
1 13  LEU n 
1 14  ARG n 
1 15  LYS n 
1 16  VAL n 
1 17  ALA n 
1 18  LYS n 
1 19  PRO n 
1 20  VAL n 
1 21  GLU n 
1 22  GLU n 
1 23  VAL n 
1 24  ASN n 
1 25  ALA n 
1 26  GLU n 
1 27  ILE n 
1 28  GLN n 
1 29  ARG n 
1 30  ILE n 
1 31  VAL n 
1 32  ASP n 
1 33  ASP n 
1 34  MET n 
1 35  PHE n 
1 36  GLU n 
1 37  THR n 
1 38  MET n 
1 39  TYR n 
1 40  ALA n 
1 41  GLU n 
1 42  GLU n 
1 43  GLY n 
1 44  ILE n 
1 45  GLY n 
1 46  LEU n 
1 47  ALA n 
1 48  ALA n 
1 49  THR n 
1 50  GLN n 
1 51  VAL n 
1 52  ASP n 
1 53  ILE n 
1 54  HIS n 
1 55  GLN n 
1 56  ARG n 
1 57  ILE n 
1 58  ILE n 
1 59  VAL n 
1 60  ILE n 
1 61  ASP n 
1 62  VAL n 
1 63  SER n 
1 64  GLU n 
1 65  ASN n 
1 66  ARG n 
1 67  ASP n 
1 68  GLU n 
1 69  ARG n 
1 70  LEU n 
1 71  VAL n 
1 72  LEU n 
1 73  ILE n 
1 74  ASN n 
1 75  PRO n 
1 76  GLU n 
1 77  LEU n 
1 78  LEU n 
1 79  GLU n 
1 80  LYS n 
1 81  SER n 
1 82  GLY n 
1 83  GLU n 
1 84  THR n 
1 85  GLY n 
1 86  ILE n 
1 87  GLU n 
1 88  GLU n 
1 89  GLY n 
1 90  CYS n 
1 91  LEU n 
1 92  SER n 
1 93  ILE n 
1 94  PRO n 
1 95  GLU n 
1 96  GLN n 
1 97  ARG n 
1 98  ALA n 
1 99  LEU n 
1 100 VAL n 
1 101 PRO n 
1 102 ARG n 
1 103 ALA n 
1 104 GLU n 
1 105 LYS n 
1 106 VAL n 
1 107 LYS n 
1 108 ILE n 
1 109 ARG n 
1 110 ALA n 
1 111 LEU n 
1 112 ASP n 
1 113 ARG n 
1 114 ASP n 
1 115 GLY n 
1 116 LYS n 
1 117 PRO n 
1 118 PHE n 
1 119 GLU n 
1 120 LEU n 
1 121 GLU n 
1 122 ALA n 
1 123 ASP n 
1 124 GLY n 
1 125 LEU n 
1 126 LEU n 
1 127 ALA n 
1 128 ILE n 
1 129 CYS n 
1 130 ILE n 
1 131 GLN n 
1 132 HIS n 
1 133 GLU n 
1 134 MET n 
1 135 ASP n 
1 136 HIS n 
1 137 LEU n 
1 138 VAL n 
1 139 GLY n 
1 140 LYS n 
1 141 LEU n 
1 142 PHE n 
1 143 MET n 
1 144 ASP n 
1 145 TYR n 
1 146 LEU n 
1 147 SER n 
1 148 PRO n 
1 149 LEU n 
1 150 LYS n 
1 151 GLN n 
1 152 GLN n 
1 153 ARG n 
1 154 ILE n 
1 155 ARG n 
1 156 GLN n 
1 157 LYS n 
1 158 VAL n 
1 159 GLU n 
1 160 LYS n 
1 161 LEU n 
1 162 ASP n 
1 163 ARG n 
1 164 LEU n 
1 165 LYS n 
1 166 ALA n 
1 167 ARG n 
1 168 ALA n 
# 
_entity_src_nat.entity_id                  1 
_entity_src_nat.pdbx_src_id                1 
_entity_src_nat.pdbx_alt_source_flag       sample 
_entity_src_nat.pdbx_beg_seq_num           ? 
_entity_src_nat.pdbx_end_seq_num           ? 
_entity_src_nat.common_name                ? 
_entity_src_nat.pdbx_organism_scientific   'Escherichia coli' 
_entity_src_nat.pdbx_ncbi_taxonomy_id      562 
_entity_src_nat.genus                      Escherichia 
_entity_src_nat.species                    ? 
_entity_src_nat.strain                     ? 
_entity_src_nat.tissue                     ? 
_entity_src_nat.tissue_fraction            ? 
_entity_src_nat.pdbx_secretion             ? 
_entity_src_nat.pdbx_fragment              ? 
_entity_src_nat.pdbx_variant               ? 
_entity_src_nat.pdbx_cell_line             'BL21(DE3)' 
_entity_src_nat.pdbx_atcc                  ? 
_entity_src_nat.pdbx_cellular_location     ? 
_entity_src_nat.pdbx_organ                 ? 
_entity_src_nat.pdbx_organelle             ? 
_entity_src_nat.pdbx_cell                  ? 
_entity_src_nat.pdbx_plasmid_name          ? 
_entity_src_nat.pdbx_plasmid_details       ? 
_entity_src_nat.details                    ? 
# 
_struct_ref.id                         1 
_struct_ref.db_name                    UNP 
_struct_ref.db_code                    DEF_ECOLI 
_struct_ref.entity_id                  1 
_struct_ref.pdbx_db_accession          P0A6K3 
_struct_ref.pdbx_align_begin           ? 
_struct_ref.pdbx_seq_one_letter_code   ? 
_struct_ref.pdbx_db_isoform            ? 
# 
_struct_ref_seq.align_id                      1 
_struct_ref_seq.ref_id                        1 
_struct_ref_seq.pdbx_PDB_id_code              1BSK 
_struct_ref_seq.pdbx_strand_id                A 
_struct_ref_seq.seq_align_beg                 1 
_struct_ref_seq.pdbx_seq_align_beg_ins_code   ? 
_struct_ref_seq.seq_align_end                 168 
_struct_ref_seq.pdbx_seq_align_end_ins_code   ? 
_struct_ref_seq.pdbx_db_accession             P0A6K3 
_struct_ref_seq.db_align_beg                  2 
_struct_ref_seq.pdbx_db_align_beg_ins_code    ? 
_struct_ref_seq.db_align_end                  169 
_struct_ref_seq.pdbx_db_align_end_ins_code    ? 
_struct_ref_seq.pdbx_auth_seq_align_beg       1 
_struct_ref_seq.pdbx_auth_seq_align_end       168 
# 
loop_
_chem_comp.id 
_chem_comp.type 
_chem_comp.mon_nstd_flag 
_chem_comp.name 
_chem_comp.pdbx_synonyms 
_chem_comp.formula 
_chem_comp.formula_weight 
ALA 'L-peptide linking' y ALANINE                                              ? 'C3 H7 N O2'      89.093  
ARG 'L-peptide linking' y ARGININE                                             ? 'C6 H15 N4 O2 1'  175.209 
ASN 'L-peptide linking' y ASPARAGINE                                           ? 'C4 H8 N2 O3'     132.118 
ASP 'L-peptide linking' y 'ASPARTIC ACID'                                      ? 'C4 H7 N O4'      133.103 
CYS 'L-peptide linking' y CYSTEINE                                             ? 'C3 H7 N O2 S'    121.158 
GLN 'L-peptide linking' y GLUTAMINE                                            ? 'C5 H10 N2 O3'    146.144 
GLU 'L-peptide linking' y 'GLUTAMIC ACID'                                      ? 'C5 H9 N O4'      147.129 
GLY 'peptide linking'   y GLYCINE                                              ? 'C2 H5 N O2'      75.067  
HIS 'L-peptide linking' y HISTIDINE                                            ? 'C6 H10 N3 O2 1'  156.162 
HOH non-polymer         . WATER                                                ? 'H2 O'            18.015  
ILE 'L-peptide linking' y ISOLEUCINE                                           ? 'C6 H13 N O2'     131.173 
LEU 'L-peptide linking' y LEUCINE                                              ? 'C6 H13 N O2'     131.173 
LYS 'L-peptide linking' y LYSINE                                               ? 'C6 H15 N2 O2 1'  147.195 
MET 'L-peptide linking' y METHIONINE                                           ? 'C5 H11 N O2 S'   149.211 
MLN non-polymer         . '(S)-2-(PHOSPHONOXY)CAPROYL-L-LEUCYL-P-NITROANILIDE' ? 'C18 H28 N3 O8 P' 445.404 
PHE 'L-peptide linking' y PHENYLALANINE                                        ? 'C9 H11 N O2'     165.189 
PO4 non-polymer         . 'PHOSPHATE ION'                                      ? 'O4 P -3'         94.971  
PRO 'L-peptide linking' y PROLINE                                              ? 'C5 H9 N O2'      115.130 
SER 'L-peptide linking' y SERINE                                               ? 'C3 H7 N O3'      105.093 
THR 'L-peptide linking' y THREONINE                                            ? 'C4 H9 N O3'      119.119 
TYR 'L-peptide linking' y TYROSINE                                             ? 'C9 H11 N O3'     181.189 
VAL 'L-peptide linking' y VALINE                                               ? 'C5 H11 N O2'     117.146 
ZN  non-polymer         . 'ZINC ION'                                           ? 'Zn 2'            65.409  
# 
_exptl.entry_id          1BSK 
_exptl.method            'X-RAY DIFFRACTION' 
_exptl.crystals_number   1 
# 
_exptl_crystal.id                    1 
_exptl_crystal.density_meas          ? 
_exptl_crystal.density_Matthews      4.1 
_exptl_crystal.density_percent_sol   65 
_exptl_crystal.description           ? 
# 
_exptl_crystal_grow.crystal_id      1 
_exptl_crystal_grow.method          ? 
_exptl_crystal_grow.temp            ? 
_exptl_crystal_grow.temp_details    ? 
_exptl_crystal_grow.pH              7.5 
_exptl_crystal_grow.pdbx_details    'pH 7.5' 
_exptl_crystal_grow.pdbx_pH_range   . 
# 
_diffrn.id                     1 
_diffrn.ambient_temp           283 
_diffrn.ambient_temp_details   ? 
_diffrn.crystal_id             1 
# 
_diffrn_detector.diffrn_id              1 
_diffrn_detector.detector               'IMAGE PLATE' 
_diffrn_detector.type                   'RIGAKU RAXIS' 
_diffrn_detector.pdbx_collection_date   1998-05-15 
_diffrn_detector.details                ? 
# 
_diffrn_radiation.diffrn_id                        1 
_diffrn_radiation.wavelength_id                    1 
_diffrn_radiation.pdbx_monochromatic_or_laue_m_l   M 
_diffrn_radiation.monochromator                    ? 
_diffrn_radiation.pdbx_diffrn_protocol             'SINGLE WAVELENGTH' 
_diffrn_radiation.pdbx_scattering_type             x-ray 
# 
_diffrn_radiation_wavelength.id           1 
_diffrn_radiation_wavelength.wavelength   1.5418 
_diffrn_radiation_wavelength.wt           1.0 
# 
_diffrn_source.diffrn_id                   1 
_diffrn_source.source                      'ROTATING ANODE' 
_diffrn_source.type                        RIGAKU 
_diffrn_source.pdbx_synchrotron_site       ? 
_diffrn_source.pdbx_synchrotron_beamline   ? 
_diffrn_source.pdbx_wavelength             1.5418 
_diffrn_source.pdbx_wavelength_list        ? 
# 
_reflns.entry_id                     1BSK 
_reflns.observed_criterion_sigma_I   0.0 
_reflns.observed_criterion_sigma_F   ? 
_reflns.d_resolution_low             20.0 
_reflns.d_resolution_high            3.0 
_reflns.number_obs                   6118 
_reflns.number_all                   ? 
_reflns.percent_possible_obs         88.7 
_reflns.pdbx_Rmerge_I_obs            0.1000000 
_reflns.pdbx_Rsym_value              10.0000000 
_reflns.pdbx_netI_over_sigmaI        ? 
_reflns.B_iso_Wilson_estimate        ? 
_reflns.pdbx_redundancy              3.2 
_reflns.R_free_details               ? 
_reflns.limit_h_max                  ? 
_reflns.limit_h_min                  ? 
_reflns.limit_k_max                  ? 
_reflns.limit_k_min                  ? 
_reflns.limit_l_max                  ? 
_reflns.limit_l_min                  ? 
_reflns.observed_criterion_F_max     ? 
_reflns.observed_criterion_F_min     ? 
_reflns.pdbx_diffrn_id               1 
_reflns.pdbx_ordinal                 1 
# 
_reflns_shell.d_res_high             3.0 
_reflns_shell.d_res_low              3.1 
_reflns_shell.percent_possible_all   76.4 
_reflns_shell.Rmerge_I_obs           0.2810000 
_reflns_shell.pdbx_Rsym_value        ? 
_reflns_shell.meanI_over_sigI_obs    ? 
_reflns_shell.pdbx_redundancy        ? 
_reflns_shell.percent_possible_obs   ? 
_reflns_shell.number_unique_all      ? 
_reflns_shell.pdbx_diffrn_id         ? 
_reflns_shell.pdbx_ordinal           1 
# 
_refine.entry_id                                 1BSK 
_refine.ls_number_reflns_obs                     5879 
_refine.ls_number_reflns_all                     ? 
_refine.pdbx_ls_sigma_I                          ? 
_refine.pdbx_ls_sigma_F                          0.0 
_refine.pdbx_data_cutoff_high_absF               1000000 
_refine.pdbx_data_cutoff_low_absF                0.0 
_refine.pdbx_data_cutoff_high_rms_absF           ? 
_refine.ls_d_res_low                             20.0 
_refine.ls_d_res_high                            3.0 
_refine.ls_percent_reflns_obs                    88.7 
_refine.ls_R_factor_obs                          0.1670000 
_refine.ls_R_factor_all                          ? 
_refine.ls_R_factor_R_work                       0.1670000 
_refine.ls_R_factor_R_free                       0.2210000 
_refine.ls_R_factor_R_free_error                 ? 
_refine.ls_R_factor_R_free_error_details         ? 
_refine.ls_percent_reflns_R_free                 7.3 
_refine.ls_number_reflns_R_free                  450 
_refine.ls_number_parameters                     ? 
_refine.ls_number_restraints                     ? 
_refine.occupancy_min                            ? 
_refine.occupancy_max                            ? 
_refine.B_iso_mean                               ? 
_refine.aniso_B[1][1]                            ? 
_refine.aniso_B[2][2]                            ? 
_refine.aniso_B[3][3]                            ? 
_refine.aniso_B[1][2]                            ? 
_refine.aniso_B[1][3]                            ? 
_refine.aniso_B[2][3]                            ? 
_refine.solvent_model_details                    ? 
_refine.solvent_model_param_ksol                 ? 
_refine.solvent_model_param_bsol                 ? 
_refine.pdbx_ls_cross_valid_method               THROUGHOUT 
_refine.details                                  ? 
_refine.pdbx_starting_model                      'PDB ENTRY 1DFF' 
_refine.pdbx_method_to_determine_struct          'MOLECULAR REPLACEMENT' 
_refine.pdbx_isotropic_thermal_model             ? 
_refine.pdbx_stereochemistry_target_values       ? 
_refine.pdbx_stereochem_target_val_spec_case     ? 
_refine.pdbx_R_Free_selection_details            RANDOM 
_refine.pdbx_overall_ESU_R                       ? 
_refine.pdbx_overall_ESU_R_Free                  ? 
_refine.overall_SU_ML                            ? 
_refine.overall_SU_B                             ? 
_refine.ls_redundancy_reflns_obs                 ? 
_refine.B_iso_min                                ? 
_refine.B_iso_max                                ? 
_refine.pdbx_refine_id                           'X-RAY DIFFRACTION' 
_refine.pdbx_diffrn_id                           1 
_refine.pdbx_TLS_residual_ADP_flag               ? 
_refine.correlation_coeff_Fo_to_Fc               ? 
_refine.correlation_coeff_Fo_to_Fc_free          ? 
_refine.pdbx_solvent_vdw_probe_radii             ? 
_refine.pdbx_solvent_ion_probe_radii             ? 
_refine.pdbx_solvent_shrinkage_radii             ? 
_refine.pdbx_overall_phase_error                 ? 
_refine.overall_SU_R_Cruickshank_DPI             ? 
_refine.pdbx_overall_SU_R_free_Cruickshank_DPI   ? 
_refine.pdbx_overall_SU_R_Blow_DPI               ? 
_refine.pdbx_overall_SU_R_free_Blow_DPI          ? 
# 
_refine_hist.pdbx_refine_id                   'X-RAY DIFFRACTION' 
_refine_hist.cycle_id                         LAST 
_refine_hist.pdbx_number_atoms_protein        1329 
_refine_hist.pdbx_number_atoms_nucleic_acid   0 
_refine_hist.pdbx_number_atoms_ligand         35 
_refine_hist.number_atoms_solvent             13 
_refine_hist.number_atoms_total               1377 
_refine_hist.d_res_high                       3.0 
_refine_hist.d_res_low                        20.0 
# 
loop_
_refine_ls_restr.type 
_refine_ls_restr.dev_ideal 
_refine_ls_restr.dev_ideal_target 
_refine_ls_restr.weight 
_refine_ls_restr.number 
_refine_ls_restr.pdbx_refine_id 
_refine_ls_restr.pdbx_restraint_function 
x_bond_d                0.015 ? ? ? 'X-RAY DIFFRACTION' ? 
x_bond_d_na             ?     ? ? ? 'X-RAY DIFFRACTION' ? 
x_bond_d_prot           ?     ? ? ? 'X-RAY DIFFRACTION' ? 
x_angle_d               ?     ? ? ? 'X-RAY DIFFRACTION' ? 
x_angle_d_na            ?     ? ? ? 'X-RAY DIFFRACTION' ? 
x_angle_d_prot          ?     ? ? ? 'X-RAY DIFFRACTION' ? 
x_angle_deg             1.739 ? ? ? 'X-RAY DIFFRACTION' ? 
x_angle_deg_na          ?     ? ? ? 'X-RAY DIFFRACTION' ? 
x_angle_deg_prot        ?     ? ? ? 'X-RAY DIFFRACTION' ? 
x_dihedral_angle_d      ?     ? ? ? 'X-RAY DIFFRACTION' ? 
x_dihedral_angle_d_na   ?     ? ? ? 'X-RAY DIFFRACTION' ? 
x_dihedral_angle_d_prot ?     ? ? ? 'X-RAY DIFFRACTION' ? 
x_improper_angle_d      ?     ? ? ? 'X-RAY DIFFRACTION' ? 
x_improper_angle_d_na   ?     ? ? ? 'X-RAY DIFFRACTION' ? 
x_improper_angle_d_prot ?     ? ? ? 'X-RAY DIFFRACTION' ? 
x_mcbond_it             ?     ? ? ? 'X-RAY DIFFRACTION' ? 
x_mcangle_it            ?     ? ? ? 'X-RAY DIFFRACTION' ? 
x_scbond_it             ?     ? ? ? 'X-RAY DIFFRACTION' ? 
x_scangle_it            ?     ? ? ? 'X-RAY DIFFRACTION' ? 
# 
_refine_ls_shell.pdbx_total_number_of_bins_used   10 
_refine_ls_shell.d_res_high                       3.0 
_refine_ls_shell.d_res_low                        3.14 
_refine_ls_shell.number_reflns_R_work             533 
_refine_ls_shell.R_factor_R_work                  0.2330000 
_refine_ls_shell.percent_reflns_obs               76.4 
_refine_ls_shell.R_factor_R_free                  0.2850000 
_refine_ls_shell.R_factor_R_free_error            ? 
_refine_ls_shell.percent_reflns_R_free            6.3 
_refine_ls_shell.number_reflns_R_free             41 
_refine_ls_shell.redundancy_reflns_obs            ? 
_refine_ls_shell.number_reflns_all                ? 
_refine_ls_shell.number_reflns_obs                ? 
_refine_ls_shell.pdbx_refine_id                   'X-RAY DIFFRACTION' 
_refine_ls_shell.R_factor_all                     ? 
# 
loop_
_pdbx_xplor_file.serial_no 
_pdbx_xplor_file.param_file 
_pdbx_xplor_file.topol_file 
_pdbx_xplor_file.pdbx_refine_id 
1 PARHCSDX.PRO ? 'X-RAY DIFFRACTION' 
2 PARAM19.SOL  ? 'X-RAY DIFFRACTION' 
# 
_struct.entry_id                  1BSK 
_struct.title                     'ZINC DEFORMYLASE INHIBITOR COMPLEX FROM E.COLI' 
_struct.pdbx_model_details        ? 
_struct.pdbx_CASP_flag            ? 
_struct.pdbx_model_type_details   ? 
# 
_struct_keywords.entry_id        1BSK 
_struct_keywords.pdbx_keywords   HYDROLASE 
_struct_keywords.text            'DEFORMYLASE, INHIBITOR, METALLOPROTEINASE, HYDROLASE' 
# 
loop_
_struct_asym.id 
_struct_asym.pdbx_blank_PDB_chainid_flag 
_struct_asym.pdbx_modified 
_struct_asym.entity_id 
_struct_asym.details 
A N N 1 ? 
B N N 2 ? 
C N N 3 ? 
D N N 4 ? 
E N N 5 ? 
# 
_struct_biol.id   1 
# 
loop_
_struct_conf.conf_type_id 
_struct_conf.id 
_struct_conf.pdbx_PDB_helix_id 
_struct_conf.beg_label_comp_id 
_struct_conf.beg_label_asym_id 
_struct_conf.beg_label_seq_id 
_struct_conf.pdbx_beg_PDB_ins_code 
_struct_conf.end_label_comp_id 
_struct_conf.end_label_asym_id 
_struct_conf.end_label_seq_id 
_struct_conf.pdbx_end_PDB_ins_code 
_struct_conf.beg_auth_comp_id 
_struct_conf.beg_auth_asym_id 
_struct_conf.beg_auth_seq_id 
_struct_conf.end_auth_comp_id 
_struct_conf.end_auth_asym_id 
_struct_conf.end_auth_seq_id 
_struct_conf.pdbx_PDB_helix_class 
_struct_conf.details 
_struct_conf.pdbx_PDB_helix_length 
HELX_P HELX_P1 1 GLU A 11  ? ARG A 14  ? GLU A 11  ARG A 14  5 ? 4  
HELX_P HELX_P2 2 ALA A 25  ? ALA A 40  ? ALA A 25  ALA A 40  1 ? 16 
HELX_P HELX_P3 3 ALA A 48  ? VAL A 51  ? ALA A 48  VAL A 51  5 ? 4  
HELX_P HELX_P4 4 GLY A 124 ? VAL A 138 ? GLY A 124 VAL A 138 1 ? 15 
HELX_P HELX_P5 5 PHE A 142 ? TYR A 145 ? PHE A 142 TYR A 145 5 ? 4  
HELX_P HELX_P6 6 PRO A 148 ? LEU A 164 ? PRO A 148 LEU A 164 1 ? 17 
# 
_struct_conf_type.id          HELX_P 
_struct_conf_type.criteria    ? 
_struct_conf_type.reference   ? 
# 
loop_
_struct_conn.id 
_struct_conn.conn_type_id 
_struct_conn.pdbx_leaving_atom_flag 
_struct_conn.pdbx_PDB_id 
_struct_conn.ptnr1_label_asym_id 
_struct_conn.ptnr1_label_comp_id 
_struct_conn.ptnr1_label_seq_id 
_struct_conn.ptnr1_label_atom_id 
_struct_conn.pdbx_ptnr1_label_alt_id 
_struct_conn.pdbx_ptnr1_PDB_ins_code 
_struct_conn.pdbx_ptnr1_standard_comp_id 
_struct_conn.ptnr1_symmetry 
_struct_conn.ptnr2_label_asym_id 
_struct_conn.ptnr2_label_comp_id 
_struct_conn.ptnr2_label_seq_id 
_struct_conn.ptnr2_label_atom_id 
_struct_conn.pdbx_ptnr2_label_alt_id 
_struct_conn.pdbx_ptnr2_PDB_ins_code 
_struct_conn.ptnr1_auth_asym_id 
_struct_conn.ptnr1_auth_comp_id 
_struct_conn.ptnr1_auth_seq_id 
_struct_conn.ptnr2_auth_asym_id 
_struct_conn.ptnr2_auth_comp_id 
_struct_conn.ptnr2_auth_seq_id 
_struct_conn.ptnr2_symmetry 
_struct_conn.pdbx_ptnr3_label_atom_id 
_struct_conn.pdbx_ptnr3_label_seq_id 
_struct_conn.pdbx_ptnr3_label_comp_id 
_struct_conn.pdbx_ptnr3_label_asym_id 
_struct_conn.pdbx_ptnr3_label_alt_id 
_struct_conn.pdbx_ptnr3_PDB_ins_code 
_struct_conn.details 
_struct_conn.pdbx_dist_value 
_struct_conn.pdbx_value_order 
_struct_conn.pdbx_role 
metalc1 metalc ? ? A CYS 90  SG  ? ? ? 1_555 B ZN  . ZN ? ? A CYS 90  A ZN  169 1_555 ? ? ? ? ? ? ? 2.289 ? ? 
metalc2 metalc ? ? A HIS 132 NE2 ? ? ? 1_555 B ZN  . ZN ? ? A HIS 132 A ZN  169 1_555 ? ? ? ? ? ? ? 2.062 ? ? 
metalc3 metalc ? ? A HIS 136 NE2 ? ? ? 1_555 B ZN  . ZN ? ? A HIS 136 A ZN  169 1_555 ? ? ? ? ? ? ? 2.077 ? ? 
metalc4 metalc ? ? B ZN  .   ZN  ? ? ? 1_555 D MLN . O3 ? ? A ZN  169 A MLN 171 1_555 ? ? ? ? ? ? ? 2.038 ? ? 
# 
_struct_conn_type.id          metalc 
_struct_conn_type.criteria    ? 
_struct_conn_type.reference   ? 
# 
_struct_mon_prot_cis.pdbx_id                1 
_struct_mon_prot_cis.label_comp_id          ILE 
_struct_mon_prot_cis.label_seq_id           8 
_struct_mon_prot_cis.label_asym_id          A 
_struct_mon_prot_cis.label_alt_id           . 
_struct_mon_prot_cis.pdbx_PDB_ins_code      ? 
_struct_mon_prot_cis.auth_comp_id           ILE 
_struct_mon_prot_cis.auth_seq_id            8 
_struct_mon_prot_cis.auth_asym_id           A 
_struct_mon_prot_cis.pdbx_label_comp_id_2   PRO 
_struct_mon_prot_cis.pdbx_label_seq_id_2    9 
_struct_mon_prot_cis.pdbx_label_asym_id_2   A 
_struct_mon_prot_cis.pdbx_PDB_ins_code_2    ? 
_struct_mon_prot_cis.pdbx_auth_comp_id_2    PRO 
_struct_mon_prot_cis.pdbx_auth_seq_id_2     9 
_struct_mon_prot_cis.pdbx_auth_asym_id_2    A 
_struct_mon_prot_cis.pdbx_PDB_model_num     1 
_struct_mon_prot_cis.pdbx_omega_angle       1.30 
# 
loop_
_struct_sheet.id 
_struct_sheet.type 
_struct_sheet.number_strands 
_struct_sheet.details 
A ? 3 ? 
B ? 2 ? 
C ? 3 ? 
# 
loop_
_struct_sheet_order.sheet_id 
_struct_sheet_order.range_id_1 
_struct_sheet_order.range_id_2 
_struct_sheet_order.offset 
_struct_sheet_order.sense 
A 1 2 ? anti-parallel 
A 2 3 ? anti-parallel 
B 1 2 ? anti-parallel 
C 1 2 ? anti-parallel 
C 2 3 ? anti-parallel 
# 
loop_
_struct_sheet_range.sheet_id 
_struct_sheet_range.id 
_struct_sheet_range.beg_label_comp_id 
_struct_sheet_range.beg_label_asym_id 
_struct_sheet_range.beg_label_seq_id 
_struct_sheet_range.pdbx_beg_PDB_ins_code 
_struct_sheet_range.end_label_comp_id 
_struct_sheet_range.end_label_asym_id 
_struct_sheet_range.end_label_seq_id 
_struct_sheet_range.pdbx_end_PDB_ins_code 
_struct_sheet_range.beg_auth_comp_id 
_struct_sheet_range.beg_auth_asym_id 
_struct_sheet_range.beg_auth_seq_id 
_struct_sheet_range.end_auth_comp_id 
_struct_sheet_range.end_auth_asym_id 
_struct_sheet_range.end_auth_seq_id 
A 1 GLY A 45  ? ALA A 47  ? GLY A 45  ALA A 47  
A 2 ILE A 57  ? ILE A 60  ? ILE A 57  ILE A 60  
A 3 LEU A 70  ? ILE A 73  ? LEU A 70  ILE A 73  
B 1 THR A 84  ? GLU A 88  ? THR A 84  GLU A 88  
B 2 ALA A 98  ? ARG A 102 ? ALA A 98  ARG A 102 
C 1 PRO A 117 ? ALA A 122 ? PRO A 117 ALA A 122 
C 2 LYS A 105 ? LEU A 111 ? LYS A 105 LEU A 111 
C 3 GLU A 76  ? SER A 81  ? GLU A 76  SER A 81  
# 
loop_
_pdbx_struct_sheet_hbond.sheet_id 
_pdbx_struct_sheet_hbond.range_id_1 
_pdbx_struct_sheet_hbond.range_id_2 
_pdbx_struct_sheet_hbond.range_1_label_atom_id 
_pdbx_struct_sheet_hbond.range_1_label_comp_id 
_pdbx_struct_sheet_hbond.range_1_label_asym_id 
_pdbx_struct_sheet_hbond.range_1_label_seq_id 
_pdbx_struct_sheet_hbond.range_1_PDB_ins_code 
_pdbx_struct_sheet_hbond.range_1_auth_atom_id 
_pdbx_struct_sheet_hbond.range_1_auth_comp_id 
_pdbx_struct_sheet_hbond.range_1_auth_asym_id 
_pdbx_struct_sheet_hbond.range_1_auth_seq_id 
_pdbx_struct_sheet_hbond.range_2_label_atom_id 
_pdbx_struct_sheet_hbond.range_2_label_comp_id 
_pdbx_struct_sheet_hbond.range_2_label_asym_id 
_pdbx_struct_sheet_hbond.range_2_label_seq_id 
_pdbx_struct_sheet_hbond.range_2_PDB_ins_code 
_pdbx_struct_sheet_hbond.range_2_auth_atom_id 
_pdbx_struct_sheet_hbond.range_2_auth_comp_id 
_pdbx_struct_sheet_hbond.range_2_auth_asym_id 
_pdbx_struct_sheet_hbond.range_2_auth_seq_id 
A 1 2 O LEU A 46  ? O LEU A 46  N VAL A 59  ? N VAL A 59  
A 2 3 O ILE A 58  ? O ILE A 58  N LEU A 72  ? N LEU A 72  
B 1 2 O THR A 84  ? O THR A 84  N ARG A 102 ? N ARG A 102 
C 1 2 O PHE A 118 ? O PHE A 118 N ALA A 110 ? N ALA A 110 
C 2 3 O LYS A 105 ? O LYS A 105 N SER A 81  ? N SER A 81  
# 
loop_
_struct_site.id 
_struct_site.pdbx_evidence_code 
_struct_site.pdbx_auth_asym_id 
_struct_site.pdbx_auth_comp_id 
_struct_site.pdbx_auth_seq_id 
_struct_site.pdbx_auth_ins_code 
_struct_site.pdbx_num_residues 
_struct_site.details 
AC1 Software A ZN  169 ? 5  'BINDING SITE FOR RESIDUE ZN A 169'  
AC2 Software A PO4 170 ? 7  'BINDING SITE FOR RESIDUE PO4 A 170' 
AC3 Software A MLN 171 ? 17 'BINDING SITE FOR RESIDUE MLN A 171' 
# 
loop_
_struct_site_gen.id 
_struct_site_gen.site_id 
_struct_site_gen.pdbx_num_res 
_struct_site_gen.label_comp_id 
_struct_site_gen.label_asym_id 
_struct_site_gen.label_seq_id 
_struct_site_gen.pdbx_auth_ins_code 
_struct_site_gen.auth_comp_id 
_struct_site_gen.auth_asym_id 
_struct_site_gen.auth_seq_id 
_struct_site_gen.label_atom_id 
_struct_site_gen.label_alt_id 
_struct_site_gen.symmetry 
_struct_site_gen.details 
1  AC1 5  GLN A 50  ? GLN A 50  . ? 1_555  ? 
2  AC1 5  CYS A 90  ? CYS A 90  . ? 1_555  ? 
3  AC1 5  HIS A 132 ? HIS A 132 . ? 1_555  ? 
4  AC1 5  HIS A 136 ? HIS A 136 . ? 1_555  ? 
5  AC1 5  MLN D .   ? MLN A 171 . ? 1_555  ? 
6  AC2 7  PRO A 9   ? PRO A 9   . ? 1_555  ? 
7  AC2 7  ASP A 10  ? ASP A 10  . ? 1_555  ? 
8  AC2 7  ARG A 14  ? ARG A 14  . ? 1_555  ? 
9  AC2 7  GLN A 152 ? GLN A 152 . ? 10_666 ? 
10 AC2 7  ARG A 155 ? ARG A 155 . ? 10_666 ? 
11 AC2 7  GLN A 156 ? GLN A 156 . ? 10_666 ? 
12 AC2 7  GLU A 159 ? GLU A 159 . ? 10_666 ? 
13 AC3 17 GLU A 42  ? GLU A 42  . ? 1_555  ? 
14 AC3 17 GLY A 43  ? GLY A 43  . ? 1_555  ? 
15 AC3 17 ILE A 44  ? ILE A 44  . ? 1_555  ? 
16 AC3 17 GLY A 45  ? GLY A 45  . ? 1_555  ? 
17 AC3 17 GLN A 50  ? GLN A 50  . ? 1_555  ? 
18 AC3 17 ILE A 86  ? ILE A 86  . ? 1_555  ? 
19 AC3 17 ILE A 86  ? ILE A 86  . ? 11_656 ? 
20 AC3 17 GLU A 88  ? GLU A 88  . ? 1_555  ? 
21 AC3 17 GLY A 89  ? GLY A 89  . ? 1_555  ? 
22 AC3 17 LEU A 91  ? LEU A 91  . ? 1_555  ? 
23 AC3 17 GLY A 124 ? GLY A 124 . ? 11_656 ? 
24 AC3 17 LEU A 125 ? LEU A 125 . ? 11_656 ? 
25 AC3 17 ILE A 128 ? ILE A 128 . ? 11_656 ? 
26 AC3 17 HIS A 132 ? HIS A 132 . ? 1_555  ? 
27 AC3 17 GLU A 133 ? GLU A 133 . ? 1_555  ? 
28 AC3 17 HIS A 136 ? HIS A 136 . ? 1_555  ? 
29 AC3 17 ZN  B .   ? ZN  A 169 . ? 1_555  ? 
# 
_atom_sites.entry_id                    1BSK 
_atom_sites.fract_transf_matrix[1][1]   0.00235453 
_atom_sites.fract_transf_matrix[1][2]   -0.00848962 
_atom_sites.fract_transf_matrix[1][3]   -0.00761349 
_atom_sites.fract_transf_matrix[2][1]   -0.00848566 
_atom_sites.fract_transf_matrix[2][2]   -0.00712014 
_atom_sites.fract_transf_matrix[2][3]   -0.00358887 
_atom_sites.fract_transf_matrix[3][1]   -0.00182559 
_atom_sites.fract_transf_matrix[3][2]   0.00561769 
_atom_sites.fract_transf_matrix[3][3]   -0.00682873 
_atom_sites.fract_transf_vector[1]      0.752467 
_atom_sites.fract_transf_vector[2]      0.636101 
_atom_sites.fract_transf_vector[3]      0.625740 
# 
loop_
_atom_type.symbol 
C  
N  
O  
P  
S  
ZN 
# 
loop_
_atom_site.group_PDB 
_atom_site.id 
_atom_site.type_symbol 
_atom_site.label_atom_id 
_atom_site.label_alt_id 
_atom_site.label_comp_id 
_atom_site.label_asym_id 
_atom_site.label_entity_id 
_atom_site.label_seq_id 
_atom_site.pdbx_PDB_ins_code 
_atom_site.Cartn_x 
_atom_site.Cartn_y 
_atom_site.Cartn_z 
_atom_site.occupancy 
_atom_site.B_iso_or_equiv 
_atom_site.pdbx_formal_charge 
_atom_site.auth_seq_id 
_atom_site.auth_comp_id 
_atom_site.auth_asym_id 
_atom_site.auth_atom_id 
_atom_site.pdbx_PDB_model_num 
ATOM   1    N  N   . SER A 1 1   ? -17.460 -2.431  4.051   1.00 32.65 ? 1   SER A N   1 
ATOM   2    C  CA  . SER A 1 1   ? -17.734 -1.161  4.783   1.00 34.21 ? 1   SER A CA  1 
ATOM   3    C  C   . SER A 1 1   ? -16.423 -0.416  4.866   1.00 32.94 ? 1   SER A C   1 
ATOM   4    O  O   . SER A 1 1   ? -15.388 -1.040  5.053   1.00 33.92 ? 1   SER A O   1 
ATOM   5    C  CB  . SER A 1 1   ? -18.225 -1.481  6.186   1.00 36.97 ? 1   SER A CB  1 
ATOM   6    O  OG  . SER A 1 1   ? -17.513 -2.595  6.682   1.00 33.90 ? 1   SER A OG  1 
ATOM   7    N  N   . VAL A 1 2   ? -16.474 0.906   4.690   1.00 30.67 ? 2   VAL A N   1 
ATOM   8    C  CA  . VAL A 1 2   ? -15.294 1.760   4.744   1.00 27.29 ? 2   VAL A CA  1 
ATOM   9    C  C   . VAL A 1 2   ? -14.541 1.661   6.080   1.00 29.19 ? 2   VAL A C   1 
ATOM   10   O  O   . VAL A 1 2   ? -15.140 1.655   7.156   1.00 31.57 ? 2   VAL A O   1 
ATOM   11   C  CB  . VAL A 1 2   ? -15.689 3.219   4.478   1.00 20.40 ? 2   VAL A CB  1 
ATOM   12   C  CG1 . VAL A 1 2   ? -14.479 4.115   4.512   1.00 20.53 ? 2   VAL A CG1 1 
ATOM   13   C  CG2 . VAL A 1 2   ? -16.372 3.305   3.139   1.00 24.41 ? 2   VAL A CG2 1 
ATOM   14   N  N   . LEU A 1 3   ? -13.226 1.526   5.999   1.00 28.45 ? 3   LEU A N   1 
ATOM   15   C  CA  . LEU A 1 3   ? -12.380 1.438   7.184   1.00 29.97 ? 3   LEU A CA  1 
ATOM   16   C  C   . LEU A 1 3   ? -11.641 2.767   7.350   1.00 32.73 ? 3   LEU A C   1 
ATOM   17   O  O   . LEU A 1 3   ? -11.525 3.550   6.395   1.00 34.64 ? 3   LEU A O   1 
ATOM   18   C  CB  . LEU A 1 3   ? -11.382 0.281   7.040   1.00 27.01 ? 3   LEU A CB  1 
ATOM   19   C  CG  . LEU A 1 3   ? -11.978 -1.120  6.934   1.00 24.18 ? 3   LEU A CG  1 
ATOM   20   C  CD1 . LEU A 1 3   ? -10.884 -2.151  6.755   1.00 20.53 ? 3   LEU A CD1 1 
ATOM   21   C  CD2 . LEU A 1 3   ? -12.797 -1.422  8.152   1.00 13.65 ? 3   LEU A CD2 1 
ATOM   22   N  N   . GLN A 1 4   ? -11.104 3.021   8.539   1.00 32.46 ? 4   GLN A N   1 
ATOM   23   C  CA  . GLN A 1 4   ? -10.404 4.285   8.786   1.00 34.31 ? 4   GLN A CA  1 
ATOM   24   C  C   . GLN A 1 4   ? -8.931  4.174   8.433   1.00 30.90 ? 4   GLN A C   1 
ATOM   25   O  O   . GLN A 1 4   ? -8.258  3.271   8.904   1.00 35.39 ? 4   GLN A O   1 
ATOM   26   C  CB  . GLN A 1 4   ? -10.554 4.697   10.247  1.00 40.20 ? 4   GLN A CB  1 
ATOM   27   C  CG  . GLN A 1 4   ? -9.927  6.057   10.583  1.00 52.03 ? 4   GLN A CG  1 
ATOM   28   C  CD  . GLN A 1 4   ? -9.679  6.240   12.086  1.00 56.64 ? 4   GLN A CD  1 
ATOM   29   O  OE1 . GLN A 1 4   ? -10.231 5.507   12.918  1.00 56.61 ? 4   GLN A OE1 1 
ATOM   30   N  NE2 . GLN A 1 4   ? -8.848  7.223   12.434  1.00 54.23 ? 4   GLN A NE2 1 
ATOM   31   N  N   . VAL A 1 5   ? -8.420  5.088   7.618   1.00 28.97 ? 5   VAL A N   1 
ATOM   32   C  CA  . VAL A 1 5   ? -7.002  5.043   7.231   1.00 26.42 ? 5   VAL A CA  1 
ATOM   33   C  C   . VAL A 1 5   ? -6.197  5.894   8.175   1.00 24.48 ? 5   VAL A C   1 
ATOM   34   O  O   . VAL A 1 5   ? -6.476  7.074   8.391   1.00 26.02 ? 5   VAL A O   1 
ATOM   35   C  CB  . VAL A 1 5   ? -6.717  5.518   5.760   1.00 29.79 ? 5   VAL A CB  1 
ATOM   36   C  CG1 . VAL A 1 5   ? -5.205  5.439   5.471   1.00 30.28 ? 5   VAL A CG1 1 
ATOM   37   C  CG2 . VAL A 1 5   ? -7.482  4.654   4.736   1.00 29.02 ? 5   VAL A CG2 1 
ATOM   38   N  N   . LEU A 1 6   ? -5.159  5.286   8.711   1.00 26.06 ? 6   LEU A N   1 
ATOM   39   C  CA  . LEU A 1 6   ? -4.275  5.953   9.657   1.00 28.67 ? 6   LEU A CA  1 
ATOM   40   C  C   . LEU A 1 6   ? -3.364  6.913   8.911   1.00 29.93 ? 6   LEU A C   1 
ATOM   41   O  O   . LEU A 1 6   ? -2.979  6.649   7.768   1.00 33.47 ? 6   LEU A O   1 
ATOM   42   C  CB  . LEU A 1 6   ? -3.437  4.920   10.426  1.00 27.25 ? 6   LEU A CB  1 
ATOM   43   C  CG  . LEU A 1 6   ? -4.086  3.677   11.066  1.00 26.25 ? 6   LEU A CG  1 
ATOM   44   C  CD1 . LEU A 1 6   ? -2.972  2.826   11.647  1.00 23.62 ? 6   LEU A CD1 1 
ATOM   45   C  CD2 . LEU A 1 6   ? -5.126  4.025   12.131  1.00 19.22 ? 6   LEU A CD2 1 
ATOM   46   N  N   . HIS A 1 7   ? -3.051  8.036   9.538   1.00 29.18 ? 7   HIS A N   1 
ATOM   47   C  CA  . HIS A 1 7   ? -2.177  9.029   8.933   1.00 28.32 ? 7   HIS A CA  1 
ATOM   48   C  C   . HIS A 1 7   ? -0.962  9.076   9.815   1.00 28.27 ? 7   HIS A C   1 
ATOM   49   O  O   . HIS A 1 7   ? -0.979  8.548   10.926  1.00 32.46 ? 7   HIS A O   1 
ATOM   50   C  CB  . HIS A 1 7   ? -2.812  10.419  8.979   1.00 29.36 ? 7   HIS A CB  1 
ATOM   51   C  CG  . HIS A 1 7   ? -4.148  10.518  8.314   1.00 35.93 ? 7   HIS A CG  1 
ATOM   52   N  ND1 . HIS A 1 7   ? -4.479  9.774   7.199   1.00 41.23 ? 7   HIS A ND1 1 
ATOM   53   C  CD2 . HIS A 1 7   ? -5.221  11.291  8.578   1.00 37.36 ? 7   HIS A CD2 1 
ATOM   54   C  CE1 . HIS A 1 7   ? -5.705  10.098  6.803   1.00 42.53 ? 7   HIS A CE1 1 
ATOM   55   N  NE2 . HIS A 1 7   ? -6.166  11.017  7.626   1.00 44.07 ? 7   HIS A NE2 1 
ATOM   56   N  N   . ILE A 1 8   ? 0.125   9.613   9.289   1.00 28.01 ? 8   ILE A N   1 
ATOM   57   C  CA  . ILE A 1 8   ? 1.302   9.785   10.106  1.00 27.40 ? 8   ILE A CA  1 
ATOM   58   C  C   . ILE A 1 8   ? 0.975   11.088  10.888  1.00 32.31 ? 8   ILE A C   1 
ATOM   59   O  O   . ILE A 1 8   ? 0.031   11.813  10.542  1.00 34.55 ? 8   ILE A O   1 
ATOM   60   C  CB  . ILE A 1 8   ? 2.568   9.990   9.243   1.00 23.76 ? 8   ILE A CB  1 
ATOM   61   C  CG1 . ILE A 1 8   ? 2.472   11.304  8.486   1.00 26.06 ? 8   ILE A CG1 1 
ATOM   62   C  CG2 . ILE A 1 8   ? 2.708   8.854   8.265   1.00 24.94 ? 8   ILE A CG2 1 
ATOM   63   C  CD1 . ILE A 1 8   ? 3.712   11.715  7.831   1.00 27.17 ? 8   ILE A CD1 1 
ATOM   64   N  N   . PRO A 1 9   ? 1.547   11.242  12.098  1.00 35.86 ? 9   PRO A N   1 
ATOM   65   C  CA  . PRO A 1 9   ? 2.465   10.257  12.670  1.00 33.67 ? 9   PRO A CA  1 
ATOM   66   C  C   . PRO A 1 9   ? 1.584   9.330   13.515  1.00 32.84 ? 9   PRO A C   1 
ATOM   67   O  O   . PRO A 1 9   ? 0.661   9.768   14.198  1.00 32.87 ? 9   PRO A O   1 
ATOM   68   C  CB  . PRO A 1 9   ? 3.387   11.112  13.519  1.00 28.17 ? 9   PRO A CB  1 
ATOM   69   C  CG  . PRO A 1 9   ? 2.460   12.143  14.055  1.00 25.73 ? 9   PRO A CG  1 
ATOM   70   C  CD  . PRO A 1 9   ? 1.572   12.493  12.879  1.00 31.43 ? 9   PRO A CD  1 
ATOM   71   N  N   . ASP A 1 10  ? 1.763   8.041   13.301  1.00 32.92 ? 10  ASP A N   1 
ATOM   72   C  CA  . ASP A 1 10  ? 1.049   7.030   14.048  1.00 31.70 ? 10  ASP A CA  1 
ATOM   73   C  C   . ASP A 1 10  ? 1.990   5.849   13.933  1.00 33.87 ? 10  ASP A C   1 
ATOM   74   O  O   . ASP A 1 10  ? 2.365   5.462   12.824  1.00 36.75 ? 10  ASP A O   1 
ATOM   75   C  CB  . ASP A 1 10  ? -0.304  6.738   13.410  1.00 27.96 ? 10  ASP A CB  1 
ATOM   76   C  CG  . ASP A 1 10  ? -1.144  5.774   14.229  1.00 33.90 ? 10  ASP A CG  1 
ATOM   77   O  OD1 . ASP A 1 10  ? -0.565  4.817   14.808  1.00 32.28 ? 10  ASP A OD1 1 
ATOM   78   O  OD2 . ASP A 1 10  ? -2.387  5.964   14.278  1.00 29.00 ? 10  ASP A OD2 1 
ATOM   79   N  N   . GLU A 1 11  ? 2.443   5.347   15.078  1.00 34.39 ? 11  GLU A N   1 
ATOM   80   C  CA  . GLU A 1 11  ? 3.392   4.226   15.104  1.00 34.88 ? 11  GLU A CA  1 
ATOM   81   C  C   . GLU A 1 11  ? 2.836   2.928   14.536  1.00 34.09 ? 11  GLU A C   1 
ATOM   82   O  O   . GLU A 1 11  ? 3.599   2.041   14.121  1.00 34.14 ? 11  GLU A O   1 
ATOM   83   C  CB  . GLU A 1 11  ? 3.917   3.969   16.527  1.00 39.18 ? 11  GLU A CB  1 
ATOM   84   C  CG  . GLU A 1 11  ? 3.145   2.914   17.385  1.00 40.39 ? 11  GLU A CG  1 
ATOM   85   C  CD  . GLU A 1 11  ? 1.856   3.443   18.062  1.00 44.85 ? 11  GLU A CD  1 
ATOM   86   O  OE1 . GLU A 1 11  ? 1.407   4.596   17.796  1.00 46.77 ? 11  GLU A OE1 1 
ATOM   87   O  OE2 . GLU A 1 11  ? 1.277   2.674   18.871  1.00 38.44 ? 11  GLU A OE2 1 
ATOM   88   N  N   . ARG A 1 12  ? 1.507   2.812   14.526  1.00 31.03 ? 12  ARG A N   1 
ATOM   89   C  CA  . ARG A 1 12  ? 0.856   1.623   14.022  1.00 28.58 ? 12  ARG A CA  1 
ATOM   90   C  C   . ARG A 1 12  ? 1.167   1.383   12.545  1.00 30.65 ? 12  ARG A C   1 
ATOM   91   O  O   . ARG A 1 12  ? 1.189   0.248   12.100  1.00 31.42 ? 12  ARG A O   1 
ATOM   92   C  CB  . ARG A 1 12  ? -0.632  1.715   14.289  1.00 25.55 ? 12  ARG A CB  1 
ATOM   93   C  CG  . ARG A 1 12  ? -0.949  1.564   15.754  1.00 25.09 ? 12  ARG A CG  1 
ATOM   94   C  CD  . ARG A 1 12  ? -2.429  1.727   16.045  1.00 25.69 ? 12  ARG A CD  1 
ATOM   95   N  NE  . ARG A 1 12  ? -2.809  3.122   15.953  1.00 22.03 ? 12  ARG A NE  1 
ATOM   96   C  CZ  . ARG A 1 12  ? -4.050  3.567   16.088  1.00 25.82 ? 12  ARG A CZ  1 
ATOM   97   N  NH1 . ARG A 1 12  ? -5.042  2.722   16.320  1.00 29.95 ? 12  ARG A NH1 1 
ATOM   98   N  NH2 . ARG A 1 12  ? -4.299  4.862   15.980  1.00 33.36 ? 12  ARG A NH2 1 
ATOM   99   N  N   . LEU A 1 13  ? 1.487   2.446   11.815  1.00 31.45 ? 13  LEU A N   1 
ATOM   100  C  CA  . LEU A 1 13  ? 1.817   2.334   10.401  1.00 31.37 ? 13  LEU A CA  1 
ATOM   101  C  C   . LEU A 1 13  ? 3.197   1.719   10.226  1.00 35.16 ? 13  LEU A C   1 
ATOM   102  O  O   . LEU A 1 13  ? 3.603   1.417   9.096   1.00 38.62 ? 13  LEU A O   1 
ATOM   103  C  CB  . LEU A 1 13  ? 1.814   3.707   9.736   1.00 25.23 ? 13  LEU A CB  1 
ATOM   104  C  CG  . LEU A 1 13  ? 0.491   4.421   9.464   1.00 26.77 ? 13  LEU A CG  1 
ATOM   105  C  CD1 . LEU A 1 13  ? 0.740   5.895   9.282   1.00 30.80 ? 13  LEU A CD1 1 
ATOM   106  C  CD2 . LEU A 1 13  ? -0.173  3.834   8.249   1.00 28.07 ? 13  LEU A CD2 1 
ATOM   107  N  N   . ARG A 1 14  ? 3.936   1.572   11.334  1.00 36.87 ? 14  ARG A N   1 
ATOM   108  C  CA  . ARG A 1 14  ? 5.293   1.010   11.297  1.00 38.38 ? 14  ARG A CA  1 
ATOM   109  C  C   . ARG A 1 14  ? 5.412   -0.422  11.842  1.00 37.40 ? 14  ARG A C   1 
ATOM   110  O  O   . ARG A 1 14  ? 6.520   -0.954  11.944  1.00 39.54 ? 14  ARG A O   1 
ATOM   111  C  CB  . ARG A 1 14  ? 6.291   1.946   12.005  1.00 36.27 ? 14  ARG A CB  1 
ATOM   112  C  CG  . ARG A 1 14  ? 6.029   3.436   11.762  1.00 37.12 ? 14  ARG A CG  1 
ATOM   113  C  CD  . ARG A 1 14  ? 7.274   4.206   11.346  1.00 35.66 ? 14  ARG A CD  1 
ATOM   114  N  NE  . ARG A 1 14  ? 7.548   4.053   9.919   1.00 36.63 ? 14  ARG A NE  1 
ATOM   115  C  CZ  . ARG A 1 14  ? 7.876   5.048   9.091   1.00 36.53 ? 14  ARG A CZ  1 
ATOM   116  N  NH1 . ARG A 1 14  ? 7.973   6.318   9.514   1.00 32.01 ? 14  ARG A NH1 1 
ATOM   117  N  NH2 . ARG A 1 14  ? 8.143   4.769   7.822   1.00 33.54 ? 14  ARG A NH2 1 
ATOM   118  N  N   . LYS A 1 15  ? 4.280   -1.032  12.189  1.00 35.27 ? 15  LYS A N   1 
ATOM   119  C  CA  . LYS A 1 15  ? 4.252   -2.408  12.696  1.00 32.48 ? 15  LYS A CA  1 
ATOM   120  C  C   . LYS A 1 15  ? 4.344   -3.367  11.534  1.00 32.33 ? 15  LYS A C   1 
ATOM   121  O  O   . LYS A 1 15  ? 3.546   -3.274  10.610  1.00 38.58 ? 15  LYS A O   1 
ATOM   122  C  CB  . LYS A 1 15  ? 2.945   -2.698  13.447  1.00 32.79 ? 15  LYS A CB  1 
ATOM   123  C  CG  . LYS A 1 15  ? 2.927   -2.234  14.875  1.00 38.81 ? 15  LYS A CG  1 
ATOM   124  C  CD  . LYS A 1 15  ? 1.751   -2.831  15.647  1.00 42.88 ? 15  LYS A CD  1 
ATOM   125  C  CE  . LYS A 1 15  ? 1.638   -2.156  17.018  1.00 50.76 ? 15  LYS A CE  1 
ATOM   126  N  NZ  . LYS A 1 15  ? 0.260   -2.250  17.594  1.00 52.00 ? 15  LYS A NZ  1 
ATOM   127  N  N   . VAL A 1 16  ? 5.293   -4.295  11.594  1.00 31.60 ? 16  VAL A N   1 
ATOM   128  C  CA  . VAL A 1 16  ? 5.467   -5.293  10.539  1.00 31.12 ? 16  VAL A CA  1 
ATOM   129  C  C   . VAL A 1 16  ? 4.278   -6.255  10.532  1.00 29.51 ? 16  VAL A C   1 
ATOM   130  O  O   . VAL A 1 16  ? 3.958   -6.845  11.554  1.00 30.79 ? 16  VAL A O   1 
ATOM   131  C  CB  . VAL A 1 16  ? 6.809   -6.055  10.715  1.00 29.37 ? 16  VAL A CB  1 
ATOM   132  C  CG1 . VAL A 1 16  ? 6.902   -7.250  9.757   1.00 26.96 ? 16  VAL A CG1 1 
ATOM   133  C  CG2 . VAL A 1 16  ? 7.973   -5.089  10.469  1.00 28.76 ? 16  VAL A CG2 1 
ATOM   134  N  N   . ALA A 1 17  ? 3.579   -6.356  9.407   1.00 31.34 ? 17  ALA A N   1 
ATOM   135  C  CA  . ALA A 1 17  ? 2.412   -7.231  9.314   1.00 34.34 ? 17  ALA A CA  1 
ATOM   136  C  C   . ALA A 1 17  ? 2.860   -8.675  9.265   1.00 36.13 ? 17  ALA A C   1 
ATOM   137  O  O   . ALA A 1 17  ? 3.907   -8.974  8.696   1.00 37.80 ? 17  ALA A O   1 
ATOM   138  C  CB  . ALA A 1 17  ? 1.586   -6.889  8.081   1.00 35.13 ? 17  ALA A CB  1 
ATOM   139  N  N   . LYS A 1 18  ? 2.041   -9.562  9.828   1.00 38.90 ? 18  LYS A N   1 
ATOM   140  C  CA  . LYS A 1 18  ? 2.326   -10.998 9.883   1.00 37.21 ? 18  LYS A CA  1 
ATOM   141  C  C   . LYS A 1 18  ? 1.684   -11.745 8.713   1.00 35.08 ? 18  LYS A C   1 
ATOM   142  O  O   . LYS A 1 18  ? 0.691   -11.282 8.136   1.00 36.24 ? 18  LYS A O   1 
ATOM   143  C  CB  . LYS A 1 18  ? 1.784   -11.575 11.184  1.00 42.44 ? 18  LYS A CB  1 
ATOM   144  C  CG  . LYS A 1 18  ? 2.343   -10.930 12.434  1.00 53.58 ? 18  LYS A CG  1 
ATOM   145  C  CD  . LYS A 1 18  ? 1.699   -11.563 13.661  1.00 61.43 ? 18  LYS A CD  1 
ATOM   146  C  CE  . LYS A 1 18  ? 2.309   -11.050 14.971  1.00 65.39 ? 18  LYS A CE  1 
ATOM   147  N  NZ  . LYS A 1 18  ? 1.992   -11.984 16.103  1.00 66.44 ? 18  LYS A NZ  1 
ATOM   148  N  N   . PRO A 1 19  ? 2.241   -12.909 8.344   1.00 32.57 ? 19  PRO A N   1 
ATOM   149  C  CA  . PRO A 1 19  ? 1.691   -13.705 7.235   1.00 30.21 ? 19  PRO A CA  1 
ATOM   150  C  C   . PRO A 1 19  ? 0.334   -14.348 7.563   1.00 28.33 ? 19  PRO A C   1 
ATOM   151  O  O   . PRO A 1 19  ? 0.107   -14.801 8.685   1.00 25.85 ? 19  PRO A O   1 
ATOM   152  C  CB  . PRO A 1 19  ? 2.784   -14.742 6.983   1.00 25.54 ? 19  PRO A CB  1 
ATOM   153  C  CG  . PRO A 1 19  ? 3.403   -14.912 8.305   1.00 26.04 ? 19  PRO A CG  1 
ATOM   154  C  CD  . PRO A 1 19  ? 3.484   -13.509 8.848   1.00 27.58 ? 19  PRO A CD  1 
ATOM   155  N  N   . VAL A 1 20  ? -0.589  -14.297 6.598   1.00 30.96 ? 20  VAL A N   1 
ATOM   156  C  CA  . VAL A 1 20  ? -1.931  -14.874 6.728   1.00 30.86 ? 20  VAL A CA  1 
ATOM   157  C  C   . VAL A 1 20  ? -1.754  -16.394 6.746   1.00 30.22 ? 20  VAL A C   1 
ATOM   158  O  O   . VAL A 1 20  ? -1.129  -16.975 5.851   1.00 24.88 ? 20  VAL A O   1 
ATOM   159  C  CB  . VAL A 1 20  ? -2.859  -14.442 5.527   1.00 30.11 ? 20  VAL A CB  1 
ATOM   160  C  CG1 . VAL A 1 20  ? -4.191  -15.135 5.581   1.00 31.06 ? 20  VAL A CG1 1 
ATOM   161  C  CG2 . VAL A 1 20  ? -3.096  -12.959 5.554   1.00 26.49 ? 20  VAL A CG2 1 
ATOM   162  N  N   . GLU A 1 21  ? -2.221  -16.999 7.834   1.00 32.22 ? 21  GLU A N   1 
ATOM   163  C  CA  . GLU A 1 21  ? -2.112  -18.440 8.034   1.00 35.20 ? 21  GLU A CA  1 
ATOM   164  C  C   . GLU A 1 21  ? -3.070  -19.248 7.174   1.00 36.54 ? 21  GLU A C   1 
ATOM   165  O  O   . GLU A 1 21  ? -2.704  -20.272 6.624   1.00 38.25 ? 21  GLU A O   1 
ATOM   166  C  CB  . GLU A 1 21  ? -2.300  -18.793 9.521   1.00 38.56 ? 21  GLU A CB  1 
ATOM   167  C  CG  . GLU A 1 21  ? -1.206  -18.262 10.473  1.00 47.44 ? 21  GLU A CG  1 
ATOM   168  C  CD  . GLU A 1 21  ? 0.233   -18.651 10.046  1.00 52.03 ? 21  GLU A CD  1 
ATOM   169  O  OE1 . GLU A 1 21  ? 0.531   -19.871 9.933   1.00 51.11 ? 21  GLU A OE1 1 
ATOM   170  O  OE2 . GLU A 1 21  ? 1.070   -17.735 9.815   1.00 52.85 ? 21  GLU A OE2 1 
ATOM   171  N  N   . GLU A 1 22  ? -4.303  -18.778 7.042   1.00 37.46 ? 22  GLU A N   1 
ATOM   172  C  CA  . GLU A 1 22  ? -5.303  -19.492 6.266   1.00 37.74 ? 22  GLU A CA  1 
ATOM   173  C  C   . GLU A 1 22  ? -6.261  -18.452 5.713   1.00 36.38 ? 22  GLU A C   1 
ATOM   174  O  O   . GLU A 1 22  ? -6.740  -17.586 6.465   1.00 37.29 ? 22  GLU A O   1 
ATOM   175  C  CB  . GLU A 1 22  ? -6.044  -20.477 7.184   1.00 45.16 ? 22  GLU A CB  1 
ATOM   176  C  CG  . GLU A 1 22  ? -7.359  -21.040 6.622   1.00 52.98 ? 22  GLU A CG  1 
ATOM   177  C  CD  . GLU A 1 22  ? -8.234  -21.774 7.661   1.00 55.91 ? 22  GLU A CD  1 
ATOM   178  O  OE1 . GLU A 1 22  ? -8.416  -21.295 8.808   1.00 57.24 ? 22  GLU A OE1 1 
ATOM   179  O  OE2 . GLU A 1 22  ? -8.793  -22.833 7.316   1.00 57.77 ? 22  GLU A OE2 1 
ATOM   180  N  N   . VAL A 1 23  ? -6.462  -18.478 4.388   1.00 33.27 ? 23  VAL A N   1 
ATOM   181  C  CA  . VAL A 1 23  ? -7.386  -17.556 3.731   1.00 32.30 ? 23  VAL A CA  1 
ATOM   182  C  C   . VAL A 1 23  ? -8.791  -18.129 3.894   1.00 33.75 ? 23  VAL A C   1 
ATOM   183  O  O   . VAL A 1 23  ? -9.079  -19.225 3.428   1.00 35.31 ? 23  VAL A O   1 
ATOM   184  C  CB  . VAL A 1 23  ? -7.085  -17.407 2.221   1.00 30.28 ? 23  VAL A CB  1 
ATOM   185  C  CG1 . VAL A 1 23  ? -8.046  -16.380 1.587   1.00 22.26 ? 23  VAL A CG1 1 
ATOM   186  C  CG2 . VAL A 1 23  ? -5.615  -17.009 1.999   1.00 26.36 ? 23  VAL A CG2 1 
ATOM   187  N  N   . ASN A 1 24  ? -9.668  -17.394 4.556   1.00 34.11 ? 24  ASN A N   1 
ATOM   188  C  CA  . ASN A 1 24  ? -11.024 -17.875 4.773   1.00 35.45 ? 24  ASN A CA  1 
ATOM   189  C  C   . ASN A 1 24  ? -12.052 -16.756 4.663   1.00 38.67 ? 24  ASN A C   1 
ATOM   190  O  O   . ASN A 1 24  ? -11.789 -15.703 4.074   1.00 41.87 ? 24  ASN A O   1 
ATOM   191  C  CB  . ASN A 1 24  ? -11.111 -18.534 6.146   1.00 36.20 ? 24  ASN A CB  1 
ATOM   192  C  CG  . ASN A 1 24  ? -10.754 -17.585 7.271   1.00 37.94 ? 24  ASN A CG  1 
ATOM   193  O  OD1 . ASN A 1 24  ? -11.019 -16.385 7.211   1.00 45.63 ? 24  ASN A OD1 1 
ATOM   194  N  ND2 . ASN A 1 24  ? -10.151 -18.121 8.305   1.00 36.75 ? 24  ASN A ND2 1 
ATOM   195  N  N   . ALA A 1 25  ? -13.213 -16.979 5.268   1.00 38.03 ? 25  ALA A N   1 
ATOM   196  C  CA  . ALA A 1 25  ? -14.294 -16.010 5.236   1.00 39.39 ? 25  ALA A CA  1 
ATOM   197  C  C   . ALA A 1 25  ? -13.905 -14.687 5.873   1.00 38.25 ? 25  ALA A C   1 
ATOM   198  O  O   . ALA A 1 25  ? -14.231 -13.615 5.342   1.00 40.01 ? 25  ALA A O   1 
ATOM   199  C  CB  . ALA A 1 25  ? -15.520 -16.582 5.926   1.00 41.05 ? 25  ALA A CB  1 
ATOM   200  N  N   . GLU A 1 26  ? -13.213 -14.757 7.005   1.00 34.88 ? 26  GLU A N   1 
ATOM   201  C  CA  . GLU A 1 26  ? -12.808 -13.545 7.691   1.00 37.05 ? 26  GLU A CA  1 
ATOM   202  C  C   . GLU A 1 26  ? -11.839 -12.773 6.808   1.00 35.62 ? 26  GLU A C   1 
ATOM   203  O  O   . GLU A 1 26  ? -12.110 -11.625 6.436   1.00 38.99 ? 26  GLU A O   1 
ATOM   204  C  CB  . GLU A 1 26  ? -12.188 -13.843 9.061   1.00 42.11 ? 26  GLU A CB  1 
ATOM   205  C  CG  . GLU A 1 26  ? -11.944 -12.575 9.937   1.00 49.76 ? 26  GLU A CG  1 
ATOM   206  C  CD  . GLU A 1 26  ? -13.053 -11.485 9.807   1.00 55.59 ? 26  GLU A CD  1 
ATOM   207  O  OE1 . GLU A 1 26  ? -14.269 -11.805 9.933   1.00 55.35 ? 26  GLU A OE1 1 
ATOM   208  O  OE2 . GLU A 1 26  ? -12.689 -10.302 9.585   1.00 57.10 ? 26  GLU A OE2 1 
ATOM   209  N  N   . ILE A 1 27  ? -10.755 -13.425 6.403   1.00 31.59 ? 27  ILE A N   1 
ATOM   210  C  CA  . ILE A 1 27  ? -9.769  -12.786 5.552   1.00 30.48 ? 27  ILE A CA  1 
ATOM   211  C  C   . ILE A 1 27  ? -10.465 -12.147 4.360   1.00 29.09 ? 27  ILE A C   1 
ATOM   212  O  O   . ILE A 1 27  ? -10.179 -10.995 4.020   1.00 30.50 ? 27  ILE A O   1 
ATOM   213  C  CB  . ILE A 1 27  ? -8.748  -13.807 5.031   1.00 31.02 ? 27  ILE A CB  1 
ATOM   214  C  CG1 . ILE A 1 27  ? -7.921  -14.366 6.182   1.00 27.66 ? 27  ILE A CG1 1 
ATOM   215  C  CG2 . ILE A 1 27  ? -7.872  -13.193 3.932   1.00 29.13 ? 27  ILE A CG2 1 
ATOM   216  C  CD1 . ILE A 1 27  ? -7.097  -13.330 6.908   1.00 30.47 ? 27  ILE A CD1 1 
ATOM   217  N  N   . GLN A 1 28  ? -11.434 -12.849 3.783   1.00 27.90 ? 28  GLN A N   1 
ATOM   218  C  CA  . GLN A 1 28  ? -12.134 -12.324 2.624   1.00 31.60 ? 28  GLN A CA  1 
ATOM   219  C  C   . GLN A 1 28  ? -13.018 -11.132 2.917   1.00 31.63 ? 28  GLN A C   1 
ATOM   220  O  O   . GLN A 1 28  ? -13.205 -10.279 2.041   1.00 33.83 ? 28  GLN A O   1 
ATOM   221  C  CB  . GLN A 1 28  ? -12.906 -13.437 1.928   1.00 31.99 ? 28  GLN A CB  1 
ATOM   222  C  CG  . GLN A 1 28  ? -12.000 -14.371 1.201   1.00 30.46 ? 28  GLN A CG  1 
ATOM   223  C  CD  . GLN A 1 28  ? -12.687 -15.613 0.785   1.00 31.38 ? 28  GLN A CD  1 
ATOM   224  O  OE1 . GLN A 1 28  ? -13.631 -16.046 1.438   1.00 33.22 ? 28  GLN A OE1 1 
ATOM   225  N  NE2 . GLN A 1 28  ? -12.236 -16.207 -0.304  1.00 33.80 ? 28  GLN A NE2 1 
ATOM   226  N  N   . ARG A 1 29  ? -13.557 -11.062 4.130   1.00 30.59 ? 29  ARG A N   1 
ATOM   227  C  CA  . ARG A 1 29  ? -14.376 -9.922  4.491   1.00 34.67 ? 29  ARG A CA  1 
ATOM   228  C  C   . ARG A 1 29  ? -13.447 -8.697  4.519   1.00 32.17 ? 29  ARG A C   1 
ATOM   229  O  O   . ARG A 1 29  ? -13.796 -7.621  4.021   1.00 33.95 ? 29  ARG A O   1 
ATOM   230  C  CB  . ARG A 1 29  ? -15.014 -10.146 5.852   1.00 41.44 ? 29  ARG A CB  1 
ATOM   231  C  CG  . ARG A 1 29  ? -15.932 -9.028  6.298   1.00 52.03 ? 29  ARG A CG  1 
ATOM   232  C  CD  . ARG A 1 29  ? -15.977 -8.986  7.810   1.00 63.26 ? 29  ARG A CD  1 
ATOM   233  N  NE  . ARG A 1 29  ? -16.756 -7.856  8.312   1.00 72.84 ? 29  ARG A NE  1 
ATOM   234  C  CZ  . ARG A 1 29  ? -17.443 -7.876  9.453   1.00 74.79 ? 29  ARG A CZ  1 
ATOM   235  N  NH1 . ARG A 1 29  ? -17.450 -8.974  10.213  1.00 73.31 ? 29  ARG A NH1 1 
ATOM   236  N  NH2 . ARG A 1 29  ? -18.143 -6.809  9.818   1.00 72.70 ? 29  ARG A NH2 1 
ATOM   237  N  N   . ILE A 1 30  ? -12.251 -8.886  5.077   1.00 28.93 ? 30  ILE A N   1 
ATOM   238  C  CA  . ILE A 1 30  ? -11.243 -7.832  5.169   1.00 26.63 ? 30  ILE A CA  1 
ATOM   239  C  C   . ILE A 1 30  ? -10.862 -7.346  3.764   1.00 27.65 ? 30  ILE A C   1 
ATOM   240  O  O   . ILE A 1 30  ? -10.801 -6.143  3.504   1.00 29.54 ? 30  ILE A O   1 
ATOM   241  C  CB  . ILE A 1 30  ? -10.004 -8.359  5.890   1.00 24.46 ? 30  ILE A CB  1 
ATOM   242  C  CG1 . ILE A 1 30  ? -10.369 -8.730  7.328   1.00 23.66 ? 30  ILE A CG1 1 
ATOM   243  C  CG2 . ILE A 1 30  ? -8.890  -7.333  5.863   1.00 21.32 ? 30  ILE A CG2 1 
ATOM   244  C  CD1 . ILE A 1 30  ? -9.223  -9.339  8.114   1.00 25.15 ? 30  ILE A CD1 1 
ATOM   245  N  N   . VAL A 1 31  ? -10.656 -8.288  2.855   1.00 26.38 ? 31  VAL A N   1 
ATOM   246  C  CA  . VAL A 1 31  ? -10.320 -7.980  1.481   1.00 25.31 ? 31  VAL A CA  1 
ATOM   247  C  C   . VAL A 1 31  ? -11.388 -7.065  0.874   1.00 24.51 ? 31  VAL A C   1 
ATOM   248  O  O   . VAL A 1 31  ? -11.076 -6.006  0.321   1.00 26.99 ? 31  VAL A O   1 
ATOM   249  C  CB  . VAL A 1 31  ? -10.203 -9.281  0.668   1.00 23.82 ? 31  VAL A CB  1 
ATOM   250  C  CG1 . VAL A 1 31  ? -10.041 -8.973  -0.819  1.00 25.80 ? 31  VAL A CG1 1 
ATOM   251  C  CG2 . VAL A 1 31  ? -9.020  -10.072 1.147   1.00 22.18 ? 31  VAL A CG2 1 
ATOM   252  N  N   . ASP A 1 32  ? -12.649 -7.429  1.053   1.00 22.67 ? 32  ASP A N   1 
ATOM   253  C  CA  . ASP A 1 32  ? -13.710 -6.633  0.483   1.00 26.35 ? 32  ASP A CA  1 
ATOM   254  C  C   . ASP A 1 32  ? -13.794 -5.297  1.173   1.00 26.00 ? 32  ASP A C   1 
ATOM   255  O  O   . ASP A 1 32  ? -14.001 -4.284  0.511   1.00 29.79 ? 32  ASP A O   1 
ATOM   256  C  CB  . ASP A 1 32  ? -15.036 -7.381  0.525   1.00 25.93 ? 32  ASP A CB  1 
ATOM   257  C  CG  . ASP A 1 32  ? -14.985 -8.685  -0.254  1.00 28.41 ? 32  ASP A CG  1 
ATOM   258  O  OD1 . ASP A 1 32  ? -14.329 -8.744  -1.330  1.00 31.51 ? 32  ASP A OD1 1 
ATOM   259  O  OD2 . ASP A 1 32  ? -15.580 -9.666  0.232   1.00 28.73 ? 32  ASP A OD2 1 
ATOM   260  N  N   . ASP A 1 33  ? -13.581 -5.280  2.485   1.00 22.85 ? 33  ASP A N   1 
ATOM   261  C  CA  . ASP A 1 33  ? -13.618 -4.034  3.224   1.00 25.03 ? 33  ASP A CA  1 
ATOM   262  C  C   . ASP A 1 33  ? -12.525 -3.102  2.714   1.00 27.08 ? 33  ASP A C   1 
ATOM   263  O  O   . ASP A 1 33  ? -12.757 -1.907  2.474   1.00 31.44 ? 33  ASP A O   1 
ATOM   264  C  CB  . ASP A 1 33  ? -13.462 -4.284  4.726   1.00 26.66 ? 33  ASP A CB  1 
ATOM   265  C  CG  . ASP A 1 33  ? -14.762 -4.702  5.385   1.00 27.29 ? 33  ASP A CG  1 
ATOM   266  O  OD1 . ASP A 1 33  ? -15.777 -4.826  4.656   1.00 26.18 ? 33  ASP A OD1 1 
ATOM   267  O  OD2 . ASP A 1 33  ? -14.769 -4.895  6.627   1.00 24.15 ? 33  ASP A OD2 1 
ATOM   268  N  N   . MET A 1 34  ? -11.370 -3.682  2.425   1.00 26.43 ? 34  MET A N   1 
ATOM   269  C  CA  . MET A 1 34  ? -10.223 -2.938  1.948   1.00 21.59 ? 34  MET A CA  1 
ATOM   270  C  C   . MET A 1 34  ? -10.471 -2.327  0.593   1.00 22.36 ? 34  MET A C   1 
ATOM   271  O  O   . MET A 1 34  ? -10.094 -1.176  0.363   1.00 26.17 ? 34  MET A O   1 
ATOM   272  C  CB  . MET A 1 34  ? -8.999  -3.838  1.919   1.00 17.95 ? 34  MET A CB  1 
ATOM   273  C  CG  . MET A 1 34  ? -8.435  -4.098  3.314   1.00 15.86 ? 34  MET A CG  1 
ATOM   274  S  SD  . MET A 1 34  ? -6.959  -5.084  3.382   1.00 17.05 ? 34  MET A SD  1 
ATOM   275  C  CE  . MET A 1 34  ? -5.757  -4.054  2.600   1.00 14.18 ? 34  MET A CE  1 
ATOM   276  N  N   . PHE A 1 35  ? -11.115 -3.077  -0.296  1.00 17.80 ? 35  PHE A N   1 
ATOM   277  C  CA  . PHE A 1 35  ? -11.410 -2.577  -1.633  1.00 23.49 ? 35  PHE A CA  1 
ATOM   278  C  C   . PHE A 1 35  ? -12.391 -1.413  -1.536  1.00 24.50 ? 35  PHE A C   1 
ATOM   279  O  O   . PHE A 1 35  ? -12.268 -0.413  -2.255  1.00 26.30 ? 35  PHE A O   1 
ATOM   280  C  CB  . PHE A 1 35  ? -12.015 -3.686  -2.501  1.00 22.51 ? 35  PHE A CB  1 
ATOM   281  C  CG  . PHE A 1 35  ? -10.989 -4.506  -3.242  1.00 18.90 ? 35  PHE A CG  1 
ATOM   282  C  CD1 . PHE A 1 35  ? -10.223 -3.936  -4.245  1.00 13.45 ? 35  PHE A CD1 1 
ATOM   283  C  CD2 . PHE A 1 35  ? -10.829 -5.862  -2.965  1.00 23.84 ? 35  PHE A CD2 1 
ATOM   284  C  CE1 . PHE A 1 35  ? -9.308  -4.687  -4.957  1.00 18.46 ? 35  PHE A CE1 1 
ATOM   285  C  CE2 . PHE A 1 35  ? -9.910  -6.630  -3.675  1.00 24.07 ? 35  PHE A CE2 1 
ATOM   286  C  CZ  . PHE A 1 35  ? -9.150  -6.041  -4.682  1.00 21.03 ? 35  PHE A CZ  1 
ATOM   287  N  N   . GLU A 1 36  ? -13.368 -1.548  -0.643  1.00 26.38 ? 36  GLU A N   1 
ATOM   288  C  CA  . GLU A 1 36  ? -14.366 -0.513  -0.450  1.00 29.49 ? 36  GLU A CA  1 
ATOM   289  C  C   . GLU A 1 36  ? -13.720 0.780   0.035   1.00 26.53 ? 36  GLU A C   1 
ATOM   290  O  O   . GLU A 1 36  ? -14.076 1.887   -0.393  1.00 25.61 ? 36  GLU A O   1 
ATOM   291  C  CB  . GLU A 1 36  ? -15.410 -0.988  0.547   1.00 32.91 ? 36  GLU A CB  1 
ATOM   292  C  CG  . GLU A 1 36  ? -16.749 -0.369  0.286   1.00 45.62 ? 36  GLU A CG  1 
ATOM   293  C  CD  . GLU A 1 36  ? -17.794 -0.796  1.289   1.00 51.51 ? 36  GLU A CD  1 
ATOM   294  O  OE1 . GLU A 1 36  ? -18.014 -2.028  1.424   1.00 51.49 ? 36  GLU A OE1 1 
ATOM   295  O  OE2 . GLU A 1 36  ? -18.387 0.113   1.927   1.00 52.42 ? 36  GLU A OE2 1 
ATOM   296  N  N   . THR A 1 37  ? -12.767 0.631   0.935   1.00 18.81 ? 37  THR A N   1 
ATOM   297  C  CA  . THR A 1 37  ? -12.084 1.783   1.463   1.00 20.25 ? 37  THR A CA  1 
ATOM   298  C  C   . THR A 1 37  ? -11.244 2.441   0.391   1.00 24.15 ? 37  THR A C   1 
ATOM   299  O  O   . THR A 1 37  ? -11.279 3.658   0.231   1.00 29.95 ? 37  THR A O   1 
ATOM   300  C  CB  . THR A 1 37  ? -11.178 1.402   2.605   1.00 21.01 ? 37  THR A CB  1 
ATOM   301  O  OG1 . THR A 1 37  ? -11.915 0.612   3.554   1.00 21.57 ? 37  THR A OG1 1 
ATOM   302  C  CG2 . THR A 1 37  ? -10.610 2.678   3.283   1.00 21.50 ? 37  THR A CG2 1 
ATOM   303  N  N   . MET A 1 38  ? -10.510 1.637   -0.360  1.00 21.89 ? 38  MET A N   1 
ATOM   304  C  CA  . MET A 1 38  ? -9.655  2.154   -1.410  1.00 19.28 ? 38  MET A CA  1 
ATOM   305  C  C   . MET A 1 38  ? -10.457 2.878   -2.516  1.00 19.01 ? 38  MET A C   1 
ATOM   306  O  O   . MET A 1 38  ? -10.089 3.978   -2.966  1.00 18.90 ? 38  MET A O   1 
ATOM   307  C  CB  . MET A 1 38  ? -8.776  1.026   -1.973  1.00 19.91 ? 38  MET A CB  1 
ATOM   308  C  CG  . MET A 1 38  ? -7.838  1.457   -3.100  1.00 17.77 ? 38  MET A CG  1 
ATOM   309  S  SD  . MET A 1 38  ? -7.332  0.081   -4.147  1.00 23.98 ? 38  MET A SD  1 
ATOM   310  C  CE  . MET A 1 38  ? -8.855  -0.417  -4.804  1.00 20.66 ? 38  MET A CE  1 
ATOM   311  N  N   . TYR A 1 39  ? -11.554 2.280   -2.956  1.00 18.59 ? 39  TYR A N   1 
ATOM   312  C  CA  . TYR A 1 39  ? -12.356 2.926   -3.981  1.00 22.39 ? 39  TYR A CA  1 
ATOM   313  C  C   . TYR A 1 39  ? -12.950 4.239   -3.429  1.00 24.85 ? 39  TYR A C   1 
ATOM   314  O  O   . TYR A 1 39  ? -12.894 5.285   -4.092  1.00 24.57 ? 39  TYR A O   1 
ATOM   315  C  CB  . TYR A 1 39  ? -13.451 1.972   -4.522  1.00 21.28 ? 39  TYR A CB  1 
ATOM   316  C  CG  . TYR A 1 39  ? -12.919 0.835   -5.366  1.00 17.51 ? 39  TYR A CG  1 
ATOM   317  C  CD1 . TYR A 1 39  ? -12.156 1.077   -6.505  1.00 18.86 ? 39  TYR A CD1 1 
ATOM   318  C  CD2 . TYR A 1 39  ? -13.175 -0.485  -5.017  1.00 18.71 ? 39  TYR A CD2 1 
ATOM   319  C  CE1 . TYR A 1 39  ? -11.653 0.029   -7.261  1.00 15.40 ? 39  TYR A CE1 1 
ATOM   320  C  CE2 . TYR A 1 39  ? -12.681 -1.541  -5.772  1.00 15.17 ? 39  TYR A CE2 1 
ATOM   321  C  CZ  . TYR A 1 39  ? -11.916 -1.271  -6.886  1.00 14.64 ? 39  TYR A CZ  1 
ATOM   322  O  OH  . TYR A 1 39  ? -11.409 -2.317  -7.611  1.00 13.37 ? 39  TYR A OH  1 
ATOM   323  N  N   . ALA A 1 40  ? -13.425 4.193   -2.178  1.00 23.40 ? 40  ALA A N   1 
ATOM   324  C  CA  . ALA A 1 40  ? -14.022 5.345   -1.492  1.00 21.28 ? 40  ALA A CA  1 
ATOM   325  C  C   . ALA A 1 40  ? -13.072 6.546   -1.511  1.00 23.93 ? 40  ALA A C   1 
ATOM   326  O  O   . ALA A 1 40  ? -13.468 7.685   -1.791  1.00 27.99 ? 40  ALA A O   1 
ATOM   327  C  CB  . ALA A 1 40  ? -14.324 4.962   -0.045  1.00 18.06 ? 40  ALA A CB  1 
ATOM   328  N  N   . GLU A 1 41  ? -11.806 6.260   -1.264  1.00 25.77 ? 41  GLU A N   1 
ATOM   329  C  CA  . GLU A 1 41  ? -10.765 7.268   -1.206  1.00 24.51 ? 41  GLU A CA  1 
ATOM   330  C  C   . GLU A 1 41  ? -10.075 7.533   -2.528  1.00 22.33 ? 41  GLU A C   1 
ATOM   331  O  O   . GLU A 1 41  ? -9.170  8.366   -2.592  1.00 27.97 ? 41  GLU A O   1 
ATOM   332  C  CB  . GLU A 1 41  ? -9.744  6.839   -0.172  1.00 28.33 ? 41  GLU A CB  1 
ATOM   333  C  CG  . GLU A 1 41  ? -10.375 6.341   1.104   1.00 34.14 ? 41  GLU A CG  1 
ATOM   334  C  CD  . GLU A 1 41  ? -10.639 7.447   2.073   1.00 40.30 ? 41  GLU A CD  1 
ATOM   335  O  OE1 . GLU A 1 41  ? -11.588 8.218   1.819   1.00 42.34 ? 41  GLU A OE1 1 
ATOM   336  O  OE2 . GLU A 1 41  ? -9.898  7.518   3.085   1.00 39.91 ? 41  GLU A OE2 1 
ATOM   337  N  N   . GLU A 1 42  ? -10.501 6.852   -3.583  1.00 20.39 ? 42  GLU A N   1 
ATOM   338  C  CA  . GLU A 1 42  ? -9.890  7.037   -4.904  1.00 25.05 ? 42  GLU A CA  1 
ATOM   339  C  C   . GLU A 1 42  ? -8.407  6.662   -4.954  1.00 27.30 ? 42  GLU A C   1 
ATOM   340  O  O   . GLU A 1 42  ? -7.622  7.261   -5.705  1.00 27.11 ? 42  GLU A O   1 
ATOM   341  C  CB  . GLU A 1 42  ? -10.085 8.471   -5.415  1.00 19.41 ? 42  GLU A CB  1 
ATOM   342  C  CG  . GLU A 1 42  ? -11.556 8.901   -5.552  1.00 25.34 ? 42  GLU A CG  1 
ATOM   343  C  CD  . GLU A 1 42  ? -11.718 10.234  -6.290  1.00 27.90 ? 42  GLU A CD  1 
ATOM   344  O  OE1 . GLU A 1 42  ? -11.660 11.306  -5.633  1.00 29.80 ? 42  GLU A OE1 1 
ATOM   345  O  OE2 . GLU A 1 42  ? -11.943 10.186  -7.517  1.00 32.09 ? 42  GLU A OE2 1 
ATOM   346  N  N   . GLY A 1 43  ? -8.020  5.696   -4.124  1.00 24.90 ? 43  GLY A N   1 
ATOM   347  C  CA  . GLY A 1 43  ? -6.639  5.250   -4.117  1.00 22.17 ? 43  GLY A CA  1 
ATOM   348  C  C   . GLY A 1 43  ? -6.498  4.141   -5.132  1.00 19.09 ? 43  GLY A C   1 
ATOM   349  O  O   . GLY A 1 43  ? -7.498  3.529   -5.500  1.00 16.63 ? 43  GLY A O   1 
ATOM   350  N  N   . ILE A 1 44  ? -5.275  3.907   -5.606  1.00 16.88 ? 44  ILE A N   1 
ATOM   351  C  CA  . ILE A 1 44  ? -5.029  2.828   -6.577  1.00 17.23 ? 44  ILE A CA  1 
ATOM   352  C  C   . ILE A 1 44  ? -4.550  1.527   -5.903  1.00 17.19 ? 44  ILE A C   1 
ATOM   353  O  O   . ILE A 1 44  ? -4.358  0.501   -6.550  1.00 20.59 ? 44  ILE A O   1 
ATOM   354  C  CB  . ILE A 1 44  ? -4.072  3.261   -7.749  1.00 15.90 ? 44  ILE A CB  1 
ATOM   355  C  CG1 . ILE A 1 44  ? -2.624  3.415   -7.270  1.00 18.05 ? 44  ILE A CG1 1 
ATOM   356  C  CG2 . ILE A 1 44  ? -4.497  4.579   -8.330  1.00 14.81 ? 44  ILE A CG2 1 
ATOM   357  C  CD1 . ILE A 1 44  ? -1.632  3.850   -8.375  1.00 13.89 ? 44  ILE A CD1 1 
ATOM   358  N  N   . GLY A 1 45  ? -4.356  1.579   -4.597  1.00 16.83 ? 45  GLY A N   1 
ATOM   359  C  CA  . GLY A 1 45  ? -3.929  0.407   -3.857  1.00 16.28 ? 45  GLY A CA  1 
ATOM   360  C  C   . GLY A 1 45  ? -4.174  0.637   -2.375  1.00 17.60 ? 45  GLY A C   1 
ATOM   361  O  O   . GLY A 1 45  ? -4.559  1.737   -1.971  1.00 20.29 ? 45  GLY A O   1 
ATOM   362  N  N   . LEU A 1 46  ? -3.979  -0.396  -1.568  1.00 18.92 ? 46  LEU A N   1 
ATOM   363  C  CA  . LEU A 1 46  ? -4.161  -0.273  -0.116  1.00 19.45 ? 46  LEU A CA  1 
ATOM   364  C  C   . LEU A 1 46  ? -3.578  -1.445  0.654   1.00 17.28 ? 46  LEU A C   1 
ATOM   365  O  O   . LEU A 1 46  ? -3.927  -2.600  0.406   1.00 19.54 ? 46  LEU A O   1 
ATOM   366  C  CB  . LEU A 1 46  ? -5.652  -0.154  0.232   1.00 17.80 ? 46  LEU A CB  1 
ATOM   367  C  CG  . LEU A 1 46  ? -5.921  0.137   1.708   1.00 21.25 ? 46  LEU A CG  1 
ATOM   368  C  CD1 . LEU A 1 46  ? -5.711  1.611   2.002   1.00 18.81 ? 46  LEU A CD1 1 
ATOM   369  C  CD2 . LEU A 1 46  ? -7.330  -0.227  2.069   1.00 21.97 ? 46  LEU A CD2 1 
ATOM   370  N  N   . ALA A 1 47  ? -2.660  -1.159  1.559   1.00 14.98 ? 47  ALA A N   1 
ATOM   371  C  CA  . ALA A 1 47  ? -2.055  -2.210  2.389   1.00 19.05 ? 47  ALA A CA  1 
ATOM   372  C  C   . ALA A 1 47  ? -2.831  -2.335  3.700   1.00 20.03 ? 47  ALA A C   1 
ATOM   373  O  O   . ALA A 1 47  ? -3.260  -1.326  4.277   1.00 23.60 ? 47  ALA A O   1 
ATOM   374  C  CB  . ALA A 1 47  ? -0.624  -1.916  2.658   1.00 14.61 ? 47  ALA A CB  1 
ATOM   375  N  N   . ALA A 1 48  ? -3.018  -3.566  4.177   1.00 21.39 ? 48  ALA A N   1 
ATOM   376  C  CA  . ALA A 1 48  ? -3.783  -3.812  5.421   1.00 20.30 ? 48  ALA A CA  1 
ATOM   377  C  C   . ALA A 1 48  ? -3.286  -2.989  6.594   1.00 18.10 ? 48  ALA A C   1 
ATOM   378  O  O   . ALA A 1 48  ? -4.084  -2.524  7.404   1.00 15.99 ? 48  ALA A O   1 
ATOM   379  C  CB  . ALA A 1 48  ? -3.784  -5.292  5.775   1.00 22.21 ? 48  ALA A CB  1 
ATOM   380  N  N   . THR A 1 49  ? -1.982  -2.739  6.624   1.00 18.14 ? 49  THR A N   1 
ATOM   381  C  CA  . THR A 1 49  ? -1.365  -1.974  7.699   1.00 21.81 ? 49  THR A CA  1 
ATOM   382  C  C   . THR A 1 49  ? -1.961  -0.579  7.852   1.00 22.91 ? 49  THR A C   1 
ATOM   383  O  O   . THR A 1 49  ? -2.119  -0.087  8.974   1.00 23.72 ? 49  THR A O   1 
ATOM   384  C  CB  . THR A 1 49  ? 0.152   -1.862  7.503   1.00 25.45 ? 49  THR A CB  1 
ATOM   385  O  OG1 . THR A 1 49  ? 0.711   -3.172  7.328   1.00 30.45 ? 49  THR A OG1 1 
ATOM   386  C  CG2 . THR A 1 49  ? 0.806   -1.212  8.724   1.00 24.64 ? 49  THR A CG2 1 
ATOM   387  N  N   . GLN A 1 50  ? -2.353  0.025   6.728   1.00 22.12 ? 50  GLN A N   1 
ATOM   388  C  CA  . GLN A 1 50  ? -2.940  1.354   6.731   1.00 20.28 ? 50  GLN A CA  1 
ATOM   389  C  C   . GLN A 1 50  ? -4.269  1.408   7.461   1.00 20.04 ? 50  GLN A C   1 
ATOM   390  O  O   . GLN A 1 50  ? -4.610  2.432   8.036   1.00 20.84 ? 50  GLN A O   1 
ATOM   391  C  CB  . GLN A 1 50  ? -3.135  1.853   5.304   1.00 19.55 ? 50  GLN A CB  1 
ATOM   392  C  CG  . GLN A 1 50  ? -1.865  2.054   4.521   1.00 18.94 ? 50  GLN A CG  1 
ATOM   393  C  CD  . GLN A 1 50  ? -2.160  2.430   3.082   1.00 23.74 ? 50  GLN A CD  1 
ATOM   394  O  OE1 . GLN A 1 50  ? -2.231  1.576   2.216   1.00 28.14 ? 50  GLN A OE1 1 
ATOM   395  N  NE2 . GLN A 1 50  ? -2.339  3.716   2.825   1.00 28.23 ? 50  GLN A NE2 1 
ATOM   396  N  N   . VAL A 1 51  ? -5.025  0.318   7.436   1.00 19.77 ? 51  VAL A N   1 
ATOM   397  C  CA  . VAL A 1 51  ? -6.315  0.292   8.120   1.00 25.38 ? 51  VAL A CA  1 
ATOM   398  C  C   . VAL A 1 51  ? -6.240  -0.411  9.469   1.00 31.06 ? 51  VAL A C   1 
ATOM   399  O  O   . VAL A 1 51  ? -7.260  -0.869  9.993   1.00 34.44 ? 51  VAL A O   1 
ATOM   400  C  CB  . VAL A 1 51  ? -7.423  -0.371  7.278   1.00 22.57 ? 51  VAL A CB  1 
ATOM   401  C  CG1 . VAL A 1 51  ? -7.692  0.455   6.041   1.00 28.20 ? 51  VAL A CG1 1 
ATOM   402  C  CG2 . VAL A 1 51  ? -7.046  -1.782  6.915   1.00 23.36 ? 51  VAL A CG2 1 
ATOM   403  N  N   . ASP A 1 52  ? -5.029  -0.517  10.010  1.00 31.50 ? 52  ASP A N   1 
ATOM   404  C  CA  . ASP A 1 52  ? -4.781  -1.149  11.313  1.00 29.37 ? 52  ASP A CA  1 
ATOM   405  C  C   . ASP A 1 52  ? -5.085  -2.651  11.439  1.00 28.79 ? 52  ASP A C   1 
ATOM   406  O  O   . ASP A 1 52  ? -5.545  -3.109  12.471  1.00 35.10 ? 52  ASP A O   1 
ATOM   407  C  CB  . ASP A 1 52  ? -5.489  -0.338  12.418  1.00 30.51 ? 52  ASP A CB  1 
ATOM   408  C  CG  . ASP A 1 52  ? -5.003  -0.668  13.843  1.00 31.55 ? 52  ASP A CG  1 
ATOM   409  O  OD1 . ASP A 1 52  ? -3.803  -0.971  14.058  1.00 30.68 ? 52  ASP A OD1 1 
ATOM   410  O  OD2 . ASP A 1 52  ? -5.859  -0.606  14.754  1.00 27.52 ? 52  ASP A OD2 1 
ATOM   411  N  N   . ILE A 1 53  ? -4.780  -3.425  10.406  1.00 27.11 ? 53  ILE A N   1 
ATOM   412  C  CA  . ILE A 1 53  ? -4.957  -4.879  10.442  1.00 21.92 ? 53  ILE A CA  1 
ATOM   413  C  C   . ILE A 1 53  ? -3.579  -5.361  10.047  1.00 26.58 ? 53  ILE A C   1 
ATOM   414  O  O   . ILE A 1 53  ? -3.162  -5.233  8.895   1.00 27.66 ? 53  ILE A O   1 
ATOM   415  C  CB  . ILE A 1 53  ? -5.947  -5.396  9.427   1.00 18.34 ? 53  ILE A CB  1 
ATOM   416  C  CG1 . ILE A 1 53  ? -7.349  -4.938  9.803   1.00 18.21 ? 53  ILE A CG1 1 
ATOM   417  C  CG2 . ILE A 1 53  ? -5.829  -6.909  9.347   1.00 11.04 ? 53  ILE A CG2 1 
ATOM   418  C  CD1 . ILE A 1 53  ? -8.397  -5.287  8.794   1.00 19.04 ? 53  ILE A CD1 1 
ATOM   419  N  N   . HIS A 1 54  ? -2.890  -5.957  11.005  1.00 27.75 ? 54  HIS A N   1 
ATOM   420  C  CA  . HIS A 1 54  ? -1.519  -6.377  10.800  1.00 28.61 ? 54  HIS A CA  1 
ATOM   421  C  C   . HIS A 1 54  ? -1.261  -7.758  10.225  1.00 29.89 ? 54  HIS A C   1 
ATOM   422  O  O   . HIS A 1 54  ? -0.657  -8.616  10.872  1.00 28.05 ? 54  HIS A O   1 
ATOM   423  C  CB  . HIS A 1 54  ? -0.748  -6.100  12.091  1.00 30.63 ? 54  HIS A CB  1 
ATOM   424  C  CG  . HIS A 1 54  ? -0.938  -4.709  12.580  1.00 37.37 ? 54  HIS A CG  1 
ATOM   425  N  ND1 . HIS A 1 54  ? -1.796  -4.401  13.634  1.00 39.80 ? 54  HIS A ND1 1 
ATOM   426  C  CD2 . HIS A 1 54  ? -0.495  -3.516  12.123  1.00 41.47 ? 54  HIS A CD2 1 
ATOM   427  C  CE1 . HIS A 1 54  ? -1.861  -3.094  13.785  1.00 41.93 ? 54  HIS A CE1 1 
ATOM   428  N  NE2 . HIS A 1 54  ? -1.076  -2.524  12.867  1.00 42.09 ? 54  HIS A NE2 1 
ATOM   429  N  N   . GLN A 1 55  ? -1.661  -7.927  8.968   1.00 27.84 ? 55  GLN A N   1 
ATOM   430  C  CA  . GLN A 1 55  ? -1.498  -9.176  8.240   1.00 26.84 ? 55  GLN A CA  1 
ATOM   431  C  C   . GLN A 1 55  ? -1.062  -8.835  6.820   1.00 28.59 ? 55  GLN A C   1 
ATOM   432  O  O   . GLN A 1 55  ? -1.392  -7.765  6.295   1.00 31.96 ? 55  GLN A O   1 
ATOM   433  C  CB  . GLN A 1 55  ? -2.811  -9.935  8.232   1.00 25.91 ? 55  GLN A CB  1 
ATOM   434  C  CG  . GLN A 1 55  ? -3.300  -10.224 9.624   1.00 24.53 ? 55  GLN A CG  1 
ATOM   435  C  CD  . GLN A 1 55  ? -4.360  -11.281 9.664   1.00 25.03 ? 55  GLN A CD  1 
ATOM   436  O  OE1 . GLN A 1 55  ? -4.095  -12.447 9.362   1.00 28.83 ? 55  GLN A OE1 1 
ATOM   437  N  NE2 . GLN A 1 55  ? -5.570  -10.893 10.074  1.00 27.87 ? 55  GLN A NE2 1 
ATOM   438  N  N   . ARG A 1 56  ? -0.340  -9.741  6.182   1.00 28.45 ? 56  ARG A N   1 
ATOM   439  C  CA  . ARG A 1 56  ? 0.139   -9.473  4.834   1.00 27.44 ? 56  ARG A CA  1 
ATOM   440  C  C   . ARG A 1 56  ? -0.984  -9.542  3.793   1.00 27.06 ? 56  ARG A C   1 
ATOM   441  O  O   . ARG A 1 56  ? -1.226  -10.608 3.205   1.00 30.11 ? 56  ARG A O   1 
ATOM   442  C  CB  . ARG A 1 56  ? 1.319   -10.414 4.509   1.00 25.90 ? 56  ARG A CB  1 
ATOM   443  C  CG  . ARG A 1 56  ? 2.514   -10.223 5.478   1.00 21.68 ? 56  ARG A CG  1 
ATOM   444  C  CD  . ARG A 1 56  ? 3.734   -11.094 5.188   1.00 22.49 ? 56  ARG A CD  1 
ATOM   445  N  NE  . ARG A 1 56  ? 4.250   -10.901 3.828   1.00 31.93 ? 56  ARG A NE  1 
ATOM   446  C  CZ  . ARG A 1 56  ? 4.903   -9.816  3.397   1.00 37.47 ? 56  ARG A CZ  1 
ATOM   447  N  NH1 . ARG A 1 56  ? 5.126   -8.768  4.203   1.00 36.21 ? 56  ARG A NH1 1 
ATOM   448  N  NH2 . ARG A 1 56  ? 5.328   -9.765  2.132   1.00 35.89 ? 56  ARG A NH2 1 
ATOM   449  N  N   . ILE A 1 57  ? -1.698  -8.422  3.604   1.00 25.59 ? 57  ILE A N   1 
ATOM   450  C  CA  . ILE A 1 57  ? -2.801  -8.331  2.630   1.00 21.77 ? 57  ILE A CA  1 
ATOM   451  C  C   . ILE A 1 57  ? -2.752  -7.015  1.870   1.00 19.12 ? 57  ILE A C   1 
ATOM   452  O  O   . ILE A 1 57  ? -2.601  -5.948  2.476   1.00 20.60 ? 57  ILE A O   1 
ATOM   453  C  CB  . ILE A 1 57  ? -4.189  -8.431  3.326   1.00 22.26 ? 57  ILE A CB  1 
ATOM   454  C  CG1 . ILE A 1 57  ? -4.214  -9.627  4.284   1.00 12.81 ? 57  ILE A CG1 1 
ATOM   455  C  CG2 . ILE A 1 57  ? -5.311  -8.574  2.278   1.00 17.90 ? 57  ILE A CG2 1 
ATOM   456  C  CD1 . ILE A 1 57  ? -5.439  -9.698  5.140   1.00 9.68  ? 57  ILE A CD1 1 
ATOM   457  N  N   . ILE A 1 58  ? -2.904  -7.086  0.553   1.00 18.77 ? 58  ILE A N   1 
ATOM   458  C  CA  . ILE A 1 58  ? -2.859  -5.888  -0.282  1.00 18.75 ? 58  ILE A CA  1 
ATOM   459  C  C   . ILE A 1 58  ? -3.938  -5.989  -1.340  1.00 17.48 ? 58  ILE A C   1 
ATOM   460  O  O   . ILE A 1 58  ? -4.207  -7.089  -1.846  1.00 19.27 ? 58  ILE A O   1 
ATOM   461  C  CB  . ILE A 1 58  ? -1.502  -5.791  -1.005  1.00 18.52 ? 58  ILE A CB  1 
ATOM   462  C  CG1 . ILE A 1 58  ? -0.372  -5.717  0.016   1.00 16.29 ? 58  ILE A CG1 1 
ATOM   463  C  CG2 . ILE A 1 58  ? -1.499  -4.631  -1.955  1.00 19.86 ? 58  ILE A CG2 1 
ATOM   464  C  CD1 . ILE A 1 58  ? 0.979   -5.613  -0.592  1.00 17.69 ? 58  ILE A CD1 1 
ATOM   465  N  N   . VAL A 1 59  ? -4.551  -4.854  -1.682  1.00 17.08 ? 59  VAL A N   1 
ATOM   466  C  CA  . VAL A 1 59  ? -5.597  -4.807  -2.708  1.00 15.83 ? 59  VAL A CA  1 
ATOM   467  C  C   . VAL A 1 59  ? -5.124  -3.739  -3.687  1.00 15.81 ? 59  VAL A C   1 
ATOM   468  O  O   . VAL A 1 59  ? -4.496  -2.751  -3.271  1.00 15.52 ? 59  VAL A O   1 
ATOM   469  C  CB  . VAL A 1 59  ? -6.964  -4.423  -2.091  1.00 16.24 ? 59  VAL A CB  1 
ATOM   470  C  CG1 . VAL A 1 59  ? -7.432  -5.494  -1.104  1.00 7.47  ? 59  VAL A CG1 1 
ATOM   471  C  CG2 . VAL A 1 59  ? -6.864  -3.066  -1.378  1.00 14.58 ? 59  VAL A CG2 1 
ATOM   472  N  N   . ILE A 1 60  ? -5.387  -3.936  -4.978  1.00 16.88 ? 60  ILE A N   1 
ATOM   473  C  CA  . ILE A 1 60  ? -4.917  -2.990  -5.984  1.00 20.18 ? 60  ILE A CA  1 
ATOM   474  C  C   . ILE A 1 60  ? -5.889  -2.884  -7.166  1.00 23.93 ? 60  ILE A C   1 
ATOM   475  O  O   . ILE A 1 60  ? -6.631  -3.829  -7.474  1.00 19.60 ? 60  ILE A O   1 
ATOM   476  C  CB  . ILE A 1 60  ? -3.524  -3.459  -6.557  1.00 20.33 ? 60  ILE A CB  1 
ATOM   477  C  CG1 . ILE A 1 60  ? -2.452  -3.476  -5.472  1.00 23.14 ? 60  ILE A CG1 1 
ATOM   478  C  CG2 . ILE A 1 60  ? -3.053  -2.590  -7.718  1.00 19.13 ? 60  ILE A CG2 1 
ATOM   479  C  CD1 . ILE A 1 60  ? -1.072  -3.897  -5.964  1.00 29.25 ? 60  ILE A CD1 1 
ATOM   480  N  N   . ASP A 1 61  ? -5.914  -1.698  -7.780  1.00 25.46 ? 61  ASP A N   1 
ATOM   481  C  CA  . ASP A 1 61  ? -6.690  -1.418  -8.985  1.00 24.80 ? 61  ASP A CA  1 
ATOM   482  C  C   . ASP A 1 61  ? -6.093  -0.192  -9.712  1.00 25.26 ? 61  ASP A C   1 
ATOM   483  O  O   . ASP A 1 61  ? -6.364  0.972   -9.389  1.00 24.85 ? 61  ASP A O   1 
ATOM   484  C  CB  . ASP A 1 61  ? -8.191  -1.270  -8.718  1.00 24.44 ? 61  ASP A CB  1 
ATOM   485  C  CG  . ASP A 1 61  ? -9.002  -1.351  -10.003 1.00 24.65 ? 61  ASP A CG  1 
ATOM   486  O  OD1 . ASP A 1 61  ? -8.404  -1.330  -11.104 1.00 24.45 ? 61  ASP A OD1 1 
ATOM   487  O  OD2 . ASP A 1 61  ? -10.230 -1.440  -9.937  1.00 25.14 ? 61  ASP A OD2 1 
ATOM   488  N  N   . VAL A 1 62  ? -5.240  -0.499  -10.684 1.00 26.41 ? 62  VAL A N   1 
ATOM   489  C  CA  . VAL A 1 62  ? -4.540  0.496   -11.482 1.00 24.22 ? 62  VAL A CA  1 
ATOM   490  C  C   . VAL A 1 62  ? -5.168  0.754   -12.872 1.00 23.78 ? 62  VAL A C   1 
ATOM   491  O  O   . VAL A 1 62  ? -4.582  1.463   -13.723 1.00 25.73 ? 62  VAL A O   1 
ATOM   492  C  CB  . VAL A 1 62  ? -3.057  0.087   -11.599 1.00 20.30 ? 62  VAL A CB  1 
ATOM   493  C  CG1 . VAL A 1 62  ? -2.439  0.055   -10.234 1.00 20.34 ? 62  VAL A CG1 1 
ATOM   494  C  CG2 . VAL A 1 62  ? -2.934  -1.272  -12.239 1.00 21.06 ? 62  VAL A CG2 1 
ATOM   495  N  N   . SER A 1 63  ? -6.396  0.266   -13.061 1.00 21.29 ? 63  SER A N   1 
ATOM   496  C  CA  . SER A 1 63  ? -7.115  0.393   -14.328 1.00 23.03 ? 63  SER A CA  1 
ATOM   497  C  C   . SER A 1 63  ? -7.868  1.718   -14.435 1.00 25.55 ? 63  SER A C   1 
ATOM   498  O  O   . SER A 1 63  ? -8.264  2.277   -13.427 1.00 29.08 ? 63  SER A O   1 
ATOM   499  C  CB  . SER A 1 63  ? -8.112  -0.757  -14.445 1.00 22.85 ? 63  SER A CB  1 
ATOM   500  O  OG  . SER A 1 63  ? -9.105  -0.688  -13.428 1.00 22.07 ? 63  SER A OG  1 
ATOM   501  N  N   . GLU A 1 64  ? -8.123  2.188   -15.659 1.00 28.71 ? 64  GLU A N   1 
ATOM   502  C  CA  . GLU A 1 64  ? -8.857  3.440   -15.859 1.00 33.09 ? 64  GLU A CA  1 
ATOM   503  C  C   . GLU A 1 64  ? -10.312 3.243   -15.465 1.00 34.66 ? 64  GLU A C   1 
ATOM   504  O  O   . GLU A 1 64  ? -10.911 4.064   -14.753 1.00 36.18 ? 64  GLU A O   1 
ATOM   505  C  CB  . GLU A 1 64  ? -8.789  3.928   -17.318 1.00 31.61 ? 64  GLU A CB  1 
ATOM   506  C  CG  . GLU A 1 64  ? -7.494  4.655   -17.696 1.00 42.61 ? 64  GLU A CG  1 
ATOM   507  C  CD  . GLU A 1 64  ? -7.088  5.810   -16.724 1.00 50.43 ? 64  GLU A CD  1 
ATOM   508  O  OE1 . GLU A 1 64  ? -7.876  6.789   -16.517 1.00 47.02 ? 64  GLU A OE1 1 
ATOM   509  O  OE2 . GLU A 1 64  ? -5.958  5.733   -16.169 1.00 54.19 ? 64  GLU A OE2 1 
ATOM   510  N  N   . ASN A 1 65  ? -10.863 2.113   -15.895 1.00 33.40 ? 65  ASN A N   1 
ATOM   511  C  CA  . ASN A 1 65  ? -12.253 1.808   -15.615 1.00 31.38 ? 65  ASN A CA  1 
ATOM   512  C  C   . ASN A 1 65  ? -12.579 1.438   -14.183 1.00 30.92 ? 65  ASN A C   1 
ATOM   513  O  O   . ASN A 1 65  ? -13.742 1.271   -13.838 1.00 33.47 ? 65  ASN A O   1 
ATOM   514  C  CB  . ASN A 1 65  ? -12.760 0.757   -16.593 1.00 33.69 ? 65  ASN A CB  1 
ATOM   515  C  CG  . ASN A 1 65  ? -12.866 1.303   -18.027 1.00 42.77 ? 65  ASN A CG  1 
ATOM   516  O  OD1 . ASN A 1 65  ? -13.004 2.517   -18.234 1.00 44.59 ? 65  ASN A OD1 1 
ATOM   517  N  ND2 . ASN A 1 65  ? -12.788 0.413   -19.019 1.00 43.60 ? 65  ASN A ND2 1 
ATOM   518  N  N   . ARG A 1 66  ? -11.542 1.337   -13.351 1.00 29.09 ? 66  ARG A N   1 
ATOM   519  C  CA  . ARG A 1 66  ? -11.648 1.006   -11.928 1.00 26.33 ? 66  ARG A CA  1 
ATOM   520  C  C   . ARG A 1 66  ? -12.559 -0.153  -11.615 1.00 25.20 ? 66  ARG A C   1 
ATOM   521  O  O   . ARG A 1 66  ? -13.353 -0.090  -10.683 1.00 21.24 ? 66  ARG A O   1 
ATOM   522  C  CB  . ARG A 1 66  ? -12.081 2.218   -11.118 1.00 25.99 ? 66  ARG A CB  1 
ATOM   523  C  CG  . ARG A 1 66  ? -11.489 3.486   -11.606 1.00 28.59 ? 66  ARG A CG  1 
ATOM   524  C  CD  . ARG A 1 66  ? -10.983 4.279   -10.436 1.00 30.34 ? 66  ARG A CD  1 
ATOM   525  N  NE  . ARG A 1 66  ? -9.811  3.651   -9.843  1.00 32.84 ? 66  ARG A NE  1 
ATOM   526  C  CZ  . ARG A 1 66  ? -9.588  3.535   -8.531  1.00 33.72 ? 66  ARG A CZ  1 
ATOM   527  N  NH1 . ARG A 1 66  ? -10.452 3.999   -7.624  1.00 29.40 ? 66  ARG A NH1 1 
ATOM   528  N  NH2 . ARG A 1 66  ? -8.439  3.040   -8.125  1.00 30.86 ? 66  ARG A NH2 1 
ATOM   529  N  N   . ASP A 1 67  ? -12.365 -1.237  -12.354 1.00 29.59 ? 67  ASP A N   1 
ATOM   530  C  CA  . ASP A 1 67  ? -13.133 -2.466  -12.174 1.00 31.11 ? 67  ASP A CA  1 
ATOM   531  C  C   . ASP A 1 67  ? -12.270 -3.703  -12.319 1.00 29.62 ? 67  ASP A C   1 
ATOM   532  O  O   . ASP A 1 67  ? -12.793 -4.785  -12.548 1.00 31.17 ? 67  ASP A O   1 
ATOM   533  C  CB  . ASP A 1 67  ? -14.314 -2.546  -13.162 1.00 39.01 ? 67  ASP A CB  1 
ATOM   534  C  CG  . ASP A 1 67  ? -13.904 -2.263  -14.635 1.00 44.32 ? 67  ASP A CG  1 
ATOM   535  O  OD1 . ASP A 1 67  ? -12.695 -2.014  -14.933 1.00 45.00 ? 67  ASP A OD1 1 
ATOM   536  O  OD2 . ASP A 1 67  ? -14.817 -2.279  -15.508 1.00 40.77 ? 67  ASP A OD2 1 
ATOM   537  N  N   . GLU A 1 68  ? -10.955 -3.552  -12.161 1.00 26.80 ? 68  GLU A N   1 
ATOM   538  C  CA  . GLU A 1 68  ? -10.035 -4.680  -12.257 1.00 26.92 ? 68  GLU A CA  1 
ATOM   539  C  C   . GLU A 1 68  ? -9.276  -4.914  -10.946 1.00 24.45 ? 68  GLU A C   1 
ATOM   540  O  O   . GLU A 1 68  ? -8.211  -4.348  -10.701 1.00 26.85 ? 68  GLU A O   1 
ATOM   541  C  CB  . GLU A 1 68  ? -9.103  -4.504  -13.444 1.00 33.16 ? 68  GLU A CB  1 
ATOM   542  C  CG  . GLU A 1 68  ? -9.882  -4.589  -14.761 1.00 49.94 ? 68  GLU A CG  1 
ATOM   543  C  CD  . GLU A 1 68  ? -9.095  -4.138  -15.994 1.00 57.55 ? 68  GLU A CD  1 
ATOM   544  O  OE1 . GLU A 1 68  ? -7.839  -4.065  -15.910 1.00 57.28 ? 68  GLU A OE1 1 
ATOM   545  O  OE2 . GLU A 1 68  ? -9.747  -3.854  -17.040 1.00 59.08 ? 68  GLU A OE2 1 
ATOM   546  N  N   . ARG A 1 69  ? -9.884  -5.735  -10.094 1.00 20.62 ? 69  ARG A N   1 
ATOM   547  C  CA  . ARG A 1 69  ? -9.383  -6.096  -8.755  1.00 18.50 ? 69  ARG A CA  1 
ATOM   548  C  C   . ARG A 1 69  ? -8.190  -7.037  -8.645  1.00 18.36 ? 69  ARG A C   1 
ATOM   549  O  O   . ARG A 1 69  ? -8.309  -8.217  -8.953  1.00 21.16 ? 69  ARG A O   1 
ATOM   550  C  CB  . ARG A 1 69  ? -10.506 -6.727  -7.930  1.00 12.72 ? 69  ARG A CB  1 
ATOM   551  C  CG  . ARG A 1 69  ? -11.637 -5.836  -7.591  1.00 17.79 ? 69  ARG A CG  1 
ATOM   552  C  CD  . ARG A 1 69  ? -12.741 -6.607  -6.875  1.00 22.48 ? 69  ARG A CD  1 
ATOM   553  N  NE  . ARG A 1 69  ? -13.720 -5.690  -6.279  1.00 33.89 ? 69  ARG A NE  1 
ATOM   554  C  CZ  . ARG A 1 69  ? -14.284 -5.844  -5.075  1.00 36.34 ? 69  ARG A CZ  1 
ATOM   555  N  NH1 . ARG A 1 69  ? -13.986 -6.901  -4.315  1.00 39.86 ? 69  ARG A NH1 1 
ATOM   556  N  NH2 . ARG A 1 69  ? -15.085 -4.895  -4.586  1.00 35.56 ? 69  ARG A NH2 1 
ATOM   557  N  N   . LEU A 1 70  ? -7.108  -6.565  -8.039  1.00 18.68 ? 70  LEU A N   1 
ATOM   558  C  CA  . LEU A 1 70  ? -5.934  -7.409  -7.848  1.00 17.10 ? 70  LEU A CA  1 
ATOM   559  C  C   . LEU A 1 70  ? -5.730  -7.600  -6.359  1.00 18.99 ? 70  LEU A C   1 
ATOM   560  O  O   . LEU A 1 70  ? -5.752  -6.632  -5.598  1.00 22.33 ? 70  LEU A O   1 
ATOM   561  C  CB  . LEU A 1 70  ? -4.702  -6.788  -8.474  1.00 19.20 ? 70  LEU A CB  1 
ATOM   562  C  CG  . LEU A 1 70  ? -3.462  -7.660  -8.392  1.00 18.52 ? 70  LEU A CG  1 
ATOM   563  C  CD1 . LEU A 1 70  ? -3.614  -8.914  -9.229  1.00 19.89 ? 70  LEU A CD1 1 
ATOM   564  C  CD2 . LEU A 1 70  ? -2.311  -6.854  -8.872  1.00 25.11 ? 70  LEU A CD2 1 
ATOM   565  N  N   . VAL A 1 71  ? -5.597  -8.849  -5.931  1.00 22.40 ? 71  VAL A N   1 
ATOM   566  C  CA  . VAL A 1 71  ? -5.408  -9.160  -4.506  1.00 20.99 ? 71  VAL A CA  1 
ATOM   567  C  C   . VAL A 1 71  ? -4.119  -9.925  -4.281  1.00 22.92 ? 71  VAL A C   1 
ATOM   568  O  O   . VAL A 1 71  ? -3.876  -10.933 -4.954  1.00 22.52 ? 71  VAL A O   1 
ATOM   569  C  CB  . VAL A 1 71  ? -6.605  -9.961  -3.943  1.00 18.57 ? 71  VAL A CB  1 
ATOM   570  C  CG1 . VAL A 1 71  ? -6.272  -10.575 -2.600  1.00 17.15 ? 71  VAL A CG1 1 
ATOM   571  C  CG2 . VAL A 1 71  ? -7.773  -9.041  -3.800  1.00 18.84 ? 71  VAL A CG2 1 
ATOM   572  N  N   . LEU A 1 72  ? -3.282  -9.426  -3.371  1.00 20.91 ? 72  LEU A N   1 
ATOM   573  C  CA  . LEU A 1 72  ? -2.008  -10.069 -3.081  1.00 20.24 ? 72  LEU A CA  1 
ATOM   574  C  C   . LEU A 1 72  ? -1.920  -10.429 -1.604  1.00 21.49 ? 72  LEU A C   1 
ATOM   575  O  O   . LEU A 1 72  ? -1.708  -9.547  -0.754  1.00 24.08 ? 72  LEU A O   1 
ATOM   576  C  CB  . LEU A 1 72  ? -0.840  -9.150  -3.432  1.00 17.63 ? 72  LEU A CB  1 
ATOM   577  C  CG  . LEU A 1 72  ? -0.758  -8.481  -4.800  1.00 20.22 ? 72  LEU A CG  1 
ATOM   578  C  CD1 . LEU A 1 72  ? 0.455   -7.608  -4.848  1.00 20.36 ? 72  LEU A CD1 1 
ATOM   579  C  CD2 . LEU A 1 72  ? -0.715  -9.483  -5.929  1.00 24.01 ? 72  LEU A CD2 1 
ATOM   580  N  N   . ILE A 1 73  ? -2.172  -11.700 -1.289  1.00 19.74 ? 73  ILE A N   1 
ATOM   581  C  CA  . ILE A 1 73  ? -2.072  -12.169 0.082   1.00 14.82 ? 73  ILE A CA  1 
ATOM   582  C  C   . ILE A 1 73  ? -0.749  -12.896 0.223   1.00 19.35 ? 73  ILE A C   1 
ATOM   583  O  O   . ILE A 1 73  ? -0.472  -13.830 -0.535  1.00 20.66 ? 73  ILE A O   1 
ATOM   584  C  CB  . ILE A 1 73  ? -3.198  -13.111 0.464   1.00 8.80  ? 73  ILE A CB  1 
ATOM   585  C  CG1 . ILE A 1 73  ? -4.507  -12.341 0.490   1.00 10.83 ? 73  ILE A CG1 1 
ATOM   586  C  CG2 . ILE A 1 73  ? -2.923  -13.706 1.834   1.00 9.22  ? 73  ILE A CG2 1 
ATOM   587  C  CD1 . ILE A 1 73  ? -5.704  -13.185 0.661   1.00 6.78  ? 73  ILE A CD1 1 
ATOM   588  N  N   . ASN A 1 74  ? 0.045   -12.477 1.210   1.00 21.17 ? 74  ASN A N   1 
ATOM   589  C  CA  . ASN A 1 74  ? 1.378   -13.051 1.477   1.00 21.65 ? 74  ASN A CA  1 
ATOM   590  C  C   . ASN A 1 74  ? 2.286   -12.852 0.277   1.00 20.40 ? 74  ASN A C   1 
ATOM   591  O  O   . ASN A 1 74  ? 2.973   -13.793 -0.145  1.00 18.53 ? 74  ASN A O   1 
ATOM   592  C  CB  . ASN A 1 74  ? 1.318   -14.562 1.764   1.00 18.70 ? 74  ASN A CB  1 
ATOM   593  C  CG  . ASN A 1 74  ? 0.720   -14.882 3.093   1.00 20.91 ? 74  ASN A CG  1 
ATOM   594  O  OD1 . ASN A 1 74  ? 0.568   -14.029 3.964   1.00 16.30 ? 74  ASN A OD1 1 
ATOM   595  N  ND2 . ASN A 1 74  ? 0.396   -16.135 3.278   1.00 21.52 ? 74  ASN A ND2 1 
ATOM   596  N  N   . PRO A 1 75  ? 2.317   -11.625 -0.285  1.00 19.99 ? 75  PRO A N   1 
ATOM   597  C  CA  . PRO A 1 75  ? 3.187   -11.436 -1.443  1.00 20.29 ? 75  PRO A CA  1 
ATOM   598  C  C   . PRO A 1 75  ? 4.641   -11.778 -1.106  1.00 22.06 ? 75  PRO A C   1 
ATOM   599  O  O   . PRO A 1 75  ? 5.050   -11.816 0.059   1.00 22.79 ? 75  PRO A O   1 
ATOM   600  C  CB  . PRO A 1 75  ? 2.958   -9.964  -1.809  1.00 17.82 ? 75  PRO A CB  1 
ATOM   601  C  CG  . PRO A 1 75  ? 2.678   -9.329  -0.516  1.00 21.07 ? 75  PRO A CG  1 
ATOM   602  C  CD  . PRO A 1 75  ? 1.799   -10.332 0.205   1.00 20.65 ? 75  PRO A CD  1 
ATOM   603  N  N   . GLU A 1 76  ? 5.411   -12.012 -2.151  1.00 24.38 ? 76  GLU A N   1 
ATOM   604  C  CA  . GLU A 1 76  ? 6.793   -12.409 -2.028  1.00 24.33 ? 76  GLU A CA  1 
ATOM   605  C  C   . GLU A 1 76  ? 7.464   -11.962 -3.315  1.00 23.03 ? 76  GLU A C   1 
ATOM   606  O  O   . GLU A 1 76  ? 6.996   -12.292 -4.407  1.00 25.06 ? 76  GLU A O   1 
ATOM   607  C  CB  . GLU A 1 76  ? 6.773   -13.913 -1.908  1.00 23.71 ? 76  GLU A CB  1 
ATOM   608  C  CG  . GLU A 1 76  ? 8.063   -14.603 -1.821  1.00 31.55 ? 76  GLU A CG  1 
ATOM   609  C  CD  . GLU A 1 76  ? 7.845   -16.101 -1.689  1.00 38.42 ? 76  GLU A CD  1 
ATOM   610  O  OE1 . GLU A 1 76  ? 7.245   -16.707 -2.613  1.00 37.25 ? 76  GLU A OE1 1 
ATOM   611  O  OE2 . GLU A 1 76  ? 8.234   -16.675 -0.647  1.00 46.33 ? 76  GLU A OE2 1 
ATOM   612  N  N   . LEU A 1 77  ? 8.496   -11.140 -3.197  1.00 21.61 ? 77  LEU A N   1 
ATOM   613  C  CA  . LEU A 1 77  ? 9.178   -10.626 -4.381  1.00 22.83 ? 77  LEU A CA  1 
ATOM   614  C  C   . LEU A 1 77  ? 10.154  -11.685 -4.859  1.00 23.88 ? 77  LEU A C   1 
ATOM   615  O  O   . LEU A 1 77  ? 10.886  -12.239 -4.056  1.00 30.07 ? 77  LEU A O   1 
ATOM   616  C  CB  . LEU A 1 77  ? 9.943   -9.357  -4.014  1.00 22.60 ? 77  LEU A CB  1 
ATOM   617  C  CG  . LEU A 1 77  ? 10.312  -8.395  -5.134  1.00 20.64 ? 77  LEU A CG  1 
ATOM   618  C  CD1 . LEU A 1 77  ? 9.124   -7.470  -5.426  1.00 19.67 ? 77  LEU A CD1 1 
ATOM   619  C  CD2 . LEU A 1 77  ? 11.555  -7.621  -4.724  1.00 24.44 ? 77  LEU A CD2 1 
ATOM   620  N  N   . LEU A 1 78  ? 10.192  -11.960 -6.152  1.00 22.25 ? 78  LEU A N   1 
ATOM   621  C  CA  . LEU A 1 78  ? 11.091  -12.973 -6.676  1.00 21.40 ? 78  LEU A CA  1 
ATOM   622  C  C   . LEU A 1 78  ? 12.185  -12.361 -7.528  1.00 24.33 ? 78  LEU A C   1 
ATOM   623  O  O   . LEU A 1 78  ? 13.281  -12.886 -7.586  1.00 25.13 ? 78  LEU A O   1 
ATOM   624  C  CB  . LEU A 1 78  ? 10.314  -13.998 -7.503  1.00 21.58 ? 78  LEU A CB  1 
ATOM   625  C  CG  . LEU A 1 78  ? 9.100   -14.652 -6.835  1.00 20.31 ? 78  LEU A CG  1 
ATOM   626  C  CD1 . LEU A 1 78  ? 8.357   -15.477 -7.879  1.00 20.23 ? 78  LEU A CD1 1 
ATOM   627  C  CD2 . LEU A 1 78  ? 9.507   -15.482 -5.619  1.00 12.64 ? 78  LEU A CD2 1 
ATOM   628  N  N   . GLU A 1 79  ? 11.854  -11.297 -8.265  1.00 26.98 ? 79  GLU A N   1 
ATOM   629  C  CA  . GLU A 1 79  ? 12.810  -10.599 -9.126  1.00 27.97 ? 79  GLU A CA  1 
ATOM   630  C  C   . GLU A 1 79  ? 12.435  -9.128  -9.195  1.00 29.40 ? 79  GLU A C   1 
ATOM   631  O  O   . GLU A 1 79  ? 11.304  -8.766  -8.895  1.00 31.78 ? 79  GLU A O   1 
ATOM   632  C  CB  . GLU A 1 79  ? 12.747  -11.136 -10.547 1.00 28.35 ? 79  GLU A CB  1 
ATOM   633  C  CG  . GLU A 1 79  ? 12.860  -12.626 -10.705 1.00 34.55 ? 79  GLU A CG  1 
ATOM   634  C  CD  . GLU A 1 79  ? 12.660  -13.068 -12.148 1.00 40.52 ? 79  GLU A CD  1 
ATOM   635  O  OE1 . GLU A 1 79  ? 12.041  -12.319 -12.934 1.00 50.05 ? 79  GLU A OE1 1 
ATOM   636  O  OE2 . GLU A 1 79  ? 13.133  -14.158 -12.524 1.00 42.90 ? 79  GLU A OE2 1 
ATOM   637  N  N   . LYS A 1 80  ? 13.393  -8.288  -9.575  1.00 29.54 ? 80  LYS A N   1 
ATOM   638  C  CA  . LYS A 1 80  ? 13.162  -6.862  -9.737  1.00 31.13 ? 80  LYS A CA  1 
ATOM   639  C  C   . LYS A 1 80  ? 14.318  -6.281  -10.549 1.00 32.34 ? 80  LYS A C   1 
ATOM   640  O  O   . LYS A 1 80  ? 15.447  -6.740  -10.429 1.00 34.55 ? 80  LYS A O   1 
ATOM   641  C  CB  . LYS A 1 80  ? 12.997  -6.157  -8.392  1.00 31.54 ? 80  LYS A CB  1 
ATOM   642  C  CG  . LYS A 1 80  ? 14.236  -5.979  -7.548  1.00 38.74 ? 80  LYS A CG  1 
ATOM   643  C  CD  . LYS A 1 80  ? 13.873  -5.091  -6.356  1.00 47.05 ? 80  LYS A CD  1 
ATOM   644  C  CE  . LYS A 1 80  ? 15.084  -4.579  -5.589  1.00 51.08 ? 80  LYS A CE  1 
ATOM   645  N  NZ  . LYS A 1 80  ? 14.625  -3.603  -4.547  1.00 53.59 ? 80  LYS A NZ  1 
ATOM   646  N  N   . SER A 1 81  ? 14.029  -5.322  -11.428 1.00 34.08 ? 81  SER A N   1 
ATOM   647  C  CA  . SER A 1 81  ? 15.066  -4.718  -12.256 1.00 32.67 ? 81  SER A CA  1 
ATOM   648  C  C   . SER A 1 81  ? 14.635  -3.375  -12.880 1.00 33.79 ? 81  SER A C   1 
ATOM   649  O  O   . SER A 1 81  ? 13.446  -3.023  -12.871 1.00 34.55 ? 81  SER A O   1 
ATOM   650  C  CB  . SER A 1 81  ? 15.444  -5.697  -13.355 1.00 31.59 ? 81  SER A CB  1 
ATOM   651  O  OG  . SER A 1 81  ? 14.304  -6.056  -14.098 1.00 33.99 ? 81  SER A OG  1 
ATOM   652  N  N   . GLY A 1 82  ? 15.613  -2.639  -13.417 1.00 30.27 ? 82  GLY A N   1 
ATOM   653  C  CA  . GLY A 1 82  ? 15.342  -1.360  -14.044 1.00 27.67 ? 82  GLY A CA  1 
ATOM   654  C  C   . GLY A 1 82  ? 15.094  -0.274  -13.013 1.00 28.96 ? 82  GLY A C   1 
ATOM   655  O  O   . GLY A 1 82  ? 14.953  -0.561  -11.828 1.00 28.45 ? 82  GLY A O   1 
ATOM   656  N  N   . GLU A 1 83  ? 14.967  0.966   -13.469 1.00 30.35 ? 83  GLU A N   1 
ATOM   657  C  CA  . GLU A 1 83  ? 14.742  2.081   -12.567 1.00 32.72 ? 83  GLU A CA  1 
ATOM   658  C  C   . GLU A 1 83  ? 13.595  2.918   -13.120 1.00 30.66 ? 83  GLU A C   1 
ATOM   659  O  O   . GLU A 1 83  ? 13.393  2.974   -14.334 1.00 31.59 ? 83  GLU A O   1 
ATOM   660  C  CB  . GLU A 1 83  ? 16.031  2.910   -12.456 1.00 42.37 ? 83  GLU A CB  1 
ATOM   661  C  CG  . GLU A 1 83  ? 16.188  3.693   -11.145 1.00 57.84 ? 83  GLU A CG  1 
ATOM   662  C  CD  . GLU A 1 83  ? 16.114  2.803   -9.893  1.00 64.02 ? 83  GLU A CD  1 
ATOM   663  O  OE1 . GLU A 1 83  ? 16.686  1.681   -9.882  1.00 65.50 ? 83  GLU A OE1 1 
ATOM   664  O  OE2 . GLU A 1 83  ? 15.475  3.233   -8.908  1.00 68.73 ? 83  GLU A OE2 1 
ATOM   665  N  N   . THR A 1 84  ? 12.787  3.486   -12.234 1.00 27.34 ? 84  THR A N   1 
ATOM   666  C  CA  . THR A 1 84  ? 11.672  4.312   -12.665 1.00 24.04 ? 84  THR A CA  1 
ATOM   667  C  C   . THR A 1 84  ? 11.254  5.142   -11.470 1.00 22.70 ? 84  THR A C   1 
ATOM   668  O  O   . THR A 1 84  ? 11.934  5.115   -10.445 1.00 27.17 ? 84  THR A O   1 
ATOM   669  C  CB  . THR A 1 84  ? 10.509  3.469   -13.263 1.00 27.69 ? 84  THR A CB  1 
ATOM   670  O  OG1 . THR A 1 84  ? 9.603   4.334   -13.968 1.00 35.26 ? 84  THR A OG1 1 
ATOM   671  C  CG2 . THR A 1 84  ? 9.743   2.710   -12.184 1.00 30.47 ? 84  THR A CG2 1 
ATOM   672  N  N   . GLY A 1 85  ? 10.192  5.928   -11.605 1.00 21.61 ? 85  GLY A N   1 
ATOM   673  C  CA  . GLY A 1 85  ? 9.743   6.763   -10.503 1.00 23.89 ? 85  GLY A CA  1 
ATOM   674  C  C   . GLY A 1 85  ? 8.577   7.663   -10.858 1.00 26.36 ? 85  GLY A C   1 
ATOM   675  O  O   . GLY A 1 85  ? 8.417   8.055   -12.016 1.00 29.37 ? 85  GLY A O   1 
ATOM   676  N  N   . ILE A 1 86  ? 7.768   8.014   -9.865  1.00 25.08 ? 86  ILE A N   1 
ATOM   677  C  CA  . ILE A 1 86  ? 6.612   8.866   -10.087 1.00 26.33 ? 86  ILE A CA  1 
ATOM   678  C  C   . ILE A 1 86  ? 6.308   9.691   -8.824  1.00 28.92 ? 86  ILE A C   1 
ATOM   679  O  O   . ILE A 1 86  ? 6.834   9.398   -7.739  1.00 29.12 ? 86  ILE A O   1 
ATOM   680  C  CB  . ILE A 1 86  ? 5.342   8.047   -10.432 1.00 23.10 ? 86  ILE A CB  1 
ATOM   681  C  CG1 . ILE A 1 86  ? 4.940   7.182   -9.244  1.00 21.96 ? 86  ILE A CG1 1 
ATOM   682  C  CG2 . ILE A 1 86  ? 5.566   7.144   -11.625 1.00 20.92 ? 86  ILE A CG2 1 
ATOM   683  C  CD1 . ILE A 1 86  ? 3.597   6.534   -9.392  1.00 23.52 ? 86  ILE A CD1 1 
ATOM   684  N  N   . GLU A 1 87  ? 5.512   10.743  -8.977  1.00 28.07 ? 87  GLU A N   1 
ATOM   685  C  CA  . GLU A 1 87  ? 5.132   11.574  -7.842  1.00 29.28 ? 87  GLU A CA  1 
ATOM   686  C  C   . GLU A 1 87  ? 4.102   10.783  -7.046  1.00 27.00 ? 87  GLU A C   1 
ATOM   687  O  O   . GLU A 1 87  ? 2.887   10.924  -7.254  1.00 27.41 ? 87  GLU A O   1 
ATOM   688  C  CB  . GLU A 1 87  ? 4.542   12.883  -8.336  1.00 31.65 ? 87  GLU A CB  1 
ATOM   689  C  CG  . GLU A 1 87  ? 5.424   13.564  -9.338  1.00 36.88 ? 87  GLU A CG  1 
ATOM   690  C  CD  . GLU A 1 87  ? 6.108   14.771  -8.784  1.00 38.53 ? 87  GLU A CD  1 
ATOM   691  O  OE1 . GLU A 1 87  ? 6.948   14.582  -7.890  1.00 41.28 ? 87  GLU A OE1 1 
ATOM   692  O  OE2 . GLU A 1 87  ? 5.818   15.893  -9.253  1.00 37.56 ? 87  GLU A OE2 1 
ATOM   693  N  N   . GLU A 1 88  ? 4.603   9.959   -6.131  1.00 23.64 ? 88  GLU A N   1 
ATOM   694  C  CA  . GLU A 1 88  ? 3.741   9.125   -5.328  1.00 20.86 ? 88  GLU A CA  1 
ATOM   695  C  C   . GLU A 1 88  ? 3.010   9.871   -4.244  1.00 20.71 ? 88  GLU A C   1 
ATOM   696  O  O   . GLU A 1 88  ? 3.493   10.884  -3.737  1.00 24.37 ? 88  GLU A O   1 
ATOM   697  C  CB  . GLU A 1 88  ? 4.537   7.988   -4.698  1.00 17.63 ? 88  GLU A CB  1 
ATOM   698  C  CG  . GLU A 1 88  ? 4.994   6.960   -5.705  1.00 17.34 ? 88  GLU A CG  1 
ATOM   699  C  CD  . GLU A 1 88  ? 5.801   5.849   -5.092  1.00 22.03 ? 88  GLU A CD  1 
ATOM   700  O  OE1 . GLU A 1 88  ? 5.538   5.516   -3.928  1.00 22.02 ? 88  GLU A OE1 1 
ATOM   701  O  OE2 . GLU A 1 88  ? 6.702   5.297   -5.769  1.00 22.26 ? 88  GLU A OE2 1 
ATOM   702  N  N   . GLY A 1 89  ? 1.844   9.345   -3.893  1.00 19.73 ? 89  GLY A N   1 
ATOM   703  C  CA  . GLY A 1 89  ? 1.027   9.911   -2.844  1.00 20.74 ? 89  GLY A CA  1 
ATOM   704  C  C   . GLY A 1 89  ? 0.642   8.756   -1.958  1.00 23.16 ? 89  GLY A C   1 
ATOM   705  O  O   . GLY A 1 89  ? 0.910   7.604   -2.309  1.00 21.61 ? 89  GLY A O   1 
ATOM   706  N  N   . CYS A 1 90  ? 0.032   9.041   -0.817  1.00 24.78 ? 90  CYS A N   1 
ATOM   707  C  CA  . CYS A 1 90  ? -0.388  7.985   0.088   1.00 22.55 ? 90  CYS A CA  1 
ATOM   708  C  C   . CYS A 1 90  ? -1.571  8.520   0.892   1.00 20.76 ? 90  CYS A C   1 
ATOM   709  O  O   . CYS A 1 90  ? -1.620  9.704   1.209   1.00 26.93 ? 90  CYS A O   1 
ATOM   710  C  CB  . CYS A 1 90  ? 0.764   7.602   1.001   1.00 23.24 ? 90  CYS A CB  1 
ATOM   711  S  SG  . CYS A 1 90  ? 0.428   6.165   2.049   1.00 24.82 ? 90  CYS A SG  1 
ATOM   712  N  N   . LEU A 1 91  ? -2.537  7.669   1.194   1.00 17.58 ? 91  LEU A N   1 
ATOM   713  C  CA  . LEU A 1 91  ? -3.688  8.087   1.972   1.00 19.68 ? 91  LEU A CA  1 
ATOM   714  C  C   . LEU A 1 91  ? -3.292  8.297   3.435   1.00 24.88 ? 91  LEU A C   1 
ATOM   715  O  O   . LEU A 1 91  ? -4.059  8.866   4.223   1.00 29.57 ? 91  LEU A O   1 
ATOM   716  C  CB  . LEU A 1 91  ? -4.786  7.037   1.873   1.00 20.71 ? 91  LEU A CB  1 
ATOM   717  C  CG  . LEU A 1 91  ? -5.479  6.881   0.515   1.00 22.48 ? 91  LEU A CG  1 
ATOM   718  C  CD1 . LEU A 1 91  ? -6.501  5.759   0.622   1.00 15.76 ? 91  LEU A CD1 1 
ATOM   719  C  CD2 . LEU A 1 91  ? -6.163  8.184   0.090   1.00 16.51 ? 91  LEU A CD2 1 
ATOM   720  N  N   . SER A 1 92  ? -2.103  7.801   3.795   1.00 28.96 ? 92  SER A N   1 
ATOM   721  C  CA  . SER A 1 92  ? -1.546  7.932   5.148   1.00 27.59 ? 92  SER A CA  1 
ATOM   722  C  C   . SER A 1 92  ? -0.693  9.192   5.279   1.00 26.60 ? 92  SER A C   1 
ATOM   723  O  O   . SER A 1 92  ? -0.341  9.615   6.370   1.00 28.79 ? 92  SER A O   1 
ATOM   724  C  CB  . SER A 1 92  ? -0.732  6.683   5.536   1.00 27.05 ? 92  SER A CB  1 
ATOM   725  O  OG  . SER A 1 92  ? -1.569  5.546   5.773   1.00 24.21 ? 92  SER A OG  1 
ATOM   726  N  N   . ILE A 1 93  ? -0.402  9.823   4.160   1.00 23.36 ? 93  ILE A N   1 
ATOM   727  C  CA  . ILE A 1 93  ? 0.372   11.041  4.187   1.00 23.39 ? 93  ILE A CA  1 
ATOM   728  C  C   . ILE A 1 93  ? -0.394  12.032  3.307   1.00 27.81 ? 93  ILE A C   1 
ATOM   729  O  O   . ILE A 1 93  ? 0.030   12.358  2.191   1.00 31.28 ? 93  ILE A O   1 
ATOM   730  C  CB  . ILE A 1 93  ? 1.786   10.768  3.667   1.00 21.56 ? 93  ILE A CB  1 
ATOM   731  C  CG1 . ILE A 1 93  ? 2.405   9.615   4.460   1.00 19.81 ? 93  ILE A CG1 1 
ATOM   732  C  CG2 . ILE A 1 93  ? 2.639   12.020  3.754   1.00 20.86 ? 93  ILE A CG2 1 
ATOM   733  C  CD1 . ILE A 1 93  ? 3.760   9.180   3.987   1.00 13.09 ? 93  ILE A CD1 1 
ATOM   734  N  N   . PRO A 1 94  ? -1.563  12.503  3.805   1.00 28.60 ? 94  PRO A N   1 
ATOM   735  C  CA  . PRO A 1 94  ? -2.399  13.439  3.060   1.00 29.67 ? 94  PRO A CA  1 
ATOM   736  C  C   . PRO A 1 94  ? -1.710  14.669  2.496   1.00 31.05 ? 94  PRO A C   1 
ATOM   737  O  O   . PRO A 1 94  ? -0.884  15.311  3.154   1.00 35.77 ? 94  PRO A O   1 
ATOM   738  C  CB  . PRO A 1 94  ? -3.542  13.766  4.032   1.00 24.39 ? 94  PRO A CB  1 
ATOM   739  C  CG  . PRO A 1 94  ? -2.983  13.455  5.354   1.00 25.98 ? 94  PRO A CG  1 
ATOM   740  C  CD  . PRO A 1 94  ? -2.150  12.239  5.131   1.00 30.12 ? 94  PRO A CD  1 
ATOM   741  N  N   . GLU A 1 95  ? -2.007  14.896  1.216   1.00 31.19 ? 95  GLU A N   1 
ATOM   742  C  CA  . GLU A 1 95  ? -1.527  16.005  0.421   1.00 30.22 ? 95  GLU A CA  1 
ATOM   743  C  C   . GLU A 1 95  ? -0.047  16.122  0.121   1.00 30.72 ? 95  GLU A C   1 
ATOM   744  O  O   . GLU A 1 95  ? 0.387   17.119  -0.447  1.00 36.23 ? 95  GLU A O   1 
ATOM   745  C  CB  . GLU A 1 95  ? -2.110  17.296  0.975   1.00 33.48 ? 95  GLU A CB  1 
ATOM   746  C  CG  . GLU A 1 95  ? -3.604  17.320  0.776   1.00 43.76 ? 95  GLU A CG  1 
ATOM   747  C  CD  . GLU A 1 95  ? -4.354  18.131  1.814   1.00 48.91 ? 95  GLU A CD  1 
ATOM   748  O  OE1 . GLU A 1 95  ? -3.933  19.282  2.104   1.00 54.01 ? 95  GLU A OE1 1 
ATOM   749  O  OE2 . GLU A 1 95  ? -5.381  17.614  2.330   1.00 50.89 ? 95  GLU A OE2 1 
ATOM   750  N  N   . GLN A 1 96  ? 0.726   15.094  0.426   1.00 27.67 ? 96  GLN A N   1 
ATOM   751  C  CA  . GLN A 1 96  ? 2.157   15.150  0.144   1.00 29.15 ? 96  GLN A CA  1 
ATOM   752  C  C   . GLN A 1 96  ? 2.511   14.188  -0.995  1.00 28.25 ? 96  GLN A C   1 
ATOM   753  O  O   . GLN A 1 96  ? 2.021   13.064  -1.029  1.00 33.33 ? 96  GLN A O   1 
ATOM   754  C  CB  . GLN A 1 96  ? 2.947   14.801  1.411   1.00 30.98 ? 96  GLN A CB  1 
ATOM   755  C  CG  . GLN A 1 96  ? 2.470   15.533  2.649   1.00 31.41 ? 96  GLN A CG  1 
ATOM   756  C  CD  . GLN A 1 96  ? 2.470   17.042  2.473   1.00 30.59 ? 96  GLN A CD  1 
ATOM   757  O  OE1 . GLN A 1 96  ? 3.500   17.632  2.134   1.00 28.61 ? 96  GLN A OE1 1 
ATOM   758  N  NE2 . GLN A 1 96  ? 1.311   17.677  2.709   1.00 29.31 ? 96  GLN A NE2 1 
ATOM   759  N  N   . ARG A 1 97  ? 3.346   14.636  -1.929  1.00 25.16 ? 97  ARG A N   1 
ATOM   760  C  CA  . ARG A 1 97  ? 3.762   13.824  -3.075  1.00 24.93 ? 97  ARG A CA  1 
ATOM   761  C  C   . ARG A 1 97  ? 5.255   13.975  -3.259  1.00 23.21 ? 97  ARG A C   1 
ATOM   762  O  O   . ARG A 1 97  ? 5.778   15.091  -3.210  1.00 25.02 ? 97  ARG A O   1 
ATOM   763  C  CB  . ARG A 1 97  ? 3.103   14.317  -4.367  1.00 28.24 ? 97  ARG A CB  1 
ATOM   764  C  CG  . ARG A 1 97  ? 1.591   14.305  -4.398  1.00 34.88 ? 97  ARG A CG  1 
ATOM   765  C  CD  . ARG A 1 97  ? 1.033   13.137  -5.203  1.00 42.26 ? 97  ARG A CD  1 
ATOM   766  N  NE  . ARG A 1 97  ? -0.417  13.025  -5.031  1.00 47.13 ? 97  ARG A NE  1 
ATOM   767  C  CZ  . ARG A 1 97  ? -1.274  12.706  -5.998  1.00 52.45 ? 97  ARG A CZ  1 
ATOM   768  N  NH1 . ARG A 1 97  ? -0.841  12.463  -7.237  1.00 56.62 ? 97  ARG A NH1 1 
ATOM   769  N  NH2 . ARG A 1 97  ? -2.583  12.715  -5.747  1.00 52.76 ? 97  ARG A NH2 1 
ATOM   770  N  N   . ALA A 1 98  ? 5.937   12.885  -3.567  1.00 20.89 ? 98  ALA A N   1 
ATOM   771  C  CA  . ALA A 1 98  ? 7.384   12.967  -3.770  1.00 21.87 ? 98  ALA A CA  1 
ATOM   772  C  C   . ALA A 1 98  ? 7.880   11.889  -4.734  1.00 24.64 ? 98  ALA A C   1 
ATOM   773  O  O   . ALA A 1 98  ? 7.356   10.760  -4.755  1.00 22.05 ? 98  ALA A O   1 
ATOM   774  C  CB  . ALA A 1 98  ? 8.074   12.845  -2.435  1.00 19.07 ? 98  ALA A CB  1 
ATOM   775  N  N   . LEU A 1 99  ? 8.839   12.257  -5.586  1.00 25.33 ? 99  LEU A N   1 
ATOM   776  C  CA  . LEU A 1 99  ? 9.417   11.313  -6.555  1.00 31.11 ? 99  LEU A CA  1 
ATOM   777  C  C   . LEU A 1 99  ? 10.238  10.288  -5.787  1.00 33.36 ? 99  LEU A C   1 
ATOM   778  O  O   . LEU A 1 99  ? 11.187  10.647  -5.097  1.00 39.75 ? 99  LEU A O   1 
ATOM   779  C  CB  . LEU A 1 99  ? 10.323  12.029  -7.554  1.00 28.00 ? 99  LEU A CB  1 
ATOM   780  C  CG  . LEU A 1 99  ? 11.097  11.096  -8.497  1.00 28.16 ? 99  LEU A CG  1 
ATOM   781  C  CD1 . LEU A 1 99  ? 10.138  10.403  -9.447  1.00 31.02 ? 99  LEU A CD1 1 
ATOM   782  C  CD2 . LEU A 1 99  ? 12.108  11.881  -9.286  1.00 33.52 ? 99  LEU A CD2 1 
ATOM   783  N  N   . VAL A 1 100 ? 9.853   9.026   -5.876  1.00 32.40 ? 100 VAL A N   1 
ATOM   784  C  CA  . VAL A 1 100 ? 10.565  7.952   -5.174  1.00 29.33 ? 100 VAL A CA  1 
ATOM   785  C  C   . VAL A 1 100 ? 11.169  6.953   -6.167  1.00 28.81 ? 100 VAL A C   1 
ATOM   786  O  O   . VAL A 1 100 ? 10.559  6.594   -7.181  1.00 25.24 ? 100 VAL A O   1 
ATOM   787  C  CB  . VAL A 1 100 ? 9.632   7.236   -4.142  1.00 28.36 ? 100 VAL A CB  1 
ATOM   788  C  CG1 . VAL A 1 100 ? 10.249  5.963   -3.628  1.00 28.75 ? 100 VAL A CG1 1 
ATOM   789  C  CG2 . VAL A 1 100 ? 9.360   8.160   -2.978  1.00 26.96 ? 100 VAL A CG2 1 
ATOM   790  N  N   . PRO A 1 101 ? 12.412  6.536   -5.915  1.00 29.60 ? 101 PRO A N   1 
ATOM   791  C  CA  . PRO A 1 101 ? 13.127  5.587   -6.767  1.00 28.58 ? 101 PRO A CA  1 
ATOM   792  C  C   . PRO A 1 101 ? 12.567  4.177   -6.587  1.00 28.27 ? 101 PRO A C   1 
ATOM   793  O  O   . PRO A 1 101 ? 12.510  3.648   -5.471  1.00 26.40 ? 101 PRO A O   1 
ATOM   794  C  CB  . PRO A 1 101 ? 14.560  5.651   -6.223  1.00 30.50 ? 101 PRO A CB  1 
ATOM   795  C  CG  . PRO A 1 101 ? 14.625  6.967   -5.458  1.00 31.56 ? 101 PRO A CG  1 
ATOM   796  C  CD  . PRO A 1 101 ? 13.273  7.033   -4.827  1.00 31.03 ? 101 PRO A CD  1 
ATOM   797  N  N   . ARG A 1 102 ? 12.177  3.569   -7.700  1.00 27.59 ? 102 ARG A N   1 
ATOM   798  C  CA  . ARG A 1 102 ? 11.601  2.228   -7.702  1.00 23.31 ? 102 ARG A CA  1 
ATOM   799  C  C   . ARG A 1 102 ? 12.178  1.411   -8.836  1.00 25.54 ? 102 ARG A C   1 
ATOM   800  O  O   . ARG A 1 102 ? 12.809  1.959   -9.744  1.00 26.76 ? 102 ARG A O   1 
ATOM   801  C  CB  . ARG A 1 102 ? 10.094  2.310   -7.914  1.00 20.83 ? 102 ARG A CB  1 
ATOM   802  C  CG  . ARG A 1 102 ? 9.335   3.136   -6.900  1.00 23.94 ? 102 ARG A CG  1 
ATOM   803  C  CD  . ARG A 1 102 ? 9.125   2.363   -5.630  1.00 16.30 ? 102 ARG A CD  1 
ATOM   804  N  NE  . ARG A 1 102 ? 8.297   3.107   -4.698  1.00 12.40 ? 102 ARG A NE  1 
ATOM   805  C  CZ  . ARG A 1 102 ? 8.146   2.768   -3.420  1.00 17.56 ? 102 ARG A CZ  1 
ATOM   806  N  NH1 . ARG A 1 102 ? 8.779   1.699   -2.939  1.00 9.65  ? 102 ARG A NH1 1 
ATOM   807  N  NH2 . ARG A 1 102 ? 7.359   3.486   -2.630  1.00 15.38 ? 102 ARG A NH2 1 
ATOM   808  N  N   . ALA A 1 103 ? 11.963  0.102   -8.771  1.00 22.57 ? 103 ALA A N   1 
ATOM   809  C  CA  . ALA A 1 103 ? 12.417  -0.808  -9.818  1.00 24.50 ? 103 ALA A CA  1 
ATOM   810  C  C   . ALA A 1 103 ? 11.321  -0.791  -10.876 1.00 25.85 ? 103 ALA A C   1 
ATOM   811  O  O   . ALA A 1 103 ? 10.140  -0.713  -10.538 1.00 24.72 ? 103 ALA A O   1 
ATOM   812  C  CB  . ALA A 1 103 ? 12.597  -2.211  -9.259  1.00 25.93 ? 103 ALA A CB  1 
ATOM   813  N  N   . GLU A 1 104 ? 11.695  -0.801  -12.153 1.00 27.71 ? 104 GLU A N   1 
ATOM   814  C  CA  . GLU A 1 104 ? 10.695  -0.753  -13.208 1.00 33.06 ? 104 GLU A CA  1 
ATOM   815  C  C   . GLU A 1 104 ? 9.899   -2.045  -13.346 1.00 33.25 ? 104 GLU A C   1 
ATOM   816  O  O   . GLU A 1 104 ? 8.672   -2.016  -13.445 1.00 33.93 ? 104 GLU A O   1 
ATOM   817  C  CB  . GLU A 1 104 ? 11.335  -0.382  -14.544 1.00 33.47 ? 104 GLU A CB  1 
ATOM   818  C  CG  . GLU A 1 104 ? 10.367  -0.396  -15.712 1.00 42.87 ? 104 GLU A CG  1 
ATOM   819  C  CD  . GLU A 1 104 ? 10.962  0.225   -16.956 1.00 52.87 ? 104 GLU A CD  1 
ATOM   820  O  OE1 . GLU A 1 104 ? 12.133  -0.100  -17.283 1.00 53.15 ? 104 GLU A OE1 1 
ATOM   821  O  OE2 . GLU A 1 104 ? 10.255  1.042   -17.599 1.00 59.26 ? 104 GLU A OE2 1 
ATOM   822  N  N   . LYS A 1 105 ? 10.615  -3.162  -13.378 1.00 33.73 ? 105 LYS A N   1 
ATOM   823  C  CA  . LYS A 1 105 ? 10.010  -4.481  -13.518 1.00 33.67 ? 105 LYS A CA  1 
ATOM   824  C  C   . LYS A 1 105 ? 10.085  -5.199  -12.191 1.00 30.11 ? 105 LYS A C   1 
ATOM   825  O  O   . LYS A 1 105 ? 11.059  -5.061  -11.463 1.00 33.05 ? 105 LYS A O   1 
ATOM   826  C  CB  . LYS A 1 105 ? 10.690  -5.337  -14.594 1.00 35.84 ? 105 LYS A CB  1 
ATOM   827  C  CG  . LYS A 1 105 ? 10.150  -5.077  -15.981 1.00 41.68 ? 105 LYS A CG  1 
ATOM   828  C  CD  . LYS A 1 105 ? 10.619  -6.087  -17.028 1.00 49.45 ? 105 LYS A CD  1 
ATOM   829  C  CE  . LYS A 1 105 ? 10.054  -5.667  -18.406 1.00 56.06 ? 105 LYS A CE  1 
ATOM   830  N  NZ  . LYS A 1 105 ? 10.505  -6.510  -19.550 1.00 54.58 ? 105 LYS A NZ  1 
ATOM   831  N  N   . VAL A 1 106 ? 9.072   -6.002  -11.905 1.00 27.55 ? 106 VAL A N   1 
ATOM   832  C  CA  . VAL A 1 106 ? 8.983   -6.730  -10.649 1.00 23.89 ? 106 VAL A CA  1 
ATOM   833  C  C   . VAL A 1 106 ? 8.210   -8.024  -10.848 1.00 22.55 ? 106 VAL A C   1 
ATOM   834  O  O   . VAL A 1 106 ? 7.178   -8.034  -11.516 1.00 22.28 ? 106 VAL A O   1 
ATOM   835  C  CB  . VAL A 1 106 ? 8.299   -5.830  -9.554  1.00 24.65 ? 106 VAL A CB  1 
ATOM   836  C  CG1 . VAL A 1 106 ? 7.113   -6.509  -8.905  1.00 20.65 ? 106 VAL A CG1 1 
ATOM   837  C  CG2 . VAL A 1 106 ? 9.331   -5.417  -8.501  1.00 25.20 ? 106 VAL A CG2 1 
ATOM   838  N  N   . LYS A 1 107 ? 8.784   -9.129  -10.383 1.00 16.74 ? 107 LYS A N   1 
ATOM   839  C  CA  . LYS A 1 107 ? 8.108   -10.419 -10.469 1.00 21.42 ? 107 LYS A CA  1 
ATOM   840  C  C   . LYS A 1 107 ? 7.750   -10.915 -9.052  1.00 23.89 ? 107 LYS A C   1 
ATOM   841  O  O   . LYS A 1 107 ? 8.620   -11.065 -8.208  1.00 25.44 ? 107 LYS A O   1 
ATOM   842  C  CB  . LYS A 1 107 ? 8.955   -11.457 -11.197 1.00 17.35 ? 107 LYS A CB  1 
ATOM   843  C  CG  . LYS A 1 107 ? 8.349   -12.828 -11.080 1.00 17.05 ? 107 LYS A CG  1 
ATOM   844  C  CD  . LYS A 1 107 ? 8.928   -13.840 -12.028 1.00 26.92 ? 107 LYS A CD  1 
ATOM   845  C  CE  . LYS A 1 107 ? 7.947   -14.996 -12.078 1.00 34.40 ? 107 LYS A CE  1 
ATOM   846  N  NZ  . LYS A 1 107 ? 8.302   -16.082 -12.985 1.00 30.00 ? 107 LYS A NZ  1 
ATOM   847  N  N   . ILE A 1 108 ? 6.474   -11.192 -8.797  1.00 24.25 ? 108 ILE A N   1 
ATOM   848  C  CA  . ILE A 1 108 ? 6.056   -11.629 -7.475  1.00 24.19 ? 108 ILE A CA  1 
ATOM   849  C  C   . ILE A 1 108 ? 5.219   -12.895 -7.426  1.00 26.86 ? 108 ILE A C   1 
ATOM   850  O  O   . ILE A 1 108 ? 4.648   -13.321 -8.427  1.00 29.06 ? 108 ILE A O   1 
ATOM   851  C  CB  . ILE A 1 108 ? 5.247   -10.544 -6.764  1.00 23.50 ? 108 ILE A CB  1 
ATOM   852  C  CG1 . ILE A 1 108 ? 4.037   -10.196 -7.605  1.00 26.57 ? 108 ILE A CG1 1 
ATOM   853  C  CG2 . ILE A 1 108 ? 6.073   -9.298  -6.541  1.00 25.19 ? 108 ILE A CG2 1 
ATOM   854  C  CD1 . ILE A 1 108 ? 2.900   -9.672  -6.800  1.00 34.20 ? 108 ILE A CD1 1 
ATOM   855  N  N   . ARG A 1 109 ? 5.097   -13.451 -6.232  1.00 24.77 ? 109 ARG A N   1 
ATOM   856  C  CA  . ARG A 1 109 ? 4.303   -14.649 -6.029  1.00 24.27 ? 109 ARG A CA  1 
ATOM   857  C  C   . ARG A 1 109 ? 3.435   -14.373 -4.813  1.00 26.59 ? 109 ARG A C   1 
ATOM   858  O  O   . ARG A 1 109 ? 3.951   -13.923 -3.791  1.00 28.49 ? 109 ARG A O   1 
ATOM   859  C  CB  . ARG A 1 109 ? 5.198   -15.855 -5.768  1.00 23.32 ? 109 ARG A CB  1 
ATOM   860  C  CG  . ARG A 1 109 ? 4.413   -17.098 -5.418  1.00 17.32 ? 109 ARG A CG  1 
ATOM   861  C  CD  . ARG A 1 109 ? 5.283   -18.350 -5.373  1.00 17.94 ? 109 ARG A CD  1 
ATOM   862  N  NE  . ARG A 1 109 ? 4.470   -19.545 -5.137  1.00 22.20 ? 109 ARG A NE  1 
ATOM   863  C  CZ  . ARG A 1 109 ? 3.935   -20.290 -6.109  1.00 19.66 ? 109 ARG A CZ  1 
ATOM   864  N  NH1 . ARG A 1 109 ? 4.139   -19.967 -7.378  1.00 16.78 ? 109 ARG A NH1 1 
ATOM   865  N  NH2 . ARG A 1 109 ? 3.114   -21.285 -5.808  1.00 7.58  ? 109 ARG A NH2 1 
ATOM   866  N  N   . ALA A 1 110 ? 2.129   -14.635 -4.920  1.00 23.85 ? 110 ALA A N   1 
ATOM   867  C  CA  . ALA A 1 110 ? 1.192   -14.405 -3.820  1.00 23.06 ? 110 ALA A CA  1 
ATOM   868  C  C   . ALA A 1 110 ? 0.013   -15.363 -3.873  1.00 25.31 ? 110 ALA A C   1 
ATOM   869  O  O   . ALA A 1 110 ? 0.038   -16.340 -4.621  1.00 27.18 ? 110 ALA A O   1 
ATOM   870  C  CB  . ALA A 1 110 ? 0.699   -12.968 -3.860  1.00 17.54 ? 110 ALA A CB  1 
ATOM   871  N  N   . LEU A 1 111 ? -0.983  -15.118 -3.023  1.00 25.21 ? 111 LEU A N   1 
ATOM   872  C  CA  . LEU A 1 111 ? -2.220  -15.902 -2.992  1.00 22.52 ? 111 LEU A CA  1 
ATOM   873  C  C   . LEU A 1 111 ? -3.376  -14.962 -3.365  1.00 23.05 ? 111 LEU A C   1 
ATOM   874  O  O   . LEU A 1 111 ? -3.331  -13.765 -3.052  1.00 22.77 ? 111 LEU A O   1 
ATOM   875  C  CB  . LEU A 1 111 ? -2.494  -16.475 -1.591  1.00 19.68 ? 111 LEU A CB  1 
ATOM   876  C  CG  . LEU A 1 111 ? -1.410  -17.297 -0.874  1.00 22.86 ? 111 LEU A CG  1 
ATOM   877  C  CD1 . LEU A 1 111 ? -1.962  -17.967 0.381   1.00 17.36 ? 111 LEU A CD1 1 
ATOM   878  C  CD2 . LEU A 1 111 ? -0.877  -18.340 -1.797  1.00 21.25 ? 111 LEU A CD2 1 
ATOM   879  N  N   . ASP A 1 112 ? -4.380  -15.478 -4.065  1.00 22.75 ? 112 ASP A N   1 
ATOM   880  C  CA  . ASP A 1 112 ? -5.513  -14.642 -4.412  1.00 20.93 ? 112 ASP A CA  1 
ATOM   881  C  C   . ASP A 1 112 ? -6.590  -14.665 -3.325  1.00 22.13 ? 112 ASP A C   1 
ATOM   882  O  O   . ASP A 1 112 ? -6.372  -15.178 -2.219  1.00 20.14 ? 112 ASP A O   1 
ATOM   883  C  CB  . ASP A 1 112 ? -6.083  -14.990 -5.797  1.00 21.36 ? 112 ASP A CB  1 
ATOM   884  C  CG  . ASP A 1 112 ? -6.624  -16.416 -5.896  1.00 21.88 ? 112 ASP A CG  1 
ATOM   885  O  OD1 . ASP A 1 112 ? -7.042  -17.030 -4.887  1.00 24.65 ? 112 ASP A OD1 1 
ATOM   886  O  OD2 . ASP A 1 112 ? -6.676  -16.925 -7.031  1.00 27.94 ? 112 ASP A OD2 1 
ATOM   887  N  N   . ARG A 1 113 ? -7.760  -14.126 -3.656  1.00 26.80 ? 113 ARG A N   1 
ATOM   888  C  CA  . ARG A 1 113 ? -8.878  -14.055 -2.729  1.00 26.35 ? 113 ARG A CA  1 
ATOM   889  C  C   . ARG A 1 113 ? -9.302  -15.417 -2.203  1.00 28.13 ? 113 ARG A C   1 
ATOM   890  O  O   . ARG A 1 113 ? -9.734  -15.527 -1.066  1.00 28.11 ? 113 ARG A O   1 
ATOM   891  C  CB  . ARG A 1 113 ? -10.044 -13.364 -3.414  1.00 28.80 ? 113 ARG A CB  1 
ATOM   892  C  CG  . ARG A 1 113 ? -11.133 -12.997 -2.479  1.00 30.80 ? 113 ARG A CG  1 
ATOM   893  C  CD  . ARG A 1 113 ? -12.113 -12.015 -3.109  1.00 35.50 ? 113 ARG A CD  1 
ATOM   894  N  NE  . ARG A 1 113 ? -13.129 -11.686 -2.116  1.00 38.61 ? 113 ARG A NE  1 
ATOM   895  C  CZ  . ARG A 1 113 ? -14.051 -12.549 -1.696  1.00 42.32 ? 113 ARG A CZ  1 
ATOM   896  N  NH1 . ARG A 1 113 ? -14.089 -13.780 -2.192  1.00 40.10 ? 113 ARG A NH1 1 
ATOM   897  N  NH2 . ARG A 1 113 ? -14.896 -12.210 -0.739  1.00 44.01 ? 113 ARG A NH2 1 
ATOM   898  N  N   . ASP A 1 114 ? -9.146  -16.458 -3.020  1.00 30.13 ? 114 ASP A N   1 
ATOM   899  C  CA  . ASP A 1 114 ? -9.535  -17.812 -2.611  1.00 29.58 ? 114 ASP A CA  1 
ATOM   900  C  C   . ASP A 1 114 ? -8.405  -18.621 -2.012  1.00 26.84 ? 114 ASP A C   1 
ATOM   901  O  O   . ASP A 1 114 ? -8.527  -19.830 -1.866  1.00 26.77 ? 114 ASP A O   1 
ATOM   902  C  CB  . ASP A 1 114 ? -10.111 -18.619 -3.776  1.00 27.01 ? 114 ASP A CB  1 
ATOM   903  C  CG  . ASP A 1 114 ? -10.989 -17.804 -4.664  1.00 34.07 ? 114 ASP A CG  1 
ATOM   904  O  OD1 . ASP A 1 114 ? -12.016 -17.240 -4.173  1.00 31.00 ? 114 ASP A OD1 1 
ATOM   905  O  OD2 . ASP A 1 114 ? -10.617 -17.702 -5.864  1.00 36.01 ? 114 ASP A OD2 1 
ATOM   906  N  N   . GLY A 1 115 ? -7.267  -17.992 -1.771  1.00 23.83 ? 115 GLY A N   1 
ATOM   907  C  CA  . GLY A 1 115 ? -6.161  -18.723 -1.184  1.00 26.33 ? 115 GLY A CA  1 
ATOM   908  C  C   . GLY A 1 115 ? -5.360  -19.599 -2.130  1.00 27.33 ? 115 GLY A C   1 
ATOM   909  O  O   . GLY A 1 115 ? -4.609  -20.472 -1.681  1.00 26.49 ? 115 GLY A O   1 
ATOM   910  N  N   . LYS A 1 116 ? -5.494  -19.341 -3.426  1.00 25.97 ? 116 LYS A N   1 
ATOM   911  C  CA  . LYS A 1 116 ? -4.770  -20.085 -4.453  1.00 29.98 ? 116 LYS A CA  1 
ATOM   912  C  C   . LYS A 1 116 ? -3.590  -19.197 -4.921  1.00 29.68 ? 116 LYS A C   1 
ATOM   913  O  O   . LYS A 1 116 ? -3.729  -17.982 -5.032  1.00 36.01 ? 116 LYS A O   1 
ATOM   914  C  CB  . LYS A 1 116 ? -5.712  -20.397 -5.624  1.00 34.03 ? 116 LYS A CB  1 
ATOM   915  C  CG  . LYS A 1 116 ? -5.015  -21.069 -6.817  1.00 50.57 ? 116 LYS A CG  1 
ATOM   916  C  CD  . LYS A 1 116 ? -5.863  -21.101 -8.099  1.00 57.52 ? 116 LYS A CD  1 
ATOM   917  C  CE  . LYS A 1 116 ? -5.207  -22.009 -9.155  1.00 59.52 ? 116 LYS A CE  1 
ATOM   918  N  NZ  . LYS A 1 116 ? -6.173  -22.525 -10.185 1.00 59.59 ? 116 LYS A NZ  1 
ATOM   919  N  N   . PRO A 1 117 ? -2.394  -19.790 -5.123  1.00 26.01 ? 117 PRO A N   1 
ATOM   920  C  CA  . PRO A 1 117 ? -1.204  -19.061 -5.578  1.00 26.46 ? 117 PRO A CA  1 
ATOM   921  C  C   . PRO A 1 117 ? -1.114  -18.719 -7.071  1.00 26.36 ? 117 PRO A C   1 
ATOM   922  O  O   . PRO A 1 117 ? -1.663  -19.416 -7.931  1.00 30.65 ? 117 PRO A O   1 
ATOM   923  C  CB  . PRO A 1 117 ? -0.074  -19.997 -5.161  1.00 24.65 ? 117 PRO A CB  1 
ATOM   924  C  CG  . PRO A 1 117 ? -0.700  -21.315 -5.293  1.00 23.22 ? 117 PRO A CG  1 
ATOM   925  C  CD  . PRO A 1 117 ? -2.045  -21.135 -4.681  1.00 22.73 ? 117 PRO A CD  1 
ATOM   926  N  N   . PHE A 1 118 ? -0.374  -17.646 -7.368  1.00 22.26 ? 118 PHE A N   1 
ATOM   927  C  CA  . PHE A 1 118 ? -0.137  -17.192 -8.733  1.00 16.34 ? 118 PHE A CA  1 
ATOM   928  C  C   . PHE A 1 118 ? 1.143   -16.362 -8.746  1.00 19.12 ? 118 PHE A C   1 
ATOM   929  O  O   . PHE A 1 118 ? 1.647   -15.945 -7.705  1.00 21.17 ? 118 PHE A O   1 
ATOM   930  C  CB  . PHE A 1 118 ? -1.298  -16.341 -9.273  1.00 12.13 ? 118 PHE A CB  1 
ATOM   931  C  CG  . PHE A 1 118 ? -1.473  -15.033 -8.570  1.00 10.40 ? 118 PHE A CG  1 
ATOM   932  C  CD1 . PHE A 1 118 ? -2.023  -14.987 -7.275  1.00 12.15 ? 118 PHE A CD1 1 
ATOM   933  C  CD2 . PHE A 1 118 ? -1.105  -13.839 -9.199  1.00 12.34 ? 118 PHE A CD2 1 
ATOM   934  C  CE1 . PHE A 1 118 ? -2.200  -13.762 -6.617  1.00 12.15 ? 118 PHE A CE1 1 
ATOM   935  C  CE2 . PHE A 1 118 ? -1.273  -12.601 -8.562  1.00 11.47 ? 118 PHE A CE2 1 
ATOM   936  C  CZ  . PHE A 1 118 ? -1.830  -12.561 -7.267  1.00 11.62 ? 118 PHE A CZ  1 
ATOM   937  N  N   . GLU A 1 119 ? 1.715   -16.191 -9.930  1.00 21.51 ? 119 GLU A N   1 
ATOM   938  C  CA  . GLU A 1 119 ? 2.898   -15.367 -10.068 1.00 21.86 ? 119 GLU A CA  1 
ATOM   939  C  C   . GLU A 1 119 ? 2.529   -14.285 -11.054 1.00 23.86 ? 119 GLU A C   1 
ATOM   940  O  O   . GLU A 1 119 ? 1.644   -14.490 -11.878 1.00 27.11 ? 119 GLU A O   1 
ATOM   941  C  CB  . GLU A 1 119 ? 4.081   -16.187 -10.540 1.00 17.80 ? 119 GLU A CB  1 
ATOM   942  C  CG  . GLU A 1 119 ? 4.518   -17.119 -9.477  1.00 11.86 ? 119 GLU A CG  1 
ATOM   943  C  CD  . GLU A 1 119 ? 5.814   -17.842 -9.758  1.00 15.10 ? 119 GLU A CD  1 
ATOM   944  O  OE1 . GLU A 1 119 ? 6.488   -17.580 -10.791 1.00 18.04 ? 119 GLU A OE1 1 
ATOM   945  O  OE2 . GLU A 1 119 ? 6.158   -18.702 -8.920  1.00 20.74 ? 119 GLU A OE2 1 
ATOM   946  N  N   . LEU A 1 120 ? 3.106   -13.105 -10.889 1.00 25.99 ? 120 LEU A N   1 
ATOM   947  C  CA  . LEU A 1 120 ? 2.778   -12.002 -11.761 1.00 26.99 ? 120 LEU A CA  1 
ATOM   948  C  C   . LEU A 1 120 ? 4.029   -11.249 -12.129 1.00 29.54 ? 120 LEU A C   1 
ATOM   949  O  O   . LEU A 1 120 ? 4.922   -11.061 -11.292 1.00 28.79 ? 120 LEU A O   1 
ATOM   950  C  CB  . LEU A 1 120 ? 1.818   -11.061 -11.026 1.00 27.38 ? 120 LEU A CB  1 
ATOM   951  C  CG  . LEU A 1 120 ? 1.152   -9.892  -11.752 1.00 22.86 ? 120 LEU A CG  1 
ATOM   952  C  CD1 . LEU A 1 120 ? 0.191   -10.447 -12.751 1.00 29.23 ? 120 LEU A CD1 1 
ATOM   953  C  CD2 . LEU A 1 120 ? 0.400   -9.032  -10.766 1.00 25.32 ? 120 LEU A CD2 1 
ATOM   954  N  N   . GLU A 1 121 ? 4.112   -10.872 -13.400 1.00 30.24 ? 121 GLU A N   1 
ATOM   955  C  CA  . GLU A 1 121 ? 5.230   -10.088 -13.898 1.00 28.28 ? 121 GLU A CA  1 
ATOM   956  C  C   . GLU A 1 121 ? 4.547   -8.754  -14.102 1.00 28.45 ? 121 GLU A C   1 
ATOM   957  O  O   . GLU A 1 121 ? 3.483   -8.695  -14.735 1.00 32.16 ? 121 GLU A O   1 
ATOM   958  C  CB  . GLU A 1 121 ? 5.723   -10.638 -15.231 1.00 30.95 ? 121 GLU A CB  1 
ATOM   959  C  CG  . GLU A 1 121 ? 6.789   -11.705 -15.113 1.00 39.78 ? 121 GLU A CG  1 
ATOM   960  C  CD  . GLU A 1 121 ? 8.189   -11.179 -15.439 1.00 48.53 ? 121 GLU A CD  1 
ATOM   961  O  OE1 . GLU A 1 121 ? 8.453   -9.958  -15.220 1.00 50.59 ? 121 GLU A OE1 1 
ATOM   962  O  OE2 . GLU A 1 121 ? 9.019   -11.999 -15.925 1.00 47.78 ? 121 GLU A OE2 1 
ATOM   963  N  N   . ALA A 1 122 ? 5.080   -7.711  -13.478 1.00 26.68 ? 122 ALA A N   1 
ATOM   964  C  CA  . ALA A 1 122 ? 4.488   -6.394  -13.604 1.00 24.00 ? 122 ALA A CA  1 
ATOM   965  C  C   . ALA A 1 122 ? 5.507   -5.311  -13.941 1.00 24.31 ? 122 ALA A C   1 
ATOM   966  O  O   . ALA A 1 122 ? 6.695   -5.416  -13.626 1.00 25.24 ? 122 ALA A O   1 
ATOM   967  C  CB  . ALA A 1 122 ? 3.773   -6.044  -12.317 1.00 21.88 ? 122 ALA A CB  1 
ATOM   968  N  N   . ASP A 1 123 ? 5.037   -4.268  -14.611 1.00 26.18 ? 123 ASP A N   1 
ATOM   969  C  CA  . ASP A 1 123 ? 5.886   -3.150  -14.953 1.00 29.21 ? 123 ASP A CA  1 
ATOM   970  C  C   . ASP A 1 123 ? 4.981   -1.917  -15.003 1.00 31.27 ? 123 ASP A C   1 
ATOM   971  O  O   . ASP A 1 123 ? 3.766   -2.007  -14.763 1.00 31.54 ? 123 ASP A O   1 
ATOM   972  C  CB  . ASP A 1 123 ? 6.630   -3.374  -16.278 1.00 33.04 ? 123 ASP A CB  1 
ATOM   973  C  CG  . ASP A 1 123 ? 5.698   -3.574  -17.465 1.00 39.14 ? 123 ASP A CG  1 
ATOM   974  O  OD1 . ASP A 1 123 ? 4.445   -3.537  -17.305 1.00 41.08 ? 123 ASP A OD1 1 
ATOM   975  O  OD2 . ASP A 1 123 ? 6.249   -3.775  -18.573 1.00 42.23 ? 123 ASP A OD2 1 
ATOM   976  N  N   . GLY A 1 124 ? 5.566   -0.765  -15.296 1.00 29.93 ? 124 GLY A N   1 
ATOM   977  C  CA  . GLY A 1 124 ? 4.777   0.440   -15.348 1.00 25.53 ? 124 GLY A CA  1 
ATOM   978  C  C   . GLY A 1 124 ? 4.314   0.793   -13.953 1.00 24.22 ? 124 GLY A C   1 
ATOM   979  O  O   . GLY A 1 124 ? 5.026   0.537   -12.974 1.00 19.06 ? 124 GLY A O   1 
ATOM   980  N  N   . LEU A 1 125 ? 3.115   1.381   -13.885 1.00 23.25 ? 125 LEU A N   1 
ATOM   981  C  CA  . LEU A 1 125 ? 2.482   1.808   -12.654 1.00 16.75 ? 125 LEU A CA  1 
ATOM   982  C  C   . LEU A 1 125 ? 2.162   0.640   -11.764 1.00 16.39 ? 125 LEU A C   1 
ATOM   983  O  O   . LEU A 1 125 ? 2.333   0.739   -10.571 1.00 16.88 ? 125 LEU A O   1 
ATOM   984  C  CB  . LEU A 1 125 ? 1.212   2.589   -12.964 1.00 14.56 ? 125 LEU A CB  1 
ATOM   985  C  CG  . LEU A 1 125 ? 0.460   3.261   -11.809 1.00 14.90 ? 125 LEU A CG  1 
ATOM   986  C  CD1 . LEU A 1 125 ? 1.253   4.456   -11.326 1.00 12.97 ? 125 LEU A CD1 1 
ATOM   987  C  CD2 . LEU A 1 125 ? -0.929  3.692   -12.290 1.00 14.68 ? 125 LEU A CD2 1 
ATOM   988  N  N   . LEU A 1 126 ? 1.719   -0.474  -12.330 1.00 16.90 ? 126 LEU A N   1 
ATOM   989  C  CA  . LEU A 1 126 ? 1.404   -1.634  -11.500 1.00 19.04 ? 126 LEU A CA  1 
ATOM   990  C  C   . LEU A 1 126 ? 2.615   -2.075  -10.675 1.00 19.25 ? 126 LEU A C   1 
ATOM   991  O  O   . LEU A 1 126 ? 2.494   -2.380  -9.481  1.00 17.52 ? 126 LEU A O   1 
ATOM   992  C  CB  . LEU A 1 126 ? 0.869   -2.818  -12.329 1.00 21.78 ? 126 LEU A CB  1 
ATOM   993  C  CG  . LEU A 1 126 ? 0.529   -4.072  -11.493 1.00 20.41 ? 126 LEU A CG  1 
ATOM   994  C  CD1 . LEU A 1 126 ? -0.461  -3.742  -10.398 1.00 22.87 ? 126 LEU A CD1 1 
ATOM   995  C  CD2 . LEU A 1 126 ? -0.016  -5.185  -12.352 1.00 19.69 ? 126 LEU A CD2 1 
ATOM   996  N  N   . ALA A 1 127 ? 3.793   -2.074  -11.292 1.00 20.28 ? 127 ALA A N   1 
ATOM   997  C  CA  . ALA A 1 127 ? 4.994   -2.480  -10.573 1.00 17.87 ? 127 ALA A CA  1 
ATOM   998  C  C   . ALA A 1 127 ? 5.295   -1.478  -9.482  1.00 16.01 ? 127 ALA A C   1 
ATOM   999  O  O   . ALA A 1 127 ? 5.614   -1.858  -8.376  1.00 21.20 ? 127 ALA A O   1 
ATOM   1000 C  CB  . ALA A 1 127 ? 6.168   -2.614  -11.505 1.00 14.60 ? 127 ALA A CB  1 
ATOM   1001 N  N   . ILE A 1 128 ? 5.178   -0.192  -9.773  1.00 15.43 ? 128 ILE A N   1 
ATOM   1002 C  CA  . ILE A 1 128 ? 5.459   0.811   -8.756  1.00 19.41 ? 128 ILE A CA  1 
ATOM   1003 C  C   . ILE A 1 128 ? 4.504   0.640   -7.570  1.00 21.55 ? 128 ILE A C   1 
ATOM   1004 O  O   . ILE A 1 128 ? 4.942   0.507   -6.431  1.00 26.07 ? 128 ILE A O   1 
ATOM   1005 C  CB  . ILE A 1 128 ? 5.382   2.244   -9.322  1.00 21.29 ? 128 ILE A CB  1 
ATOM   1006 C  CG1 . ILE A 1 128 ? 6.492   2.428   -10.375 1.00 18.02 ? 128 ILE A CG1 1 
ATOM   1007 C  CG2 . ILE A 1 128 ? 5.548   3.267   -8.196  1.00 22.35 ? 128 ILE A CG2 1 
ATOM   1008 C  CD1 . ILE A 1 128 ? 6.461   3.739   -11.099 1.00 20.35 ? 128 ILE A CD1 1 
ATOM   1009 N  N   . CYS A 1 129 ? 3.208   0.553   -7.857  1.00 23.36 ? 129 CYS A N   1 
ATOM   1010 C  CA  . CYS A 1 129 ? 2.170   0.359   -6.838  1.00 19.86 ? 129 CYS A CA  1 
ATOM   1011 C  C   . CYS A 1 129 ? 2.514   -0.807  -5.885  1.00 20.40 ? 129 CYS A C   1 
ATOM   1012 O  O   . CYS A 1 129 ? 2.551   -0.610  -4.666  1.00 20.12 ? 129 CYS A O   1 
ATOM   1013 C  CB  . CYS A 1 129 ? 0.818   0.102   -7.524  1.00 15.39 ? 129 CYS A CB  1 
ATOM   1014 S  SG  . CYS A 1 129 ? -0.587  0.198   -6.415  1.00 20.72 ? 129 CYS A SG  1 
ATOM   1015 N  N   . ILE A 1 130 ? 2.839   -1.978  -6.446  1.00 19.93 ? 130 ILE A N   1 
ATOM   1016 C  CA  . ILE A 1 130 ? 3.209   -3.164  -5.670  1.00 18.65 ? 130 ILE A CA  1 
ATOM   1017 C  C   . ILE A 1 130 ? 4.377   -2.934  -4.706  1.00 20.02 ? 130 ILE A C   1 
ATOM   1018 O  O   . ILE A 1 130 ? 4.364   -3.418  -3.566  1.00 20.58 ? 130 ILE A O   1 
ATOM   1019 C  CB  . ILE A 1 130 ? 3.579   -4.353  -6.574  1.00 17.49 ? 130 ILE A CB  1 
ATOM   1020 C  CG1 . ILE A 1 130 ? 2.369   -4.807  -7.361  1.00 17.33 ? 130 ILE A CG1 1 
ATOM   1021 C  CG2 . ILE A 1 130 ? 4.120   -5.532  -5.738  1.00 15.85 ? 130 ILE A CG2 1 
ATOM   1022 C  CD1 . ILE A 1 130 ? 2.609   -6.082  -8.074  1.00 15.53 ? 130 ILE A CD1 1 
ATOM   1023 N  N   . GLN A 1 131 ? 5.422   -2.270  -5.178  1.00 17.16 ? 131 GLN A N   1 
ATOM   1024 C  CA  . GLN A 1 131 ? 6.539   -2.002  -4.309  1.00 18.54 ? 131 GLN A CA  1 
ATOM   1025 C  C   . GLN A 1 131 ? 6.027   -1.076  -3.204  1.00 21.14 ? 131 GLN A C   1 
ATOM   1026 O  O   . GLN A 1 131 ? 6.222   -1.388  -2.030  1.00 23.32 ? 131 GLN A O   1 
ATOM   1027 C  CB  . GLN A 1 131 ? 7.717   -1.391  -5.083  1.00 22.69 ? 131 GLN A CB  1 
ATOM   1028 C  CG  . GLN A 1 131 ? 8.429   -2.360  -6.032  1.00 25.63 ? 131 GLN A CG  1 
ATOM   1029 C  CD  . GLN A 1 131 ? 9.199   -1.632  -7.149  1.00 28.37 ? 131 GLN A CD  1 
ATOM   1030 O  OE1 . GLN A 1 131 ? 10.321  -1.171  -6.939  1.00 30.27 ? 131 GLN A OE1 1 
ATOM   1031 N  NE2 . GLN A 1 131 ? 8.591   -1.528  -8.328  1.00 23.79 ? 131 GLN A NE2 1 
ATOM   1032 N  N   . HIS A 1 132 ? 5.231   -0.058  -3.554  1.00 21.00 ? 132 HIS A N   1 
ATOM   1033 C  CA  . HIS A 1 132 ? 4.699   0.885   -2.554  1.00 19.41 ? 132 HIS A CA  1 
ATOM   1034 C  C   . HIS A 1 132 ? 3.922   0.148   -1.478  1.00 19.05 ? 132 HIS A C   1 
ATOM   1035 O  O   . HIS A 1 132 ? 4.216   0.303   -0.291  1.00 15.66 ? 132 HIS A O   1 
ATOM   1036 C  CB  . HIS A 1 132 ? 3.790   1.968   -3.200  1.00 18.65 ? 132 HIS A CB  1 
ATOM   1037 C  CG  . HIS A 1 132 ? 3.237   2.970   -2.228  1.00 19.49 ? 132 HIS A CG  1 
ATOM   1038 N  ND1 . HIS A 1 132 ? 3.601   4.310   -2.203  1.00 18.00 ? 132 HIS A ND1 1 
ATOM   1039 C  CD2 . HIS A 1 132 ? 2.314   2.833   -1.252  1.00 16.24 ? 132 HIS A CD2 1 
ATOM   1040 C  CE1 . HIS A 1 132 ? 2.907   4.910   -1.237  1.00 18.64 ? 132 HIS A CE1 1 
ATOM   1041 N  NE2 . HIS A 1 132 ? 2.109   4.054   -0.632  1.00 19.90 ? 132 HIS A NE2 1 
ATOM   1042 N  N   . GLU A 1 133 ? 2.942   -0.642  -1.904  1.00 21.22 ? 133 GLU A N   1 
ATOM   1043 C  CA  . GLU A 1 133 ? 2.088   -1.426  -1.005  1.00 23.42 ? 133 GLU A CA  1 
ATOM   1044 C  C   . GLU A 1 133 ? 2.808   -2.484  -0.164  1.00 23.86 ? 133 GLU A C   1 
ATOM   1045 O  O   . GLU A 1 133 ? 2.383   -2.781  0.960   1.00 25.07 ? 133 GLU A O   1 
ATOM   1046 C  CB  . GLU A 1 133 ? 0.936   -2.057  -1.785  1.00 23.69 ? 133 GLU A CB  1 
ATOM   1047 C  CG  . GLU A 1 133 ? 0.032   -1.059  -2.475  1.00 24.77 ? 133 GLU A CG  1 
ATOM   1048 C  CD  . GLU A 1 133 ? -0.453  0.054   -1.574  1.00 23.42 ? 133 GLU A CD  1 
ATOM   1049 O  OE1 . GLU A 1 133 ? -0.600  -0.175  -0.359  1.00 23.95 ? 133 GLU A OE1 1 
ATOM   1050 O  OE2 . GLU A 1 133 ? -0.708  1.151   -2.107  1.00 27.34 ? 133 GLU A OE2 1 
ATOM   1051 N  N   . MET A 1 134 ? 3.869   -3.075  -0.709  1.00 23.40 ? 134 MET A N   1 
ATOM   1052 C  CA  . MET A 1 134 ? 4.638   -4.058  0.048   1.00 22.52 ? 134 MET A CA  1 
ATOM   1053 C  C   . MET A 1 134 ? 5.471   -3.358  1.128   1.00 21.78 ? 134 MET A C   1 
ATOM   1054 O  O   . MET A 1 134 ? 5.575   -3.865  2.238   1.00 23.51 ? 134 MET A O   1 
ATOM   1055 C  CB  . MET A 1 134 ? 5.517   -4.917  -0.862  1.00 22.14 ? 134 MET A CB  1 
ATOM   1056 C  CG  . MET A 1 134 ? 4.798   -6.138  -1.454  1.00 19.03 ? 134 MET A CG  1 
ATOM   1057 S  SD  . MET A 1 134 ? 5.846   -7.223  -2.491  1.00 22.82 ? 134 MET A SD  1 
ATOM   1058 C  CE  . MET A 1 134 ? 6.722   -8.200  -1.260  1.00 16.83 ? 134 MET A CE  1 
ATOM   1059 N  N   . ASP A 1 135 ? 6.008   -2.170  0.834   1.00 20.73 ? 135 ASP A N   1 
ATOM   1060 C  CA  . ASP A 1 135 ? 6.769   -1.424  1.834   1.00 19.92 ? 135 ASP A CA  1 
ATOM   1061 C  C   . ASP A 1 135 ? 5.862   -1.223  3.048   1.00 20.25 ? 135 ASP A C   1 
ATOM   1062 O  O   . ASP A 1 135 ? 6.287   -1.389  4.188   1.00 17.46 ? 135 ASP A O   1 
ATOM   1063 C  CB  . ASP A 1 135 ? 7.149   -0.044  1.300   1.00 19.59 ? 135 ASP A CB  1 
ATOM   1064 C  CG  . ASP A 1 135 ? 8.478   -0.023  0.593   1.00 25.09 ? 135 ASP A CG  1 
ATOM   1065 O  OD1 . ASP A 1 135 ? 9.243   -1.019  0.630   1.00 28.10 ? 135 ASP A OD1 1 
ATOM   1066 O  OD2 . ASP A 1 135 ? 8.760   1.036   0.005   1.00 29.61 ? 135 ASP A OD2 1 
ATOM   1067 N  N   . HIS A 1 136 ? 4.608   -0.862  2.779   1.00 19.85 ? 136 HIS A N   1 
ATOM   1068 C  CA  . HIS A 1 136 ? 3.603   -0.630  3.808   1.00 20.65 ? 136 HIS A CA  1 
ATOM   1069 C  C   . HIS A 1 136 ? 3.501   -1.825  4.748   1.00 22.63 ? 136 HIS A C   1 
ATOM   1070 O  O   . HIS A 1 136 ? 3.235   -1.649  5.937   1.00 23.96 ? 136 HIS A O   1 
ATOM   1071 C  CB  . HIS A 1 136 ? 2.237   -0.426  3.168   1.00 22.15 ? 136 HIS A CB  1 
ATOM   1072 C  CG  . HIS A 1 136 ? 1.841   1.000   3.008   1.00 23.16 ? 136 HIS A CG  1 
ATOM   1073 N  ND1 . HIS A 1 136 ? 2.009   1.946   3.998   1.00 25.58 ? 136 HIS A ND1 1 
ATOM   1074 C  CD2 . HIS A 1 136 ? 1.252   1.630   1.968   1.00 25.24 ? 136 HIS A CD2 1 
ATOM   1075 C  CE1 . HIS A 1 136 ? 1.528   3.076   3.525   1.00 24.42 ? 136 HIS A CE1 1 
ATOM   1076 N  NE2 . HIS A 1 136 ? 1.063   2.920   2.299   1.00 24.62 ? 136 HIS A NE2 1 
ATOM   1077 N  N   . LEU A 1 137 ? 3.659   -3.035  4.210   1.00 21.90 ? 137 LEU A N   1 
ATOM   1078 C  CA  . LEU A 1 137 ? 3.560   -4.253  5.021   1.00 23.19 ? 137 LEU A CA  1 
ATOM   1079 C  C   . LEU A 1 137 ? 4.725   -4.455  5.970   1.00 23.86 ? 137 LEU A C   1 
ATOM   1080 O  O   . LEU A 1 137 ? 4.607   -5.188  6.945   1.00 21.63 ? 137 LEU A O   1 
ATOM   1081 C  CB  . LEU A 1 137 ? 3.376   -5.501  4.155   1.00 21.83 ? 137 LEU A CB  1 
ATOM   1082 C  CG  . LEU A 1 137 ? 2.031   -5.741  3.469   1.00 21.53 ? 137 LEU A CG  1 
ATOM   1083 C  CD1 . LEU A 1 137 ? 2.049   -7.145  2.882   1.00 18.39 ? 137 LEU A CD1 1 
ATOM   1084 C  CD2 . LEU A 1 137 ? 0.868   -5.583  4.450   1.00 20.82 ? 137 LEU A CD2 1 
ATOM   1085 N  N   . VAL A 1 138 ? 5.849   -3.801  5.687   1.00 24.81 ? 138 VAL A N   1 
ATOM   1086 C  CA  . VAL A 1 138 ? 7.016   -3.907  6.552   1.00 24.38 ? 138 VAL A CA  1 
ATOM   1087 C  C   . VAL A 1 138 ? 7.290   -2.616  7.326   1.00 27.73 ? 138 VAL A C   1 
ATOM   1088 O  O   . VAL A 1 138 ? 8.420   -2.366  7.729   1.00 29.37 ? 138 VAL A O   1 
ATOM   1089 C  CB  . VAL A 1 138 ? 8.256   -4.371  5.786   1.00 21.80 ? 138 VAL A CB  1 
ATOM   1090 C  CG1 . VAL A 1 138 ? 7.972   -5.663  5.096   1.00 18.41 ? 138 VAL A CG1 1 
ATOM   1091 C  CG2 . VAL A 1 138 ? 8.685   -3.344  4.781   1.00 25.91 ? 138 VAL A CG2 1 
ATOM   1092 N  N   . GLY A 1 139 ? 6.238   -1.823  7.540   1.00 30.28 ? 139 GLY A N   1 
ATOM   1093 C  CA  . GLY A 1 139 ? 6.351   -0.582  8.282   1.00 30.30 ? 139 GLY A CA  1 
ATOM   1094 C  C   . GLY A 1 139 ? 7.108   0.532   7.591   1.00 31.57 ? 139 GLY A C   1 
ATOM   1095 O  O   . GLY A 1 139 ? 7.505   1.496   8.241   1.00 35.30 ? 139 GLY A O   1 
ATOM   1096 N  N   . LYS A 1 140 ? 7.281   0.454   6.276   1.00 31.60 ? 140 LYS A N   1 
ATOM   1097 C  CA  . LYS A 1 140 ? 8.015   1.482   5.566   1.00 30.73 ? 140 LYS A CA  1 
ATOM   1098 C  C   . LYS A 1 140 ? 7.056   2.330   4.727   1.00 32.13 ? 140 LYS A C   1 
ATOM   1099 O  O   . LYS A 1 140 ? 6.167   1.786   4.077   1.00 33.93 ? 140 LYS A O   1 
ATOM   1100 C  CB  . LYS A 1 140 ? 9.064   0.808   4.697   1.00 29.51 ? 140 LYS A CB  1 
ATOM   1101 C  CG  . LYS A 1 140 ? 10.205  1.696   4.303   1.00 37.02 ? 140 LYS A CG  1 
ATOM   1102 C  CD  . LYS A 1 140 ? 11.190  0.967   3.381   1.00 44.13 ? 140 LYS A CD  1 
ATOM   1103 C  CE  . LYS A 1 140 ? 12.338  1.908   2.963   1.00 49.43 ? 140 LYS A CE  1 
ATOM   1104 N  NZ  . LYS A 1 140 ? 13.360  1.288   2.060   1.00 50.12 ? 140 LYS A NZ  1 
ATOM   1105 N  N   . LEU A 1 141 ? 7.226   3.655   4.773   1.00 33.56 ? 141 LEU A N   1 
ATOM   1106 C  CA  . LEU A 1 141 ? 6.387   4.612   4.040   1.00 31.01 ? 141 LEU A CA  1 
ATOM   1107 C  C   . LEU A 1 141 ? 7.248   5.250   2.961   1.00 30.80 ? 141 LEU A C   1 
ATOM   1108 O  O   . LEU A 1 141 ? 8.474   5.219   3.060   1.00 32.26 ? 141 LEU A O   1 
ATOM   1109 C  CB  . LEU A 1 141 ? 5.847   5.692   4.986   1.00 30.79 ? 141 LEU A CB  1 
ATOM   1110 C  CG  . LEU A 1 141 ? 4.901   5.169   6.071   1.00 28.99 ? 141 LEU A CG  1 
ATOM   1111 C  CD1 . LEU A 1 141 ? 4.739   6.144   7.210   1.00 24.88 ? 141 LEU A CD1 1 
ATOM   1112 C  CD2 . LEU A 1 141 ? 3.565   4.867   5.467   1.00 28.51 ? 141 LEU A CD2 1 
ATOM   1113 N  N   . PHE A 1 142 ? 6.628   5.858   1.950   1.00 30.27 ? 142 PHE A N   1 
ATOM   1114 C  CA  . PHE A 1 142 ? 7.405   6.438   0.858   1.00 27.83 ? 142 PHE A CA  1 
ATOM   1115 C  C   . PHE A 1 142 ? 8.332   7.569   1.264   1.00 29.78 ? 142 PHE A C   1 
ATOM   1116 O  O   . PHE A 1 142 ? 9.323   7.834   0.566   1.00 27.89 ? 142 PHE A O   1 
ATOM   1117 C  CB  . PHE A 1 142 ? 6.502   6.853   -0.320  1.00 24.13 ? 142 PHE A CB  1 
ATOM   1118 C  CG  . PHE A 1 142 ? 5.852   8.199   -0.168  1.00 21.46 ? 142 PHE A CG  1 
ATOM   1119 C  CD1 . PHE A 1 142 ? 6.564   9.371   -0.404  1.00 24.62 ? 142 PHE A CD1 1 
ATOM   1120 C  CD2 . PHE A 1 142 ? 4.519   8.299   0.179   1.00 23.75 ? 142 PHE A CD2 1 
ATOM   1121 C  CE1 . PHE A 1 142 ? 5.952   10.621  -0.302  1.00 23.65 ? 142 PHE A CE1 1 
ATOM   1122 C  CE2 . PHE A 1 142 ? 3.903   9.550   0.279   1.00 24.55 ? 142 PHE A CE2 1 
ATOM   1123 C  CZ  . PHE A 1 142 ? 4.623   10.708  0.040   1.00 23.43 ? 142 PHE A CZ  1 
ATOM   1124 N  N   . MET A 1 143 ? 8.011   8.222   2.387   1.00 30.70 ? 143 MET A N   1 
ATOM   1125 C  CA  . MET A 1 143 ? 8.804   9.336   2.895   1.00 31.04 ? 143 MET A CA  1 
ATOM   1126 C  C   . MET A 1 143 ? 10.169  8.947   3.463   1.00 32.12 ? 143 MET A C   1 
ATOM   1127 O  O   . MET A 1 143 ? 11.052  9.798   3.595   1.00 36.62 ? 143 MET A O   1 
ATOM   1128 C  CB  . MET A 1 143 ? 8.026   10.131  3.943   1.00 34.04 ? 143 MET A CB  1 
ATOM   1129 C  CG  . MET A 1 143 ? 7.755   9.376   5.233   1.00 36.32 ? 143 MET A CG  1 
ATOM   1130 S  SD  . MET A 1 143 ? 6.754   10.378  6.333   1.00 36.74 ? 143 MET A SD  1 
ATOM   1131 C  CE  . MET A 1 143 ? 7.900   10.564  7.746   1.00 35.87 ? 143 MET A CE  1 
ATOM   1132 N  N   . ASP A 1 144 ? 10.356  7.671   3.771   1.00 28.15 ? 144 ASP A N   1 
ATOM   1133 C  CA  . ASP A 1 144 ? 11.627  7.224   4.322   1.00 30.42 ? 144 ASP A CA  1 
ATOM   1134 C  C   . ASP A 1 144 ? 12.753  7.264   3.304   1.00 34.05 ? 144 ASP A C   1 
ATOM   1135 O  O   . ASP A 1 144 ? 13.920  7.090   3.664   1.00 39.72 ? 144 ASP A O   1 
ATOM   1136 C  CB  . ASP A 1 144 ? 11.531  5.802   4.860   1.00 30.46 ? 144 ASP A CB  1 
ATOM   1137 C  CG  . ASP A 1 144 ? 10.446  5.631   5.896   1.00 28.78 ? 144 ASP A CG  1 
ATOM   1138 O  OD1 . ASP A 1 144 ? 9.949   6.638   6.449   1.00 28.78 ? 144 ASP A OD1 1 
ATOM   1139 O  OD2 . ASP A 1 144 ? 10.104  4.463   6.156   1.00 26.99 ? 144 ASP A OD2 1 
ATOM   1140 N  N   . TYR A 1 145 ? 12.415  7.419   2.034   1.00 34.11 ? 145 TYR A N   1 
ATOM   1141 C  CA  . TYR A 1 145 ? 13.428  7.459   0.992   1.00 32.33 ? 145 TYR A CA  1 
ATOM   1142 C  C   . TYR A 1 145 ? 14.025  8.832   0.810   1.00 33.69 ? 145 TYR A C   1 
ATOM   1143 O  O   . TYR A 1 145 ? 15.085  8.965   0.215   1.00 36.49 ? 145 TYR A O   1 
ATOM   1144 C  CB  . TYR A 1 145 ? 12.833  7.002   -0.328  1.00 33.95 ? 145 TYR A CB  1 
ATOM   1145 C  CG  . TYR A 1 145 ? 12.440  5.544   -0.323  1.00 32.93 ? 145 TYR A CG  1 
ATOM   1146 C  CD1 . TYR A 1 145 ? 11.191  5.139   0.147   1.00 32.68 ? 145 TYR A CD1 1 
ATOM   1147 C  CD2 . TYR A 1 145 ? 13.326  4.567   -0.769  1.00 28.90 ? 145 TYR A CD2 1 
ATOM   1148 C  CE1 . TYR A 1 145 ? 10.843  3.797   0.186   1.00 31.54 ? 145 TYR A CE1 1 
ATOM   1149 C  CE2 . TYR A 1 145 ? 12.988  3.234   -0.725  1.00 27.55 ? 145 TYR A CE2 1 
ATOM   1150 C  CZ  . TYR A 1 145 ? 11.749  2.854   -0.253  1.00 26.97 ? 145 TYR A CZ  1 
ATOM   1151 O  OH  . TYR A 1 145 ? 11.425  1.520   -0.181  1.00 24.49 ? 145 TYR A OH  1 
ATOM   1152 N  N   . LEU A 1 146 ? 13.343  9.853   1.326   1.00 33.56 ? 146 LEU A N   1 
ATOM   1153 C  CA  . LEU A 1 146 ? 13.793  11.227  1.189   1.00 35.10 ? 146 LEU A CA  1 
ATOM   1154 C  C   . LEU A 1 146 ? 14.841  11.607  2.232   1.00 38.73 ? 146 LEU A C   1 
ATOM   1155 O  O   . LEU A 1 146 ? 15.098  10.842  3.165   1.00 40.30 ? 146 LEU A O   1 
ATOM   1156 C  CB  . LEU A 1 146 ? 12.583  12.168  1.317   1.00 36.17 ? 146 LEU A CB  1 
ATOM   1157 C  CG  . LEU A 1 146 ? 11.413  12.216  0.318   1.00 32.78 ? 146 LEU A CG  1 
ATOM   1158 C  CD1 . LEU A 1 146 ? 11.752  11.555  -0.996  1.00 36.41 ? 146 LEU A CD1 1 
ATOM   1159 C  CD2 . LEU A 1 146 ? 10.212  11.567  0.921   1.00 34.27 ? 146 LEU A CD2 1 
ATOM   1160 N  N   . SER A 1 147 ? 15.451  12.786  2.075   1.00 40.75 ? 147 SER A N   1 
ATOM   1161 C  CA  . SER A 1 147 ? 16.431  13.269  3.048   1.00 42.19 ? 147 SER A CA  1 
ATOM   1162 C  C   . SER A 1 147 ? 15.687  13.624  4.358   1.00 44.15 ? 147 SER A C   1 
ATOM   1163 O  O   . SER A 1 147 ? 14.527  14.045  4.331   1.00 43.24 ? 147 SER A O   1 
ATOM   1164 C  CB  . SER A 1 147 ? 17.190  14.484  2.488   1.00 42.24 ? 147 SER A CB  1 
ATOM   1165 O  OG  . SER A 1 147 ? 16.327  15.507  2.017   1.00 47.60 ? 147 SER A OG  1 
ATOM   1166 N  N   . PRO A 1 148 ? 16.355  13.473  5.523   1.00 48.32 ? 148 PRO A N   1 
ATOM   1167 C  CA  . PRO A 1 148 ? 15.739  13.776  6.828   1.00 47.00 ? 148 PRO A CA  1 
ATOM   1168 C  C   . PRO A 1 148 ? 15.103  15.159  6.904   1.00 50.08 ? 148 PRO A C   1 
ATOM   1169 O  O   . PRO A 1 148 ? 14.113  15.341  7.613   1.00 50.64 ? 148 PRO A O   1 
ATOM   1170 C  CB  . PRO A 1 148 ? 16.907  13.665  7.803   1.00 46.18 ? 148 PRO A CB  1 
ATOM   1171 C  CG  . PRO A 1 148 ? 17.810  12.666  7.143   1.00 48.28 ? 148 PRO A CG  1 
ATOM   1172 C  CD  . PRO A 1 148 ? 17.767  13.078  5.686   1.00 47.21 ? 148 PRO A CD  1 
ATOM   1173 N  N   . LEU A 1 149 ? 15.677  16.140  6.206   1.00 52.01 ? 149 LEU A N   1 
ATOM   1174 C  CA  . LEU A 1 149 ? 15.121  17.486  6.217   1.00 53.20 ? 149 LEU A CA  1 
ATOM   1175 C  C   . LEU A 1 149 ? 13.719  17.453  5.587   1.00 53.44 ? 149 LEU A C   1 
ATOM   1176 O  O   . LEU A 1 149 ? 12.751  17.949  6.193   1.00 53.75 ? 149 LEU A O   1 
ATOM   1177 C  CB  . LEU A 1 149 ? 16.034  18.480  5.470   1.00 56.33 ? 149 LEU A CB  1 
ATOM   1178 C  CG  . LEU A 1 149 ? 15.451  19.883  5.174   1.00 59.18 ? 149 LEU A CG  1 
ATOM   1179 C  CD1 . LEU A 1 149 ? 15.022  20.604  6.481   1.00 54.80 ? 149 LEU A CD1 1 
ATOM   1180 C  CD2 . LEU A 1 149 ? 16.452  20.719  4.372   1.00 54.84 ? 149 LEU A CD2 1 
ATOM   1181 N  N   . LYS A 1 150 ? 13.605  16.838  4.404   1.00 51.60 ? 150 LYS A N   1 
ATOM   1182 C  CA  . LYS A 1 150 ? 12.317  16.754  3.696   1.00 51.75 ? 150 LYS A CA  1 
ATOM   1183 C  C   . LYS A 1 150 ? 11.285  15.953  4.501   1.00 48.68 ? 150 LYS A C   1 
ATOM   1184 O  O   . LYS A 1 150 ? 10.092  16.299  4.515   1.00 46.63 ? 150 LYS A O   1 
ATOM   1185 C  CB  . LYS A 1 150 ? 12.492  16.156  2.285   1.00 51.54 ? 150 LYS A CB  1 
ATOM   1186 C  CG  . LYS A 1 150 ? 13.620  16.817  1.454   1.00 56.34 ? 150 LYS A CG  1 
ATOM   1187 C  CD  . LYS A 1 150 ? 13.636  16.376  -0.020  1.00 57.56 ? 150 LYS A CD  1 
ATOM   1188 C  CE  . LYS A 1 150 ? 12.418  16.922  -0.785  1.00 60.35 ? 150 LYS A CE  1 
ATOM   1189 N  NZ  . LYS A 1 150 ? 12.383  16.479  -2.218  1.00 63.40 ? 150 LYS A NZ  1 
ATOM   1190 N  N   . GLN A 1 151 ? 11.755  14.895  5.170   1.00 44.59 ? 151 GLN A N   1 
ATOM   1191 C  CA  . GLN A 1 151 ? 10.900  14.042  6.000   1.00 42.40 ? 151 GLN A CA  1 
ATOM   1192 C  C   . GLN A 1 151 ? 10.272  14.879  7.099   1.00 45.88 ? 151 GLN A C   1 
ATOM   1193 O  O   . GLN A 1 151 ? 9.046   14.837  7.318   1.00 45.46 ? 151 GLN A O   1 
ATOM   1194 C  CB  . GLN A 1 151 ? 11.700  12.904  6.642   1.00 39.03 ? 151 GLN A CB  1 
ATOM   1195 C  CG  . GLN A 1 151 ? 12.269  11.936  5.642   1.00 36.71 ? 151 GLN A CG  1 
ATOM   1196 C  CD  . GLN A 1 151 ? 12.882  10.711  6.292   1.00 33.16 ? 151 GLN A CD  1 
ATOM   1197 O  OE1 . GLN A 1 151 ? 12.326  10.156  7.246   1.00 28.35 ? 151 GLN A OE1 1 
ATOM   1198 N  NE2 . GLN A 1 151 ? 14.018  10.256  5.753   1.00 31.93 ? 151 GLN A NE2 1 
ATOM   1199 N  N   . GLN A 1 152 ? 11.132  15.644  7.780   1.00 48.03 ? 152 GLN A N   1 
ATOM   1200 C  CA  . GLN A 1 152 ? 10.729  16.510  8.871   1.00 46.03 ? 152 GLN A CA  1 
ATOM   1201 C  C   . GLN A 1 152 ? 9.678   17.520  8.386   1.00 45.53 ? 152 GLN A C   1 
ATOM   1202 O  O   . GLN A 1 152 ? 8.649   17.675  9.046   1.00 43.21 ? 152 GLN A O   1 
ATOM   1203 C  CB  . GLN A 1 152 ? 11.970  17.179  9.476   1.00 48.46 ? 152 GLN A CB  1 
ATOM   1204 C  CG  . GLN A 1 152 ? 11.744  18.067  10.713  1.00 56.54 ? 152 GLN A CG  1 
ATOM   1205 C  CD  . GLN A 1 152 ? 11.326  17.286  11.965  1.00 63.90 ? 152 GLN A CD  1 
ATOM   1206 O  OE1 . GLN A 1 152 ? 11.993  16.335  12.389  1.00 68.09 ? 152 GLN A OE1 1 
ATOM   1207 N  NE2 . GLN A 1 152 ? 10.223  17.709  12.578  1.00 65.73 ? 152 GLN A NE2 1 
ATOM   1208 N  N   . ARG A 1 153 ? 9.885   18.128  7.209   1.00 44.08 ? 153 ARG A N   1 
ATOM   1209 C  CA  . ARG A 1 153 ? 8.911   19.101  6.658   1.00 47.28 ? 153 ARG A CA  1 
ATOM   1210 C  C   . ARG A 1 153 ? 7.539   18.437  6.486   1.00 44.84 ? 153 ARG A C   1 
ATOM   1211 O  O   . ARG A 1 153 ? 6.495   19.044  6.767   1.00 41.29 ? 153 ARG A O   1 
ATOM   1212 C  CB  . ARG A 1 153 ? 9.332   19.613  5.272   1.00 51.58 ? 153 ARG A CB  1 
ATOM   1213 C  CG  . ARG A 1 153 ? 10.749  20.109  5.156   1.00 59.61 ? 153 ARG A CG  1 
ATOM   1214 C  CD  . ARG A 1 153 ? 10.805  21.621  5.146   1.00 64.68 ? 153 ARG A CD  1 
ATOM   1215 N  NE  . ARG A 1 153 ? 12.193  22.084  5.153   1.00 69.06 ? 153 ARG A NE  1 
ATOM   1216 C  CZ  . ARG A 1 153 ? 12.568  23.334  4.894   1.00 69.17 ? 153 ARG A CZ  1 
ATOM   1217 N  NH1 . ARG A 1 153 ? 11.654  24.256  4.586   1.00 68.36 ? 153 ARG A NH1 1 
ATOM   1218 N  NH2 . ARG A 1 153 ? 13.848  23.670  4.989   1.00 68.34 ? 153 ARG A NH2 1 
ATOM   1219 N  N   . ILE A 1 154 ? 7.570   17.217  5.952   1.00 43.99 ? 154 ILE A N   1 
ATOM   1220 C  CA  . ILE A 1 154 ? 6.375   16.408  5.697   1.00 42.09 ? 154 ILE A CA  1 
ATOM   1221 C  C   . ILE A 1 154 ? 5.587   16.149  6.971   1.00 41.63 ? 154 ILE A C   1 
ATOM   1222 O  O   . ILE A 1 154 ? 4.364   16.321  7.002   1.00 40.66 ? 154 ILE A O   1 
ATOM   1223 C  CB  . ILE A 1 154 ? 6.738   15.075  4.997   1.00 41.73 ? 154 ILE A CB  1 
ATOM   1224 C  CG1 . ILE A 1 154 ? 7.091   15.342  3.536   1.00 39.84 ? 154 ILE A CG1 1 
ATOM   1225 C  CG2 . ILE A 1 154 ? 5.598   14.091  5.078   1.00 42.55 ? 154 ILE A CG2 1 
ATOM   1226 C  CD1 . ILE A 1 154 ? 7.426   14.106  2.753   1.00 33.26 ? 154 ILE A CD1 1 
ATOM   1227 N  N   . ARG A 1 155 ? 6.287   15.719  8.012   1.00 41.74 ? 155 ARG A N   1 
ATOM   1228 C  CA  . ARG A 1 155 ? 5.651   15.467  9.299   1.00 41.25 ? 155 ARG A CA  1 
ATOM   1229 C  C   . ARG A 1 155 ? 5.023   16.749  9.833   1.00 41.89 ? 155 ARG A C   1 
ATOM   1230 O  O   . ARG A 1 155 ? 3.904   16.698  10.335  1.00 40.67 ? 155 ARG A O   1 
ATOM   1231 C  CB  . ARG A 1 155 ? 6.651   14.927  10.312  1.00 43.36 ? 155 ARG A CB  1 
ATOM   1232 C  CG  . ARG A 1 155 ? 6.685   13.429  10.376  1.00 46.04 ? 155 ARG A CG  1 
ATOM   1233 C  CD  . ARG A 1 155 ? 7.499   12.937  11.551  1.00 47.58 ? 155 ARG A CD  1 
ATOM   1234 N  NE  . ARG A 1 155 ? 8.840   12.564  11.121  1.00 56.18 ? 155 ARG A NE  1 
ATOM   1235 C  CZ  . ARG A 1 155 ? 9.946   13.248  11.419  1.00 61.48 ? 155 ARG A CZ  1 
ATOM   1236 N  NH1 . ARG A 1 155 ? 9.879   14.364  12.157  1.00 63.16 ? 155 ARG A NH1 1 
ATOM   1237 N  NH2 . ARG A 1 155 ? 11.123  12.822  10.960  1.00 62.50 ? 155 ARG A NH2 1 
ATOM   1238 N  N   . GLN A 1 156 ? 5.731   17.881  9.715   1.00 41.87 ? 156 GLN A N   1 
ATOM   1239 C  CA  . GLN A 1 156 ? 5.222   19.178  10.174  1.00 44.50 ? 156 GLN A CA  1 
ATOM   1240 C  C   . GLN A 1 156 ? 3.931   19.493  9.421   1.00 44.64 ? 156 GLN A C   1 
ATOM   1241 O  O   . GLN A 1 156 ? 2.911   19.825  10.038  1.00 44.56 ? 156 GLN A O   1 
ATOM   1242 C  CB  . GLN A 1 156 ? 6.175   20.373  9.875   1.00 51.49 ? 156 GLN A CB  1 
ATOM   1243 C  CG  . GLN A 1 156 ? 7.705   20.189  9.930   1.00 57.89 ? 156 GLN A CG  1 
ATOM   1244 C  CD  . GLN A 1 156 ? 8.274   20.030  11.331  1.00 59.00 ? 156 GLN A CD  1 
ATOM   1245 O  OE1 . GLN A 1 156 ? 7.651   19.413  12.197  1.00 66.23 ? 156 GLN A OE1 1 
ATOM   1246 N  NE2 . GLN A 1 156 ? 9.501   20.524  11.537  1.00 51.74 ? 156 GLN A NE2 1 
ATOM   1247 N  N   . LYS A 1 157 ? 3.985   19.390  8.090   1.00 43.12 ? 157 LYS A N   1 
ATOM   1248 C  CA  . LYS A 1 157 ? 2.833   19.694  7.254   1.00 42.27 ? 157 LYS A CA  1 
ATOM   1249 C  C   . LYS A 1 157 ? 1.581   18.841  7.515   1.00 41.44 ? 157 LYS A C   1 
ATOM   1250 O  O   . LYS A 1 157 ? 0.466   19.382  7.586   1.00 37.50 ? 157 LYS A O   1 
ATOM   1251 C  CB  . LYS A 1 157 ? 3.219   19.688  5.767   1.00 44.74 ? 157 LYS A CB  1 
ATOM   1252 C  CG  . LYS A 1 157 ? 3.808   21.014  5.254   1.00 51.41 ? 157 LYS A CG  1 
ATOM   1253 C  CD  . LYS A 1 157 ? 4.105   20.992  3.737   1.00 58.07 ? 157 LYS A CD  1 
ATOM   1254 C  CE  . LYS A 1 157 ? 5.310   20.083  3.398   1.00 63.39 ? 157 LYS A CE  1 
ATOM   1255 N  NZ  . LYS A 1 157 ? 5.494   19.759  1.928   1.00 65.68 ? 157 LYS A NZ  1 
ATOM   1256 N  N   . VAL A 1 158 ? 1.760   17.527  7.653   1.00 38.77 ? 158 VAL A N   1 
ATOM   1257 C  CA  . VAL A 1 158 ? 0.648   16.609  7.923   1.00 36.06 ? 158 VAL A CA  1 
ATOM   1258 C  C   . VAL A 1 158 ? 0.119   16.832  9.340   1.00 35.82 ? 158 VAL A C   1 
ATOM   1259 O  O   . VAL A 1 158 ? -1.099  16.938  9.532   1.00 34.76 ? 158 VAL A O   1 
ATOM   1260 C  CB  . VAL A 1 158 ? 1.067   15.132  7.756   1.00 37.15 ? 158 VAL A CB  1 
ATOM   1261 C  CG1 . VAL A 1 158 ? -0.103  14.187  8.112   1.00 32.87 ? 158 VAL A CG1 1 
ATOM   1262 C  CG2 . VAL A 1 158 ? 1.530   14.885  6.318   1.00 41.80 ? 158 VAL A CG2 1 
ATOM   1263 N  N   . GLU A 1 159 ? 1.046   16.945  10.308  1.00 34.81 ? 159 GLU A N   1 
ATOM   1264 C  CA  . GLU A 1 159 ? 0.743   17.189  11.735  1.00 34.43 ? 159 GLU A CA  1 
ATOM   1265 C  C   . GLU A 1 159 ? -0.198  18.412  11.819  1.00 37.25 ? 159 GLU A C   1 
ATOM   1266 O  O   . GLU A 1 159 ? -1.286  18.343  12.402  1.00 35.73 ? 159 GLU A O   1 
ATOM   1267 C  CB  . GLU A 1 159 ? 2.059   17.471  12.491  1.00 33.93 ? 159 GLU A CB  1 
ATOM   1268 C  CG  . GLU A 1 159 ? 2.398   16.540  13.687  1.00 37.91 ? 159 GLU A CG  1 
ATOM   1269 C  CD  . GLU A 1 159 ? 3.935   16.248  13.854  1.00 45.03 ? 159 GLU A CD  1 
ATOM   1270 O  OE1 . GLU A 1 159 ? 4.742   17.180  14.094  1.00 50.52 ? 159 GLU A OE1 1 
ATOM   1271 O  OE2 . GLU A 1 159 ? 4.353   15.072  13.723  1.00 45.37 ? 159 GLU A OE2 1 
ATOM   1272 N  N   . LYS A 1 160 ? 0.203   19.495  11.152  1.00 40.70 ? 160 LYS A N   1 
ATOM   1273 C  CA  . LYS A 1 160 ? -0.561  20.745  11.085  1.00 44.02 ? 160 LYS A CA  1 
ATOM   1274 C  C   . LYS A 1 160 ? -1.931  20.514  10.429  1.00 46.89 ? 160 LYS A C   1 
ATOM   1275 O  O   . LYS A 1 160 ? -2.987  20.803  11.013  1.00 46.22 ? 160 LYS A O   1 
ATOM   1276 C  CB  . LYS A 1 160 ? 0.231   21.787  10.267  1.00 44.54 ? 160 LYS A CB  1 
ATOM   1277 C  CG  . LYS A 1 160 ? -0.343  23.222  10.280  1.00 51.53 ? 160 LYS A CG  1 
ATOM   1278 C  CD  . LYS A 1 160 ? 0.666   24.243  9.728   1.00 53.41 ? 160 LYS A CD  1 
ATOM   1279 C  CE  . LYS A 1 160 ? 0.175   25.686  9.847   1.00 53.52 ? 160 LYS A CE  1 
ATOM   1280 N  NZ  . LYS A 1 160 ? 0.931   26.605  8.920   1.00 52.11 ? 160 LYS A NZ  1 
ATOM   1281 N  N   . LEU A 1 161 ? -1.886  19.982  9.210   1.00 50.64 ? 161 LEU A N   1 
ATOM   1282 C  CA  . LEU A 1 161 ? -3.066  19.689  8.396   1.00 52.65 ? 161 LEU A CA  1 
ATOM   1283 C  C   . LEU A 1 161 ? -4.157  18.975  9.195   1.00 54.30 ? 161 LEU A C   1 
ATOM   1284 O  O   . LEU A 1 161 ? -5.315  19.410  9.216   1.00 51.65 ? 161 LEU A O   1 
ATOM   1285 C  CB  . LEU A 1 161 ? -2.636  18.841  7.198   1.00 53.72 ? 161 LEU A CB  1 
ATOM   1286 C  CG  . LEU A 1 161 ? -3.403  18.884  5.874   1.00 53.78 ? 161 LEU A CG  1 
ATOM   1287 C  CD1 . LEU A 1 161 ? -2.480  18.326  4.794   1.00 54.06 ? 161 LEU A CD1 1 
ATOM   1288 C  CD2 . LEU A 1 161 ? -4.712  18.096  5.960   1.00 51.86 ? 161 LEU A CD2 1 
ATOM   1289 N  N   . ASP A 1 162 ? -3.760  17.909  9.884   1.00 57.00 ? 162 ASP A N   1 
ATOM   1290 C  CA  . ASP A 1 162 ? -4.682  17.127  10.708  1.00 59.80 ? 162 ASP A CA  1 
ATOM   1291 C  C   . ASP A 1 162 ? -5.271  17.922  11.862  1.00 61.41 ? 162 ASP A C   1 
ATOM   1292 O  O   . ASP A 1 162 ? -6.489  17.938  12.038  1.00 63.69 ? 162 ASP A O   1 
ATOM   1293 C  CB  . ASP A 1 162 ? -4.011  15.869  11.290  1.00 61.80 ? 162 ASP A CB  1 
ATOM   1294 C  CG  . ASP A 1 162 ? -3.890  14.724  10.281  1.00 64.05 ? 162 ASP A CG  1 
ATOM   1295 O  OD1 . ASP A 1 162 ? -4.533  14.783  9.202   1.00 63.73 ? 162 ASP A OD1 1 
ATOM   1296 O  OD2 . ASP A 1 162 ? -3.147  13.756  10.593  1.00 61.69 ? 162 ASP A OD2 1 
ATOM   1297 N  N   . ARG A 1 163 ? -4.417  18.580  12.645  1.00 60.66 ? 163 ARG A N   1 
ATOM   1298 C  CA  . ARG A 1 163 ? -4.885  19.352  13.802  1.00 59.70 ? 163 ARG A CA  1 
ATOM   1299 C  C   . ARG A 1 163 ? -5.905  20.439  13.413  1.00 61.22 ? 163 ARG A C   1 
ATOM   1300 O  O   . ARG A 1 163 ? -6.920  20.611  14.094  1.00 58.46 ? 163 ARG A O   1 
ATOM   1301 C  CB  . ARG A 1 163 ? -3.703  19.952  14.568  1.00 56.82 ? 163 ARG A CB  1 
ATOM   1302 C  CG  . ARG A 1 163 ? -4.054  20.480  15.961  1.00 54.99 ? 163 ARG A CG  1 
ATOM   1303 C  CD  . ARG A 1 163 ? -2.868  21.199  16.611  1.00 54.82 ? 163 ARG A CD  1 
ATOM   1304 N  NE  . ARG A 1 163 ? -2.416  22.354  15.829  1.00 52.54 ? 163 ARG A NE  1 
ATOM   1305 C  CZ  . ARG A 1 163 ? -1.273  22.397  15.151  1.00 53.67 ? 163 ARG A CZ  1 
ATOM   1306 N  NH1 . ARG A 1 163 ? -0.452  21.346  15.160  1.00 52.11 ? 163 ARG A NH1 1 
ATOM   1307 N  NH2 . ARG A 1 163 ? -0.956  23.482  14.442  1.00 53.02 ? 163 ARG A NH2 1 
ATOM   1308 N  N   . LEU A 1 164 ? -5.655  21.132  12.303  1.00 64.07 ? 164 LEU A N   1 
ATOM   1309 C  CA  . LEU A 1 164 ? -6.553  22.187  11.818  1.00 67.67 ? 164 LEU A CA  1 
ATOM   1310 C  C   . LEU A 1 164 ? -7.865  21.597  11.287  1.00 69.04 ? 164 LEU A C   1 
ATOM   1311 O  O   . LEU A 1 164 ? -8.901  22.267  11.316  1.00 70.03 ? 164 LEU A O   1 
ATOM   1312 C  CB  . LEU A 1 164 ? -5.869  23.044  10.733  1.00 69.23 ? 164 LEU A CB  1 
ATOM   1313 C  CG  . LEU A 1 164 ? -4.591  23.835  11.090  1.00 70.07 ? 164 LEU A CG  1 
ATOM   1314 C  CD1 . LEU A 1 164 ? -4.022  24.541  9.850   1.00 69.20 ? 164 LEU A CD1 1 
ATOM   1315 C  CD2 . LEU A 1 164 ? -4.872  24.845  12.206  1.00 67.10 ? 164 LEU A CD2 1 
ATOM   1316 N  N   . LYS A 1 165 ? -7.804  20.390  10.723  1.00 70.47 ? 165 LYS A N   1 
ATOM   1317 C  CA  . LYS A 1 165 ? -9.015  19.711  10.228  1.00 73.57 ? 165 LYS A CA  1 
ATOM   1318 C  C   . LYS A 1 165 ? -9.708  18.895  11.342  1.00 74.60 ? 165 LYS A C   1 
ATOM   1319 O  O   . LYS A 1 165 ? -10.201 17.784  11.092  1.00 74.03 ? 165 LYS A O   1 
ATOM   1320 C  CB  . LYS A 1 165 ? -8.694  18.799  9.023   1.00 72.27 ? 165 LYS A CB  1 
ATOM   1321 C  CG  . LYS A 1 165 ? -8.784  19.517  7.676   1.00 73.45 ? 165 LYS A CG  1 
ATOM   1322 C  CD  . LYS A 1 165 ? -8.558  18.587  6.480   1.00 71.89 ? 165 LYS A CD  1 
ATOM   1323 C  CE  . LYS A 1 165 ? -8.675  19.361  5.161   1.00 67.24 ? 165 LYS A CE  1 
ATOM   1324 N  NZ  . LYS A 1 165 ? -7.867  18.762  4.067   1.00 64.65 ? 165 LYS A NZ  1 
ATOM   1325 N  N   . ALA A 1 166 ? -9.772  19.463  12.551  1.00 74.67 ? 166 ALA A N   1 
ATOM   1326 C  CA  . ALA A 1 166 ? -10.391 18.797  13.709  1.00 73.36 ? 166 ALA A CA  1 
ATOM   1327 C  C   . ALA A 1 166 ? -10.875 19.816  14.742  1.00 71.22 ? 166 ALA A C   1 
ATOM   1328 O  O   . ALA A 1 166 ? -11.319 20.915  14.392  1.00 68.86 ? 166 ALA A O   1 
ATOM   1329 C  CB  . ALA A 1 166 ? -9.401  17.807  14.359  1.00 70.66 ? 166 ALA A CB  1 
HETATM 1330 ZN ZN  . ZN  B 2 .   ? 0.624   4.268   0.782   1.00 25.15 ? 169 ZN  A ZN  1 
HETATM 1331 P  P   . PO4 C 3 .   ? 6.388   7.775   13.096  1.00 88.85 ? 170 PO4 A P   1 
HETATM 1332 O  O1  . PO4 C 3 .   ? 7.318   7.785   11.846  1.00 82.39 ? 170 PO4 A O1  1 
HETATM 1333 O  O2  . PO4 C 3 .   ? 5.158   6.903   12.829  1.00 85.74 ? 170 PO4 A O2  1 
HETATM 1334 O  O3  . PO4 C 3 .   ? 7.105   7.216   14.340  1.00 84.42 ? 170 PO4 A O3  1 
HETATM 1335 O  O4  . PO4 C 3 .   ? 5.997   9.237   13.356  1.00 89.00 ? 170 PO4 A O4  1 
HETATM 1336 O  O3  . MLN D 4 .   ? -0.937  3.272   -0.069  1.00 18.84 ? 171 MLN A O3  1 
HETATM 1337 P  P1  . MLN D 4 .   ? -2.362  3.786   -0.633  1.00 18.96 ? 171 MLN A P1  1 
HETATM 1338 O  O2  . MLN D 4 .   ? -2.224  3.924   -2.396  1.00 16.50 ? 171 MLN A O2  1 
HETATM 1339 O  O4  . MLN D 4 .   ? -2.800  5.082   0.157   1.00 18.24 ? 171 MLN A O4  1 
HETATM 1340 C  C5  . MLN D 4 .   ? -1.437  4.985   -2.851  1.00 15.29 ? 171 MLN A C5  1 
HETATM 1341 C  C6  . MLN D 4 .   ? -2.344  5.839   -3.686  1.00 18.68 ? 171 MLN A C6  1 
HETATM 1342 C  C7  . MLN D 4 .   ? -0.330  4.099   -3.511  1.00 14.21 ? 171 MLN A C7  1 
HETATM 1343 C  C8  . MLN D 4 .   ? -0.170  3.932   -5.043  1.00 18.65 ? 171 MLN A C8  1 
HETATM 1344 C  C9  . MLN D 4 .   ? 1.243   3.944   -5.705  1.00 23.64 ? 171 MLN A C9  1 
HETATM 1345 C  C10 . MLN D 4 .   ? 1.782   5.325   -5.394  1.00 32.67 ? 171 MLN A C10 1 
HETATM 1346 O  O11 . MLN D 4 .   ? -3.438  5.483   -4.027  1.00 19.94 ? 171 MLN A O11 1 
HETATM 1347 N  N12 . MLN D 4 .   ? -1.764  7.033   -3.992  1.00 21.20 ? 171 MLN A N12 1 
HETATM 1348 C  C13 . MLN D 4 .   ? -2.390  7.983   -4.906  1.00 18.41 ? 171 MLN A C13 1 
HETATM 1349 C  C14 . MLN D 4 .   ? -2.682  9.236   -4.090  1.00 15.49 ? 171 MLN A C14 1 
HETATM 1350 C  C15 . MLN D 4 .   ? -3.761  8.907   -3.069  1.00 16.18 ? 171 MLN A C15 1 
HETATM 1351 C  C16 . MLN D 4 .   ? -3.871  10.060  -2.134  1.00 14.54 ? 171 MLN A C16 1 
HETATM 1352 C  C17 . MLN D 4 .   ? -5.145  8.711   -3.656  1.00 12.60 ? 171 MLN A C17 1 
HETATM 1353 C  C18 . MLN D 4 .   ? -1.350  8.047   -5.996  1.00 21.24 ? 171 MLN A C18 1 
HETATM 1354 N  N19 . MLN D 4 .   ? -1.826  7.847   -7.439  1.00 20.45 ? 171 MLN A N19 1 
HETATM 1355 O  O20 . MLN D 4 .   ? -0.178  8.241   -5.730  1.00 25.27 ? 171 MLN A O20 1 
HETATM 1356 C  C21 . MLN D 4 .   ? -1.099  7.995   -8.506  1.00 17.80 ? 171 MLN A C21 1 
HETATM 1357 C  C22 . MLN D 4 .   ? 0.165   8.640   -8.495  1.00 17.50 ? 171 MLN A C22 1 
HETATM 1358 C  C23 . MLN D 4 .   ? 0.788   8.899   -9.726  1.00 21.97 ? 171 MLN A C23 1 
HETATM 1359 C  C24 . MLN D 4 .   ? 0.192   8.376   -10.930 1.00 25.00 ? 171 MLN A C24 1 
HETATM 1360 C  C25 . MLN D 4 .   ? -1.056  7.699   -10.944 1.00 22.69 ? 171 MLN A C25 1 
HETATM 1361 C  C26 . MLN D 4 .   ? -1.679  7.454   -9.685  1.00 20.37 ? 171 MLN A C26 1 
HETATM 1362 N  N27 . MLN D 4 .   ? 0.894   8.533   -12.160 1.00 29.57 ? 171 MLN A N27 1 
HETATM 1363 O  O28 . MLN D 4 .   ? 0.494   7.974   -13.263 1.00 32.23 ? 171 MLN A O28 1 
HETATM 1364 O  O29 . MLN D 4 .   ? 2.001   9.273   -12.144 1.00 33.83 ? 171 MLN A O29 1 
HETATM 1365 O  O   . HOH E 5 .   ? 4.614   2.559   1.505   1.00 12.81 ? 172 HOH A O   1 
HETATM 1366 O  O   . HOH E 5 .   ? 7.214   3.232   0.039   1.00 15.37 ? 173 HOH A O   1 
HETATM 1367 O  O   . HOH E 5 .   ? 3.585   5.536   1.651   1.00 36.44 ? 174 HOH A O   1 
HETATM 1368 O  O   . HOH E 5 .   ? -12.754 5.001   -6.716  1.00 46.78 ? 175 HOH A O   1 
HETATM 1369 O  O   . HOH E 5 .   ? -3.575  5.925   -14.424 1.00 63.98 ? 176 HOH A O   1 
HETATM 1370 O  O   . HOH E 5 .   ? 7.976   6.283   -8.045  1.00 38.15 ? 177 HOH A O   1 
HETATM 1371 O  O   . HOH E 5 .   ? 1.792   -24.140 -5.691  1.00 27.70 ? 178 HOH A O   1 
HETATM 1372 O  O   . HOH E 5 .   ? 5.145   -14.453 -14.691 1.00 81.49 ? 179 HOH A O   1 
HETATM 1373 O  O   . HOH E 5 .   ? -16.152 -1.446  -3.952  1.00 37.51 ? 180 HOH A O   1 
HETATM 1374 O  O   . HOH E 5 .   ? 18.402  -3.312  -13.335 1.00 65.96 ? 181 HOH A O   1 
HETATM 1375 O  O   . HOH E 5 .   ? 0.700   -0.118  19.253  1.00 49.32 ? 182 HOH A O   1 
HETATM 1376 O  O   . HOH E 5 .   ? 6.390   -6.573  2.254   1.00 34.66 ? 183 HOH A O   1 
HETATM 1377 O  O   . HOH E 5 .   ? -4.230  -0.964  17.224  1.00 36.27 ? 184 HOH A O   1 
# 
loop_
_pdbx_poly_seq_scheme.asym_id 
_pdbx_poly_seq_scheme.entity_id 
_pdbx_poly_seq_scheme.seq_id 
_pdbx_poly_seq_scheme.mon_id 
_pdbx_poly_seq_scheme.ndb_seq_num 
_pdbx_poly_seq_scheme.pdb_seq_num 
_pdbx_poly_seq_scheme.auth_seq_num 
_pdbx_poly_seq_scheme.pdb_mon_id 
_pdbx_poly_seq_scheme.auth_mon_id 
_pdbx_poly_seq_scheme.pdb_strand_id 
_pdbx_poly_seq_scheme.pdb_ins_code 
_pdbx_poly_seq_scheme.hetero 
A 1 1   SER 1   1   1   SER SER A . n 
A 1 2   VAL 2   2   2   VAL VAL A . n 
A 1 3   LEU 3   3   3   LEU LEU A . n 
A 1 4   GLN 4   4   4   GLN GLN A . n 
A 1 5   VAL 5   5   5   VAL VAL A . n 
A 1 6   LEU 6   6   6   LEU LEU A . n 
A 1 7   HIS 7   7   7   HIS HIS A . n 
A 1 8   ILE 8   8   8   ILE ILE A . n 
A 1 9   PRO 9   9   9   PRO PRO A . n 
A 1 10  ASP 10  10  10  ASP ASP A . n 
A 1 11  GLU 11  11  11  GLU GLU A . n 
A 1 12  ARG 12  12  12  ARG ARG A . n 
A 1 13  LEU 13  13  13  LEU LEU A . n 
A 1 14  ARG 14  14  14  ARG ARG A . n 
A 1 15  LYS 15  15  15  LYS LYS A . n 
A 1 16  VAL 16  16  16  VAL VAL A . n 
A 1 17  ALA 17  17  17  ALA ALA A . n 
A 1 18  LYS 18  18  18  LYS LYS A . n 
A 1 19  PRO 19  19  19  PRO PRO A . n 
A 1 20  VAL 20  20  20  VAL VAL A . n 
A 1 21  GLU 21  21  21  GLU GLU A . n 
A 1 22  GLU 22  22  22  GLU GLU A . n 
A 1 23  VAL 23  23  23  VAL VAL A . n 
A 1 24  ASN 24  24  24  ASN ASN A . n 
A 1 25  ALA 25  25  25  ALA ALA A . n 
A 1 26  GLU 26  26  26  GLU GLU A . n 
A 1 27  ILE 27  27  27  ILE ILE A . n 
A 1 28  GLN 28  28  28  GLN GLN A . n 
A 1 29  ARG 29  29  29  ARG ARG A . n 
A 1 30  ILE 30  30  30  ILE ILE A . n 
A 1 31  VAL 31  31  31  VAL VAL A . n 
A 1 32  ASP 32  32  32  ASP ASP A . n 
A 1 33  ASP 33  33  33  ASP ASP A . n 
A 1 34  MET 34  34  34  MET MET A . n 
A 1 35  PHE 35  35  35  PHE PHE A . n 
A 1 36  GLU 36  36  36  GLU GLU A . n 
A 1 37  THR 37  37  37  THR THR A . n 
A 1 38  MET 38  38  38  MET MET A . n 
A 1 39  TYR 39  39  39  TYR TYR A . n 
A 1 40  ALA 40  40  40  ALA ALA A . n 
A 1 41  GLU 41  41  41  GLU GLU A . n 
A 1 42  GLU 42  42  42  GLU GLU A . n 
A 1 43  GLY 43  43  43  GLY GLY A . n 
A 1 44  ILE 44  44  44  ILE ILE A . n 
A 1 45  GLY 45  45  45  GLY GLY A . n 
A 1 46  LEU 46  46  46  LEU LEU A . n 
A 1 47  ALA 47  47  47  ALA ALA A . n 
A 1 48  ALA 48  48  48  ALA ALA A . n 
A 1 49  THR 49  49  49  THR THR A . n 
A 1 50  GLN 50  50  50  GLN GLN A . n 
A 1 51  VAL 51  51  51  VAL VAL A . n 
A 1 52  ASP 52  52  52  ASP ASP A . n 
A 1 53  ILE 53  53  53  ILE ILE A . n 
A 1 54  HIS 54  54  54  HIS HIS A . n 
A 1 55  GLN 55  55  55  GLN GLN A . n 
A 1 56  ARG 56  56  56  ARG ARG A . n 
A 1 57  ILE 57  57  57  ILE ILE A . n 
A 1 58  ILE 58  58  58  ILE ILE A . n 
A 1 59  VAL 59  59  59  VAL VAL A . n 
A 1 60  ILE 60  60  60  ILE ILE A . n 
A 1 61  ASP 61  61  61  ASP ASP A . n 
A 1 62  VAL 62  62  62  VAL VAL A . n 
A 1 63  SER 63  63  63  SER SER A . n 
A 1 64  GLU 64  64  64  GLU GLU A . n 
A 1 65  ASN 65  65  65  ASN ASN A . n 
A 1 66  ARG 66  66  66  ARG ARG A . n 
A 1 67  ASP 67  67  67  ASP ASP A . n 
A 1 68  GLU 68  68  68  GLU GLU A . n 
A 1 69  ARG 69  69  69  ARG ARG A . n 
A 1 70  LEU 70  70  70  LEU LEU A . n 
A 1 71  VAL 71  71  71  VAL VAL A . n 
A 1 72  LEU 72  72  72  LEU LEU A . n 
A 1 73  ILE 73  73  73  ILE ILE A . n 
A 1 74  ASN 74  74  74  ASN ASN A . n 
A 1 75  PRO 75  75  75  PRO PRO A . n 
A 1 76  GLU 76  76  76  GLU GLU A . n 
A 1 77  LEU 77  77  77  LEU LEU A . n 
A 1 78  LEU 78  78  78  LEU LEU A . n 
A 1 79  GLU 79  79  79  GLU GLU A . n 
A 1 80  LYS 80  80  80  LYS LYS A . n 
A 1 81  SER 81  81  81  SER SER A . n 
A 1 82  GLY 82  82  82  GLY GLY A . n 
A 1 83  GLU 83  83  83  GLU GLU A . n 
A 1 84  THR 84  84  84  THR THR A . n 
A 1 85  GLY 85  85  85  GLY GLY A . n 
A 1 86  ILE 86  86  86  ILE ILE A . n 
A 1 87  GLU 87  87  87  GLU GLU A . n 
A 1 88  GLU 88  88  88  GLU GLU A . n 
A 1 89  GLY 89  89  89  GLY GLY A . n 
A 1 90  CYS 90  90  90  CYS CYS A . n 
A 1 91  LEU 91  91  91  LEU LEU A . n 
A 1 92  SER 92  92  92  SER SER A . n 
A 1 93  ILE 93  93  93  ILE ILE A . n 
A 1 94  PRO 94  94  94  PRO PRO A . n 
A 1 95  GLU 95  95  95  GLU GLU A . n 
A 1 96  GLN 96  96  96  GLN GLN A . n 
A 1 97  ARG 97  97  97  ARG ARG A . n 
A 1 98  ALA 98  98  98  ALA ALA A . n 
A 1 99  LEU 99  99  99  LEU LEU A . n 
A 1 100 VAL 100 100 100 VAL VAL A . n 
A 1 101 PRO 101 101 101 PRO PRO A . n 
A 1 102 ARG 102 102 102 ARG ARG A . n 
A 1 103 ALA 103 103 103 ALA ALA A . n 
A 1 104 GLU 104 104 104 GLU GLU A . n 
A 1 105 LYS 105 105 105 LYS LYS A . n 
A 1 106 VAL 106 106 106 VAL VAL A . n 
A 1 107 LYS 107 107 107 LYS LYS A . n 
A 1 108 ILE 108 108 108 ILE ILE A . n 
A 1 109 ARG 109 109 109 ARG ARG A . n 
A 1 110 ALA 110 110 110 ALA ALA A . n 
A 1 111 LEU 111 111 111 LEU LEU A . n 
A 1 112 ASP 112 112 112 ASP ASP A . n 
A 1 113 ARG 113 113 113 ARG ARG A . n 
A 1 114 ASP 114 114 114 ASP ASP A . n 
A 1 115 GLY 115 115 115 GLY GLY A . n 
A 1 116 LYS 116 116 116 LYS LYS A . n 
A 1 117 PRO 117 117 117 PRO PRO A . n 
A 1 118 PHE 118 118 118 PHE PHE A . n 
A 1 119 GLU 119 119 119 GLU GLU A . n 
A 1 120 LEU 120 120 120 LEU LEU A . n 
A 1 121 GLU 121 121 121 GLU GLU A . n 
A 1 122 ALA 122 122 122 ALA ALA A . n 
A 1 123 ASP 123 123 123 ASP ASP A . n 
A 1 124 GLY 124 124 124 GLY GLY A . n 
A 1 125 LEU 125 125 125 LEU LEU A . n 
A 1 126 LEU 126 126 126 LEU LEU A . n 
A 1 127 ALA 127 127 127 ALA ALA A . n 
A 1 128 ILE 128 128 128 ILE ILE A . n 
A 1 129 CYS 129 129 129 CYS CYS A . n 
A 1 130 ILE 130 130 130 ILE ILE A . n 
A 1 131 GLN 131 131 131 GLN GLN A . n 
A 1 132 HIS 132 132 132 HIS HIS A . n 
A 1 133 GLU 133 133 133 GLU GLU A . n 
A 1 134 MET 134 134 134 MET MET A . n 
A 1 135 ASP 135 135 135 ASP ASP A . n 
A 1 136 HIS 136 136 136 HIS HIS A . n 
A 1 137 LEU 137 137 137 LEU LEU A . n 
A 1 138 VAL 138 138 138 VAL VAL A . n 
A 1 139 GLY 139 139 139 GLY GLY A . n 
A 1 140 LYS 140 140 140 LYS LYS A . n 
A 1 141 LEU 141 141 141 LEU LEU A . n 
A 1 142 PHE 142 142 142 PHE PHE A . n 
A 1 143 MET 143 143 143 MET MET A . n 
A 1 144 ASP 144 144 144 ASP ASP A . n 
A 1 145 TYR 145 145 145 TYR TYR A . n 
A 1 146 LEU 146 146 146 LEU LEU A . n 
A 1 147 SER 147 147 147 SER SER A . n 
A 1 148 PRO 148 148 148 PRO PRO A . n 
A 1 149 LEU 149 149 149 LEU LEU A . n 
A 1 150 LYS 150 150 150 LYS LYS A . n 
A 1 151 GLN 151 151 151 GLN GLN A . n 
A 1 152 GLN 152 152 152 GLN GLN A . n 
A 1 153 ARG 153 153 153 ARG ARG A . n 
A 1 154 ILE 154 154 154 ILE ILE A . n 
A 1 155 ARG 155 155 155 ARG ARG A . n 
A 1 156 GLN 156 156 156 GLN GLN A . n 
A 1 157 LYS 157 157 157 LYS LYS A . n 
A 1 158 VAL 158 158 158 VAL VAL A . n 
A 1 159 GLU 159 159 159 GLU GLU A . n 
A 1 160 LYS 160 160 160 LYS LYS A . n 
A 1 161 LEU 161 161 161 LEU LEU A . n 
A 1 162 ASP 162 162 162 ASP ASP A . n 
A 1 163 ARG 163 163 163 ARG ARG A . n 
A 1 164 LEU 164 164 164 LEU LEU A . n 
A 1 165 LYS 165 165 165 LYS LYS A . n 
A 1 166 ALA 166 166 166 ALA ALA A . n 
A 1 167 ARG 167 167 ?   ?   ?   A . n 
A 1 168 ALA 168 168 ?   ?   ?   A . n 
# 
loop_
_pdbx_nonpoly_scheme.asym_id 
_pdbx_nonpoly_scheme.entity_id 
_pdbx_nonpoly_scheme.mon_id 
_pdbx_nonpoly_scheme.ndb_seq_num 
_pdbx_nonpoly_scheme.pdb_seq_num 
_pdbx_nonpoly_scheme.auth_seq_num 
_pdbx_nonpoly_scheme.pdb_mon_id 
_pdbx_nonpoly_scheme.auth_mon_id 
_pdbx_nonpoly_scheme.pdb_strand_id 
_pdbx_nonpoly_scheme.pdb_ins_code 
B 2 ZN  1  169 1  ZN  ZN  A . 
C 3 PO4 1  170 1  PO4 PO4 A . 
D 4 MLN 1  171 1  MLN MLN A . 
E 5 HOH 1  172 1  HOH HOH A . 
E 5 HOH 2  173 2  HOH HOH A . 
E 5 HOH 3  174 3  HOH HOH A . 
E 5 HOH 4  175 4  HOH HOH A . 
E 5 HOH 5  176 5  HOH HOH A . 
E 5 HOH 6  177 6  HOH HOH A . 
E 5 HOH 7  178 7  HOH HOH A . 
E 5 HOH 8  179 8  HOH HOH A . 
E 5 HOH 9  180 9  HOH HOH A . 
E 5 HOH 10 181 10 HOH HOH A . 
E 5 HOH 11 182 11 HOH HOH A . 
E 5 HOH 12 183 12 HOH HOH A . 
E 5 HOH 13 184 13 HOH HOH A . 
# 
_pdbx_struct_assembly.id                   1 
_pdbx_struct_assembly.details              author_defined_assembly 
_pdbx_struct_assembly.method_details       ? 
_pdbx_struct_assembly.oligomeric_details   monomeric 
_pdbx_struct_assembly.oligomeric_count     1 
# 
_pdbx_struct_assembly_gen.assembly_id       1 
_pdbx_struct_assembly_gen.oper_expression   1 
_pdbx_struct_assembly_gen.asym_id_list      A,B,C,D,E 
# 
_pdbx_struct_oper_list.id                   1 
_pdbx_struct_oper_list.type                 'identity operation' 
_pdbx_struct_oper_list.name                 1_555 
_pdbx_struct_oper_list.symmetry_operation   x,y,z 
_pdbx_struct_oper_list.matrix[1][1]         1.0000000000 
_pdbx_struct_oper_list.matrix[1][2]         0.0000000000 
_pdbx_struct_oper_list.matrix[1][3]         0.0000000000 
_pdbx_struct_oper_list.vector[1]            0.0000000000 
_pdbx_struct_oper_list.matrix[2][1]         0.0000000000 
_pdbx_struct_oper_list.matrix[2][2]         1.0000000000 
_pdbx_struct_oper_list.matrix[2][3]         0.0000000000 
_pdbx_struct_oper_list.vector[2]            0.0000000000 
_pdbx_struct_oper_list.matrix[3][1]         0.0000000000 
_pdbx_struct_oper_list.matrix[3][2]         0.0000000000 
_pdbx_struct_oper_list.matrix[3][3]         1.0000000000 
_pdbx_struct_oper_list.vector[3]            0.0000000000 
# 
loop_
_pdbx_struct_conn_angle.id 
_pdbx_struct_conn_angle.ptnr1_label_atom_id 
_pdbx_struct_conn_angle.ptnr1_label_alt_id 
_pdbx_struct_conn_angle.ptnr1_label_asym_id 
_pdbx_struct_conn_angle.ptnr1_label_comp_id 
_pdbx_struct_conn_angle.ptnr1_label_seq_id 
_pdbx_struct_conn_angle.ptnr1_auth_atom_id 
_pdbx_struct_conn_angle.ptnr1_auth_asym_id 
_pdbx_struct_conn_angle.ptnr1_auth_comp_id 
_pdbx_struct_conn_angle.ptnr1_auth_seq_id 
_pdbx_struct_conn_angle.ptnr1_PDB_ins_code 
_pdbx_struct_conn_angle.ptnr1_symmetry 
_pdbx_struct_conn_angle.ptnr2_label_atom_id 
_pdbx_struct_conn_angle.ptnr2_label_alt_id 
_pdbx_struct_conn_angle.ptnr2_label_asym_id 
_pdbx_struct_conn_angle.ptnr2_label_comp_id 
_pdbx_struct_conn_angle.ptnr2_label_seq_id 
_pdbx_struct_conn_angle.ptnr2_auth_atom_id 
_pdbx_struct_conn_angle.ptnr2_auth_asym_id 
_pdbx_struct_conn_angle.ptnr2_auth_comp_id 
_pdbx_struct_conn_angle.ptnr2_auth_seq_id 
_pdbx_struct_conn_angle.ptnr2_PDB_ins_code 
_pdbx_struct_conn_angle.ptnr2_symmetry 
_pdbx_struct_conn_angle.ptnr3_label_atom_id 
_pdbx_struct_conn_angle.ptnr3_label_alt_id 
_pdbx_struct_conn_angle.ptnr3_label_asym_id 
_pdbx_struct_conn_angle.ptnr3_label_comp_id 
_pdbx_struct_conn_angle.ptnr3_label_seq_id 
_pdbx_struct_conn_angle.ptnr3_auth_atom_id 
_pdbx_struct_conn_angle.ptnr3_auth_asym_id 
_pdbx_struct_conn_angle.ptnr3_auth_comp_id 
_pdbx_struct_conn_angle.ptnr3_auth_seq_id 
_pdbx_struct_conn_angle.ptnr3_PDB_ins_code 
_pdbx_struct_conn_angle.ptnr3_symmetry 
_pdbx_struct_conn_angle.value 
_pdbx_struct_conn_angle.value_esd 
1 SG  ? A CYS 90  ? A CYS 90  ? 1_555 ZN ? B ZN . ? A ZN 169 ? 1_555 NE2 ? A HIS 132 ? A HIS 132 ? 1_555 121.8 ? 
2 SG  ? A CYS 90  ? A CYS 90  ? 1_555 ZN ? B ZN . ? A ZN 169 ? 1_555 NE2 ? A HIS 136 ? A HIS 136 ? 1_555 98.7  ? 
3 NE2 ? A HIS 132 ? A HIS 132 ? 1_555 ZN ? B ZN . ? A ZN 169 ? 1_555 NE2 ? A HIS 136 ? A HIS 136 ? 1_555 106.3 ? 
4 SG  ? A CYS 90  ? A CYS 90  ? 1_555 ZN ? B ZN . ? A ZN 169 ? 1_555 O3  ? D MLN .   ? A MLN 171 ? 1_555 124.8 ? 
5 NE2 ? A HIS 132 ? A HIS 132 ? 1_555 ZN ? B ZN . ? A ZN 169 ? 1_555 O3  ? D MLN .   ? A MLN 171 ? 1_555 102.4 ? 
6 NE2 ? A HIS 136 ? A HIS 136 ? 1_555 ZN ? B ZN . ? A ZN 169 ? 1_555 O3  ? D MLN .   ? A MLN 171 ? 1_555 98.6  ? 
# 
loop_
_pdbx_audit_revision_history.ordinal 
_pdbx_audit_revision_history.data_content_type 
_pdbx_audit_revision_history.major_revision 
_pdbx_audit_revision_history.minor_revision 
_pdbx_audit_revision_history.revision_date 
1 'Structure model' 1 0 2000-04-15 
2 'Structure model' 1 1 2007-10-16 
3 'Structure model' 1 2 2011-07-13 
4 'Structure model' 1 3 2017-10-04 
5 'Structure model' 1 4 2023-08-09 
# 
_pdbx_audit_revision_details.ordinal             1 
_pdbx_audit_revision_details.revision_ordinal    1 
_pdbx_audit_revision_details.data_content_type   'Structure model' 
_pdbx_audit_revision_details.provider            repository 
_pdbx_audit_revision_details.type                'Initial release' 
_pdbx_audit_revision_details.description         ? 
_pdbx_audit_revision_details.details             ? 
# 
loop_
_pdbx_audit_revision_group.ordinal 
_pdbx_audit_revision_group.revision_ordinal 
_pdbx_audit_revision_group.data_content_type 
_pdbx_audit_revision_group.group 
1 2 'Structure model' 'Version format compliance' 
2 3 'Structure model' 'Version format compliance' 
3 4 'Structure model' 'Refinement description'    
4 5 'Structure model' 'Data collection'           
5 5 'Structure model' 'Database references'       
6 5 'Structure model' 'Derived calculations'      
7 5 'Structure model' 'Refinement description'    
# 
loop_
_pdbx_audit_revision_category.ordinal 
_pdbx_audit_revision_category.revision_ordinal 
_pdbx_audit_revision_category.data_content_type 
_pdbx_audit_revision_category.category 
1 4 'Structure model' software                      
2 5 'Structure model' chem_comp_atom                
3 5 'Structure model' chem_comp_bond                
4 5 'Structure model' database_2                    
5 5 'Structure model' pdbx_initial_refinement_model 
6 5 'Structure model' struct_site                   
# 
loop_
_pdbx_audit_revision_item.ordinal 
_pdbx_audit_revision_item.revision_ordinal 
_pdbx_audit_revision_item.data_content_type 
_pdbx_audit_revision_item.item 
1 4 'Structure model' '_software.name'                      
2 5 'Structure model' '_database_2.pdbx_DOI'                
3 5 'Structure model' '_database_2.pdbx_database_accession' 
4 5 'Structure model' '_struct_site.pdbx_auth_asym_id'      
5 5 'Structure model' '_struct_site.pdbx_auth_comp_id'      
6 5 'Structure model' '_struct_site.pdbx_auth_seq_id'       
# 
loop_
_software.name 
_software.classification 
_software.version 
_software.citation_id 
_software.pdbx_ordinal 
X-PLOR    'model building' .     ? 1 
X-PLOR    refinement       3.851 ? 2 
DENZO     'data reduction' .     ? 3 
SCALEPACK 'data scaling'   .     ? 4 
X-PLOR    phasing          .     ? 5 
# 
loop_
_pdbx_validate_torsion.id 
_pdbx_validate_torsion.PDB_model_num 
_pdbx_validate_torsion.auth_comp_id 
_pdbx_validate_torsion.auth_asym_id 
_pdbx_validate_torsion.auth_seq_id 
_pdbx_validate_torsion.PDB_ins_code 
_pdbx_validate_torsion.label_alt_id 
_pdbx_validate_torsion.phi 
_pdbx_validate_torsion.psi 
1 1 ASN A 24  ? ? -142.02 -158.19 
2 1 ASP A 67  ? ? -140.43 20.44   
3 1 LYS A 165 ? ? -87.16  41.12   
# 
_pdbx_unobs_or_zero_occ_atoms.id               1 
_pdbx_unobs_or_zero_occ_atoms.PDB_model_num    1 
_pdbx_unobs_or_zero_occ_atoms.polymer_flag     N 
_pdbx_unobs_or_zero_occ_atoms.occupancy_flag   1 
_pdbx_unobs_or_zero_occ_atoms.auth_asym_id     A 
_pdbx_unobs_or_zero_occ_atoms.auth_comp_id     MLN 
_pdbx_unobs_or_zero_occ_atoms.auth_seq_id      171 
_pdbx_unobs_or_zero_occ_atoms.PDB_ins_code     ? 
_pdbx_unobs_or_zero_occ_atoms.auth_atom_id     O1 
_pdbx_unobs_or_zero_occ_atoms.label_alt_id     ? 
_pdbx_unobs_or_zero_occ_atoms.label_asym_id    D 
_pdbx_unobs_or_zero_occ_atoms.label_comp_id    MLN 
_pdbx_unobs_or_zero_occ_atoms.label_seq_id     1 
_pdbx_unobs_or_zero_occ_atoms.label_atom_id    O1 
# 
loop_
_pdbx_unobs_or_zero_occ_residues.id 
_pdbx_unobs_or_zero_occ_residues.PDB_model_num 
_pdbx_unobs_or_zero_occ_residues.polymer_flag 
_pdbx_unobs_or_zero_occ_residues.occupancy_flag 
_pdbx_unobs_or_zero_occ_residues.auth_asym_id 
_pdbx_unobs_or_zero_occ_residues.auth_comp_id 
_pdbx_unobs_or_zero_occ_residues.auth_seq_id 
_pdbx_unobs_or_zero_occ_residues.PDB_ins_code 
_pdbx_unobs_or_zero_occ_residues.label_asym_id 
_pdbx_unobs_or_zero_occ_residues.label_comp_id 
_pdbx_unobs_or_zero_occ_residues.label_seq_id 
1 1 Y 1 A ARG 167 ? A ARG 167 
2 1 Y 1 A ALA 168 ? A ALA 168 
# 
loop_
_chem_comp_atom.comp_id 
_chem_comp_atom.atom_id 
_chem_comp_atom.type_symbol 
_chem_comp_atom.pdbx_aromatic_flag 
_chem_comp_atom.pdbx_stereo_config 
_chem_comp_atom.pdbx_ordinal 
ALA N    N  N N 1   
ALA CA   C  N S 2   
ALA C    C  N N 3   
ALA O    O  N N 4   
ALA CB   C  N N 5   
ALA OXT  O  N N 6   
ALA H    H  N N 7   
ALA H2   H  N N 8   
ALA HA   H  N N 9   
ALA HB1  H  N N 10  
ALA HB2  H  N N 11  
ALA HB3  H  N N 12  
ALA HXT  H  N N 13  
ARG N    N  N N 14  
ARG CA   C  N S 15  
ARG C    C  N N 16  
ARG O    O  N N 17  
ARG CB   C  N N 18  
ARG CG   C  N N 19  
ARG CD   C  N N 20  
ARG NE   N  N N 21  
ARG CZ   C  N N 22  
ARG NH1  N  N N 23  
ARG NH2  N  N N 24  
ARG OXT  O  N N 25  
ARG H    H  N N 26  
ARG H2   H  N N 27  
ARG HA   H  N N 28  
ARG HB2  H  N N 29  
ARG HB3  H  N N 30  
ARG HG2  H  N N 31  
ARG HG3  H  N N 32  
ARG HD2  H  N N 33  
ARG HD3  H  N N 34  
ARG HE   H  N N 35  
ARG HH11 H  N N 36  
ARG HH12 H  N N 37  
ARG HH21 H  N N 38  
ARG HH22 H  N N 39  
ARG HXT  H  N N 40  
ASN N    N  N N 41  
ASN CA   C  N S 42  
ASN C    C  N N 43  
ASN O    O  N N 44  
ASN CB   C  N N 45  
ASN CG   C  N N 46  
ASN OD1  O  N N 47  
ASN ND2  N  N N 48  
ASN OXT  O  N N 49  
ASN H    H  N N 50  
ASN H2   H  N N 51  
ASN HA   H  N N 52  
ASN HB2  H  N N 53  
ASN HB3  H  N N 54  
ASN HD21 H  N N 55  
ASN HD22 H  N N 56  
ASN HXT  H  N N 57  
ASP N    N  N N 58  
ASP CA   C  N S 59  
ASP C    C  N N 60  
ASP O    O  N N 61  
ASP CB   C  N N 62  
ASP CG   C  N N 63  
ASP OD1  O  N N 64  
ASP OD2  O  N N 65  
ASP OXT  O  N N 66  
ASP H    H  N N 67  
ASP H2   H  N N 68  
ASP HA   H  N N 69  
ASP HB2  H  N N 70  
ASP HB3  H  N N 71  
ASP HD2  H  N N 72  
ASP HXT  H  N N 73  
CYS N    N  N N 74  
CYS CA   C  N R 75  
CYS C    C  N N 76  
CYS O    O  N N 77  
CYS CB   C  N N 78  
CYS SG   S  N N 79  
CYS OXT  O  N N 80  
CYS H    H  N N 81  
CYS H2   H  N N 82  
CYS HA   H  N N 83  
CYS HB2  H  N N 84  
CYS HB3  H  N N 85  
CYS HG   H  N N 86  
CYS HXT  H  N N 87  
GLN N    N  N N 88  
GLN CA   C  N S 89  
GLN C    C  N N 90  
GLN O    O  N N 91  
GLN CB   C  N N 92  
GLN CG   C  N N 93  
GLN CD   C  N N 94  
GLN OE1  O  N N 95  
GLN NE2  N  N N 96  
GLN OXT  O  N N 97  
GLN H    H  N N 98  
GLN H2   H  N N 99  
GLN HA   H  N N 100 
GLN HB2  H  N N 101 
GLN HB3  H  N N 102 
GLN HG2  H  N N 103 
GLN HG3  H  N N 104 
GLN HE21 H  N N 105 
GLN HE22 H  N N 106 
GLN HXT  H  N N 107 
GLU N    N  N N 108 
GLU CA   C  N S 109 
GLU C    C  N N 110 
GLU O    O  N N 111 
GLU CB   C  N N 112 
GLU CG   C  N N 113 
GLU CD   C  N N 114 
GLU OE1  O  N N 115 
GLU OE2  O  N N 116 
GLU OXT  O  N N 117 
GLU H    H  N N 118 
GLU H2   H  N N 119 
GLU HA   H  N N 120 
GLU HB2  H  N N 121 
GLU HB3  H  N N 122 
GLU HG2  H  N N 123 
GLU HG3  H  N N 124 
GLU HE2  H  N N 125 
GLU HXT  H  N N 126 
GLY N    N  N N 127 
GLY CA   C  N N 128 
GLY C    C  N N 129 
GLY O    O  N N 130 
GLY OXT  O  N N 131 
GLY H    H  N N 132 
GLY H2   H  N N 133 
GLY HA2  H  N N 134 
GLY HA3  H  N N 135 
GLY HXT  H  N N 136 
HIS N    N  N N 137 
HIS CA   C  N S 138 
HIS C    C  N N 139 
HIS O    O  N N 140 
HIS CB   C  N N 141 
HIS CG   C  Y N 142 
HIS ND1  N  Y N 143 
HIS CD2  C  Y N 144 
HIS CE1  C  Y N 145 
HIS NE2  N  Y N 146 
HIS OXT  O  N N 147 
HIS H    H  N N 148 
HIS H2   H  N N 149 
HIS HA   H  N N 150 
HIS HB2  H  N N 151 
HIS HB3  H  N N 152 
HIS HD1  H  N N 153 
HIS HD2  H  N N 154 
HIS HE1  H  N N 155 
HIS HE2  H  N N 156 
HIS HXT  H  N N 157 
HOH O    O  N N 158 
HOH H1   H  N N 159 
HOH H2   H  N N 160 
ILE N    N  N N 161 
ILE CA   C  N S 162 
ILE C    C  N N 163 
ILE O    O  N N 164 
ILE CB   C  N S 165 
ILE CG1  C  N N 166 
ILE CG2  C  N N 167 
ILE CD1  C  N N 168 
ILE OXT  O  N N 169 
ILE H    H  N N 170 
ILE H2   H  N N 171 
ILE HA   H  N N 172 
ILE HB   H  N N 173 
ILE HG12 H  N N 174 
ILE HG13 H  N N 175 
ILE HG21 H  N N 176 
ILE HG22 H  N N 177 
ILE HG23 H  N N 178 
ILE HD11 H  N N 179 
ILE HD12 H  N N 180 
ILE HD13 H  N N 181 
ILE HXT  H  N N 182 
LEU N    N  N N 183 
LEU CA   C  N S 184 
LEU C    C  N N 185 
LEU O    O  N N 186 
LEU CB   C  N N 187 
LEU CG   C  N N 188 
LEU CD1  C  N N 189 
LEU CD2  C  N N 190 
LEU OXT  O  N N 191 
LEU H    H  N N 192 
LEU H2   H  N N 193 
LEU HA   H  N N 194 
LEU HB2  H  N N 195 
LEU HB3  H  N N 196 
LEU HG   H  N N 197 
LEU HD11 H  N N 198 
LEU HD12 H  N N 199 
LEU HD13 H  N N 200 
LEU HD21 H  N N 201 
LEU HD22 H  N N 202 
LEU HD23 H  N N 203 
LEU HXT  H  N N 204 
LYS N    N  N N 205 
LYS CA   C  N S 206 
LYS C    C  N N 207 
LYS O    O  N N 208 
LYS CB   C  N N 209 
LYS CG   C  N N 210 
LYS CD   C  N N 211 
LYS CE   C  N N 212 
LYS NZ   N  N N 213 
LYS OXT  O  N N 214 
LYS H    H  N N 215 
LYS H2   H  N N 216 
LYS HA   H  N N 217 
LYS HB2  H  N N 218 
LYS HB3  H  N N 219 
LYS HG2  H  N N 220 
LYS HG3  H  N N 221 
LYS HD2  H  N N 222 
LYS HD3  H  N N 223 
LYS HE2  H  N N 224 
LYS HE3  H  N N 225 
LYS HZ1  H  N N 226 
LYS HZ2  H  N N 227 
LYS HZ3  H  N N 228 
LYS HXT  H  N N 229 
MET N    N  N N 230 
MET CA   C  N S 231 
MET C    C  N N 232 
MET O    O  N N 233 
MET CB   C  N N 234 
MET CG   C  N N 235 
MET SD   S  N N 236 
MET CE   C  N N 237 
MET OXT  O  N N 238 
MET H    H  N N 239 
MET H2   H  N N 240 
MET HA   H  N N 241 
MET HB2  H  N N 242 
MET HB3  H  N N 243 
MET HG2  H  N N 244 
MET HG3  H  N N 245 
MET HE1  H  N N 246 
MET HE2  H  N N 247 
MET HE3  H  N N 248 
MET HXT  H  N N 249 
MLN O3   O  N N 250 
MLN P1   P  N N 251 
MLN O1   O  N N 252 
MLN O2   O  N N 253 
MLN O4   O  N N 254 
MLN C5   C  N S 255 
MLN C6   C  N N 256 
MLN C7   C  N N 257 
MLN C8   C  N N 258 
MLN C9   C  N N 259 
MLN C10  C  N N 260 
MLN O11  O  N N 261 
MLN N12  N  N N 262 
MLN C13  C  N S 263 
MLN C14  C  N N 264 
MLN C15  C  N N 265 
MLN C16  C  N N 266 
MLN C17  C  N N 267 
MLN C18  C  N N 268 
MLN N19  N  N N 269 
MLN O20  O  N N 270 
MLN C21  C  Y N 271 
MLN C22  C  Y N 272 
MLN C23  C  Y N 273 
MLN C24  C  Y N 274 
MLN C25  C  Y N 275 
MLN C26  C  Y N 276 
MLN N27  N  N N 277 
MLN O28  O  N N 278 
MLN O29  O  N N 279 
MLN HOP3 H  N N 280 
MLN HOP4 H  N N 281 
MLN HC51 H  N N 282 
MLN HC71 H  N N 283 
MLN HC72 H  N N 284 
MLN HC81 H  N N 285 
MLN HC82 H  N N 286 
MLN HC91 H  N N 287 
MLN HC92 H  N N 288 
MLN H101 H  N N 289 
MLN H102 H  N N 290 
MLN H103 H  N N 291 
MLN HN12 H  N N 292 
MLN HC13 H  N N 293 
MLN H141 H  N N 294 
MLN H142 H  N N 295 
MLN HC15 H  N N 296 
MLN H161 H  N N 297 
MLN H162 H  N N 298 
MLN H163 H  N N 299 
MLN H171 H  N N 300 
MLN H172 H  N N 301 
MLN H173 H  N N 302 
MLN HN19 H  N N 303 
MLN HC22 H  N N 304 
MLN HC23 H  N N 305 
MLN HC25 H  N N 306 
MLN HC26 H  N N 307 
PHE N    N  N N 308 
PHE CA   C  N S 309 
PHE C    C  N N 310 
PHE O    O  N N 311 
PHE CB   C  N N 312 
PHE CG   C  Y N 313 
PHE CD1  C  Y N 314 
PHE CD2  C  Y N 315 
PHE CE1  C  Y N 316 
PHE CE2  C  Y N 317 
PHE CZ   C  Y N 318 
PHE OXT  O  N N 319 
PHE H    H  N N 320 
PHE H2   H  N N 321 
PHE HA   H  N N 322 
PHE HB2  H  N N 323 
PHE HB3  H  N N 324 
PHE HD1  H  N N 325 
PHE HD2  H  N N 326 
PHE HE1  H  N N 327 
PHE HE2  H  N N 328 
PHE HZ   H  N N 329 
PHE HXT  H  N N 330 
PO4 P    P  N N 331 
PO4 O1   O  N N 332 
PO4 O2   O  N N 333 
PO4 O3   O  N N 334 
PO4 O4   O  N N 335 
PRO N    N  N N 336 
PRO CA   C  N S 337 
PRO C    C  N N 338 
PRO O    O  N N 339 
PRO CB   C  N N 340 
PRO CG   C  N N 341 
PRO CD   C  N N 342 
PRO OXT  O  N N 343 
PRO H    H  N N 344 
PRO HA   H  N N 345 
PRO HB2  H  N N 346 
PRO HB3  H  N N 347 
PRO HG2  H  N N 348 
PRO HG3  H  N N 349 
PRO HD2  H  N N 350 
PRO HD3  H  N N 351 
PRO HXT  H  N N 352 
SER N    N  N N 353 
SER CA   C  N S 354 
SER C    C  N N 355 
SER O    O  N N 356 
SER CB   C  N N 357 
SER OG   O  N N 358 
SER OXT  O  N N 359 
SER H    H  N N 360 
SER H2   H  N N 361 
SER HA   H  N N 362 
SER HB2  H  N N 363 
SER HB3  H  N N 364 
SER HG   H  N N 365 
SER HXT  H  N N 366 
THR N    N  N N 367 
THR CA   C  N S 368 
THR C    C  N N 369 
THR O    O  N N 370 
THR CB   C  N R 371 
THR OG1  O  N N 372 
THR CG2  C  N N 373 
THR OXT  O  N N 374 
THR H    H  N N 375 
THR H2   H  N N 376 
THR HA   H  N N 377 
THR HB   H  N N 378 
THR HG1  H  N N 379 
THR HG21 H  N N 380 
THR HG22 H  N N 381 
THR HG23 H  N N 382 
THR HXT  H  N N 383 
TYR N    N  N N 384 
TYR CA   C  N S 385 
TYR C    C  N N 386 
TYR O    O  N N 387 
TYR CB   C  N N 388 
TYR CG   C  Y N 389 
TYR CD1  C  Y N 390 
TYR CD2  C  Y N 391 
TYR CE1  C  Y N 392 
TYR CE2  C  Y N 393 
TYR CZ   C  Y N 394 
TYR OH   O  N N 395 
TYR OXT  O  N N 396 
TYR H    H  N N 397 
TYR H2   H  N N 398 
TYR HA   H  N N 399 
TYR HB2  H  N N 400 
TYR HB3  H  N N 401 
TYR HD1  H  N N 402 
TYR HD2  H  N N 403 
TYR HE1  H  N N 404 
TYR HE2  H  N N 405 
TYR HH   H  N N 406 
TYR HXT  H  N N 407 
VAL N    N  N N 408 
VAL CA   C  N S 409 
VAL C    C  N N 410 
VAL O    O  N N 411 
VAL CB   C  N N 412 
VAL CG1  C  N N 413 
VAL CG2  C  N N 414 
VAL OXT  O  N N 415 
VAL H    H  N N 416 
VAL H2   H  N N 417 
VAL HA   H  N N 418 
VAL HB   H  N N 419 
VAL HG11 H  N N 420 
VAL HG12 H  N N 421 
VAL HG13 H  N N 422 
VAL HG21 H  N N 423 
VAL HG22 H  N N 424 
VAL HG23 H  N N 425 
VAL HXT  H  N N 426 
ZN  ZN   ZN N N 427 
# 
loop_
_chem_comp_bond.comp_id 
_chem_comp_bond.atom_id_1 
_chem_comp_bond.atom_id_2 
_chem_comp_bond.value_order 
_chem_comp_bond.pdbx_aromatic_flag 
_chem_comp_bond.pdbx_stereo_config 
_chem_comp_bond.pdbx_ordinal 
ALA N   CA   sing N N 1   
ALA N   H    sing N N 2   
ALA N   H2   sing N N 3   
ALA CA  C    sing N N 4   
ALA CA  CB   sing N N 5   
ALA CA  HA   sing N N 6   
ALA C   O    doub N N 7   
ALA C   OXT  sing N N 8   
ALA CB  HB1  sing N N 9   
ALA CB  HB2  sing N N 10  
ALA CB  HB3  sing N N 11  
ALA OXT HXT  sing N N 12  
ARG N   CA   sing N N 13  
ARG N   H    sing N N 14  
ARG N   H2   sing N N 15  
ARG CA  C    sing N N 16  
ARG CA  CB   sing N N 17  
ARG CA  HA   sing N N 18  
ARG C   O    doub N N 19  
ARG C   OXT  sing N N 20  
ARG CB  CG   sing N N 21  
ARG CB  HB2  sing N N 22  
ARG CB  HB3  sing N N 23  
ARG CG  CD   sing N N 24  
ARG CG  HG2  sing N N 25  
ARG CG  HG3  sing N N 26  
ARG CD  NE   sing N N 27  
ARG CD  HD2  sing N N 28  
ARG CD  HD3  sing N N 29  
ARG NE  CZ   sing N N 30  
ARG NE  HE   sing N N 31  
ARG CZ  NH1  sing N N 32  
ARG CZ  NH2  doub N N 33  
ARG NH1 HH11 sing N N 34  
ARG NH1 HH12 sing N N 35  
ARG NH2 HH21 sing N N 36  
ARG NH2 HH22 sing N N 37  
ARG OXT HXT  sing N N 38  
ASN N   CA   sing N N 39  
ASN N   H    sing N N 40  
ASN N   H2   sing N N 41  
ASN CA  C    sing N N 42  
ASN CA  CB   sing N N 43  
ASN CA  HA   sing N N 44  
ASN C   O    doub N N 45  
ASN C   OXT  sing N N 46  
ASN CB  CG   sing N N 47  
ASN CB  HB2  sing N N 48  
ASN CB  HB3  sing N N 49  
ASN CG  OD1  doub N N 50  
ASN CG  ND2  sing N N 51  
ASN ND2 HD21 sing N N 52  
ASN ND2 HD22 sing N N 53  
ASN OXT HXT  sing N N 54  
ASP N   CA   sing N N 55  
ASP N   H    sing N N 56  
ASP N   H2   sing N N 57  
ASP CA  C    sing N N 58  
ASP CA  CB   sing N N 59  
ASP CA  HA   sing N N 60  
ASP C   O    doub N N 61  
ASP C   OXT  sing N N 62  
ASP CB  CG   sing N N 63  
ASP CB  HB2  sing N N 64  
ASP CB  HB3  sing N N 65  
ASP CG  OD1  doub N N 66  
ASP CG  OD2  sing N N 67  
ASP OD2 HD2  sing N N 68  
ASP OXT HXT  sing N N 69  
CYS N   CA   sing N N 70  
CYS N   H    sing N N 71  
CYS N   H2   sing N N 72  
CYS CA  C    sing N N 73  
CYS CA  CB   sing N N 74  
CYS CA  HA   sing N N 75  
CYS C   O    doub N N 76  
CYS C   OXT  sing N N 77  
CYS CB  SG   sing N N 78  
CYS CB  HB2  sing N N 79  
CYS CB  HB3  sing N N 80  
CYS SG  HG   sing N N 81  
CYS OXT HXT  sing N N 82  
GLN N   CA   sing N N 83  
GLN N   H    sing N N 84  
GLN N   H2   sing N N 85  
GLN CA  C    sing N N 86  
GLN CA  CB   sing N N 87  
GLN CA  HA   sing N N 88  
GLN C   O    doub N N 89  
GLN C   OXT  sing N N 90  
GLN CB  CG   sing N N 91  
GLN CB  HB2  sing N N 92  
GLN CB  HB3  sing N N 93  
GLN CG  CD   sing N N 94  
GLN CG  HG2  sing N N 95  
GLN CG  HG3  sing N N 96  
GLN CD  OE1  doub N N 97  
GLN CD  NE2  sing N N 98  
GLN NE2 HE21 sing N N 99  
GLN NE2 HE22 sing N N 100 
GLN OXT HXT  sing N N 101 
GLU N   CA   sing N N 102 
GLU N   H    sing N N 103 
GLU N   H2   sing N N 104 
GLU CA  C    sing N N 105 
GLU CA  CB   sing N N 106 
GLU CA  HA   sing N N 107 
GLU C   O    doub N N 108 
GLU C   OXT  sing N N 109 
GLU CB  CG   sing N N 110 
GLU CB  HB2  sing N N 111 
GLU CB  HB3  sing N N 112 
GLU CG  CD   sing N N 113 
GLU CG  HG2  sing N N 114 
GLU CG  HG3  sing N N 115 
GLU CD  OE1  doub N N 116 
GLU CD  OE2  sing N N 117 
GLU OE2 HE2  sing N N 118 
GLU OXT HXT  sing N N 119 
GLY N   CA   sing N N 120 
GLY N   H    sing N N 121 
GLY N   H2   sing N N 122 
GLY CA  C    sing N N 123 
GLY CA  HA2  sing N N 124 
GLY CA  HA3  sing N N 125 
GLY C   O    doub N N 126 
GLY C   OXT  sing N N 127 
GLY OXT HXT  sing N N 128 
HIS N   CA   sing N N 129 
HIS N   H    sing N N 130 
HIS N   H2   sing N N 131 
HIS CA  C    sing N N 132 
HIS CA  CB   sing N N 133 
HIS CA  HA   sing N N 134 
HIS C   O    doub N N 135 
HIS C   OXT  sing N N 136 
HIS CB  CG   sing N N 137 
HIS CB  HB2  sing N N 138 
HIS CB  HB3  sing N N 139 
HIS CG  ND1  sing Y N 140 
HIS CG  CD2  doub Y N 141 
HIS ND1 CE1  doub Y N 142 
HIS ND1 HD1  sing N N 143 
HIS CD2 NE2  sing Y N 144 
HIS CD2 HD2  sing N N 145 
HIS CE1 NE2  sing Y N 146 
HIS CE1 HE1  sing N N 147 
HIS NE2 HE2  sing N N 148 
HIS OXT HXT  sing N N 149 
HOH O   H1   sing N N 150 
HOH O   H2   sing N N 151 
ILE N   CA   sing N N 152 
ILE N   H    sing N N 153 
ILE N   H2   sing N N 154 
ILE CA  C    sing N N 155 
ILE CA  CB   sing N N 156 
ILE CA  HA   sing N N 157 
ILE C   O    doub N N 158 
ILE C   OXT  sing N N 159 
ILE CB  CG1  sing N N 160 
ILE CB  CG2  sing N N 161 
ILE CB  HB   sing N N 162 
ILE CG1 CD1  sing N N 163 
ILE CG1 HG12 sing N N 164 
ILE CG1 HG13 sing N N 165 
ILE CG2 HG21 sing N N 166 
ILE CG2 HG22 sing N N 167 
ILE CG2 HG23 sing N N 168 
ILE CD1 HD11 sing N N 169 
ILE CD1 HD12 sing N N 170 
ILE CD1 HD13 sing N N 171 
ILE OXT HXT  sing N N 172 
LEU N   CA   sing N N 173 
LEU N   H    sing N N 174 
LEU N   H2   sing N N 175 
LEU CA  C    sing N N 176 
LEU CA  CB   sing N N 177 
LEU CA  HA   sing N N 178 
LEU C   O    doub N N 179 
LEU C   OXT  sing N N 180 
LEU CB  CG   sing N N 181 
LEU CB  HB2  sing N N 182 
LEU CB  HB3  sing N N 183 
LEU CG  CD1  sing N N 184 
LEU CG  CD2  sing N N 185 
LEU CG  HG   sing N N 186 
LEU CD1 HD11 sing N N 187 
LEU CD1 HD12 sing N N 188 
LEU CD1 HD13 sing N N 189 
LEU CD2 HD21 sing N N 190 
LEU CD2 HD22 sing N N 191 
LEU CD2 HD23 sing N N 192 
LEU OXT HXT  sing N N 193 
LYS N   CA   sing N N 194 
LYS N   H    sing N N 195 
LYS N   H2   sing N N 196 
LYS CA  C    sing N N 197 
LYS CA  CB   sing N N 198 
LYS CA  HA   sing N N 199 
LYS C   O    doub N N 200 
LYS C   OXT  sing N N 201 
LYS CB  CG   sing N N 202 
LYS CB  HB2  sing N N 203 
LYS CB  HB3  sing N N 204 
LYS CG  CD   sing N N 205 
LYS CG  HG2  sing N N 206 
LYS CG  HG3  sing N N 207 
LYS CD  CE   sing N N 208 
LYS CD  HD2  sing N N 209 
LYS CD  HD3  sing N N 210 
LYS CE  NZ   sing N N 211 
LYS CE  HE2  sing N N 212 
LYS CE  HE3  sing N N 213 
LYS NZ  HZ1  sing N N 214 
LYS NZ  HZ2  sing N N 215 
LYS NZ  HZ3  sing N N 216 
LYS OXT HXT  sing N N 217 
MET N   CA   sing N N 218 
MET N   H    sing N N 219 
MET N   H2   sing N N 220 
MET CA  C    sing N N 221 
MET CA  CB   sing N N 222 
MET CA  HA   sing N N 223 
MET C   O    doub N N 224 
MET C   OXT  sing N N 225 
MET CB  CG   sing N N 226 
MET CB  HB2  sing N N 227 
MET CB  HB3  sing N N 228 
MET CG  SD   sing N N 229 
MET CG  HG2  sing N N 230 
MET CG  HG3  sing N N 231 
MET SD  CE   sing N N 232 
MET CE  HE1  sing N N 233 
MET CE  HE2  sing N N 234 
MET CE  HE3  sing N N 235 
MET OXT HXT  sing N N 236 
MLN O3  P1   sing N N 237 
MLN O3  HOP3 sing N N 238 
MLN P1  O1   doub N N 239 
MLN P1  O2   sing N N 240 
MLN P1  O4   sing N N 241 
MLN O2  C5   sing N N 242 
MLN O4  HOP4 sing N N 243 
MLN C5  C6   sing N N 244 
MLN C5  C7   sing N N 245 
MLN C5  HC51 sing N N 246 
MLN C6  O11  doub N N 247 
MLN C6  N12  sing N N 248 
MLN C7  C8   sing N N 249 
MLN C7  HC71 sing N N 250 
MLN C7  HC72 sing N N 251 
MLN C8  C9   sing N N 252 
MLN C8  HC81 sing N N 253 
MLN C8  HC82 sing N N 254 
MLN C9  C10  sing N N 255 
MLN C9  HC91 sing N N 256 
MLN C9  HC92 sing N N 257 
MLN C10 H101 sing N N 258 
MLN C10 H102 sing N N 259 
MLN C10 H103 sing N N 260 
MLN N12 C13  sing N N 261 
MLN N12 HN12 sing N N 262 
MLN C13 C14  sing N N 263 
MLN C13 C18  sing N N 264 
MLN C13 HC13 sing N N 265 
MLN C14 C15  sing N N 266 
MLN C14 H141 sing N N 267 
MLN C14 H142 sing N N 268 
MLN C15 C16  sing N N 269 
MLN C15 C17  sing N N 270 
MLN C15 HC15 sing N N 271 
MLN C16 H161 sing N N 272 
MLN C16 H162 sing N N 273 
MLN C16 H163 sing N N 274 
MLN C17 H171 sing N N 275 
MLN C17 H172 sing N N 276 
MLN C17 H173 sing N N 277 
MLN C18 N19  sing N N 278 
MLN C18 O20  doub N N 279 
MLN N19 C21  sing N N 280 
MLN N19 HN19 sing N N 281 
MLN C21 C22  doub Y N 282 
MLN C21 C26  sing Y N 283 
MLN C22 C23  sing Y N 284 
MLN C22 HC22 sing N N 285 
MLN C23 C24  doub Y N 286 
MLN C23 HC23 sing N N 287 
MLN C24 C25  sing Y N 288 
MLN C24 N27  sing N N 289 
MLN C25 C26  doub Y N 290 
MLN C25 HC25 sing N N 291 
MLN C26 HC26 sing N N 292 
MLN N27 O28  sing N N 293 
MLN N27 O29  doub N N 294 
PHE N   CA   sing N N 295 
PHE N   H    sing N N 296 
PHE N   H2   sing N N 297 
PHE CA  C    sing N N 298 
PHE CA  CB   sing N N 299 
PHE CA  HA   sing N N 300 
PHE C   O    doub N N 301 
PHE C   OXT  sing N N 302 
PHE CB  CG   sing N N 303 
PHE CB  HB2  sing N N 304 
PHE CB  HB3  sing N N 305 
PHE CG  CD1  doub Y N 306 
PHE CG  CD2  sing Y N 307 
PHE CD1 CE1  sing Y N 308 
PHE CD1 HD1  sing N N 309 
PHE CD2 CE2  doub Y N 310 
PHE CD2 HD2  sing N N 311 
PHE CE1 CZ   doub Y N 312 
PHE CE1 HE1  sing N N 313 
PHE CE2 CZ   sing Y N 314 
PHE CE2 HE2  sing N N 315 
PHE CZ  HZ   sing N N 316 
PHE OXT HXT  sing N N 317 
PO4 P   O1   doub N N 318 
PO4 P   O2   sing N N 319 
PO4 P   O3   sing N N 320 
PO4 P   O4   sing N N 321 
PRO N   CA   sing N N 322 
PRO N   CD   sing N N 323 
PRO N   H    sing N N 324 
PRO CA  C    sing N N 325 
PRO CA  CB   sing N N 326 
PRO CA  HA   sing N N 327 
PRO C   O    doub N N 328 
PRO C   OXT  sing N N 329 
PRO CB  CG   sing N N 330 
PRO CB  HB2  sing N N 331 
PRO CB  HB3  sing N N 332 
PRO CG  CD   sing N N 333 
PRO CG  HG2  sing N N 334 
PRO CG  HG3  sing N N 335 
PRO CD  HD2  sing N N 336 
PRO CD  HD3  sing N N 337 
PRO OXT HXT  sing N N 338 
SER N   CA   sing N N 339 
SER N   H    sing N N 340 
SER N   H2   sing N N 341 
SER CA  C    sing N N 342 
SER CA  CB   sing N N 343 
SER CA  HA   sing N N 344 
SER C   O    doub N N 345 
SER C   OXT  sing N N 346 
SER CB  OG   sing N N 347 
SER CB  HB2  sing N N 348 
SER CB  HB3  sing N N 349 
SER OG  HG   sing N N 350 
SER OXT HXT  sing N N 351 
THR N   CA   sing N N 352 
THR N   H    sing N N 353 
THR N   H2   sing N N 354 
THR CA  C    sing N N 355 
THR CA  CB   sing N N 356 
THR CA  HA   sing N N 357 
THR C   O    doub N N 358 
THR C   OXT  sing N N 359 
THR CB  OG1  sing N N 360 
THR CB  CG2  sing N N 361 
THR CB  HB   sing N N 362 
THR OG1 HG1  sing N N 363 
THR CG2 HG21 sing N N 364 
THR CG2 HG22 sing N N 365 
THR CG2 HG23 sing N N 366 
THR OXT HXT  sing N N 367 
TYR N   CA   sing N N 368 
TYR N   H    sing N N 369 
TYR N   H2   sing N N 370 
TYR CA  C    sing N N 371 
TYR CA  CB   sing N N 372 
TYR CA  HA   sing N N 373 
TYR C   O    doub N N 374 
TYR C   OXT  sing N N 375 
TYR CB  CG   sing N N 376 
TYR CB  HB2  sing N N 377 
TYR CB  HB3  sing N N 378 
TYR CG  CD1  doub Y N 379 
TYR CG  CD2  sing Y N 380 
TYR CD1 CE1  sing Y N 381 
TYR CD1 HD1  sing N N 382 
TYR CD2 CE2  doub Y N 383 
TYR CD2 HD2  sing N N 384 
TYR CE1 CZ   doub Y N 385 
TYR CE1 HE1  sing N N 386 
TYR CE2 CZ   sing Y N 387 
TYR CE2 HE2  sing N N 388 
TYR CZ  OH   sing N N 389 
TYR OH  HH   sing N N 390 
TYR OXT HXT  sing N N 391 
VAL N   CA   sing N N 392 
VAL N   H    sing N N 393 
VAL N   H2   sing N N 394 
VAL CA  C    sing N N 395 
VAL CA  CB   sing N N 396 
VAL CA  HA   sing N N 397 
VAL C   O    doub N N 398 
VAL C   OXT  sing N N 399 
VAL CB  CG1  sing N N 400 
VAL CB  CG2  sing N N 401 
VAL CB  HB   sing N N 402 
VAL CG1 HG11 sing N N 403 
VAL CG1 HG12 sing N N 404 
VAL CG1 HG13 sing N N 405 
VAL CG2 HG21 sing N N 406 
VAL CG2 HG22 sing N N 407 
VAL CG2 HG23 sing N N 408 
VAL OXT HXT  sing N N 409 
# 
loop_
_pdbx_entity_nonpoly.entity_id 
_pdbx_entity_nonpoly.name 
_pdbx_entity_nonpoly.comp_id 
2 'ZINC ION'                                           ZN  
3 'PHOSPHATE ION'                                      PO4 
4 '(S)-2-(PHOSPHONOXY)CAPROYL-L-LEUCYL-P-NITROANILIDE' MLN 
5 water                                                HOH 
# 
_pdbx_initial_refinement_model.id               1 
_pdbx_initial_refinement_model.entity_id_list   ? 
_pdbx_initial_refinement_model.type             'experimental model' 
_pdbx_initial_refinement_model.source_name      PDB 
_pdbx_initial_refinement_model.accession_code   1DFF 
_pdbx_initial_refinement_model.details          'PDB ENTRY 1DFF' 
# 
